data_7C5M
#
_entry.id   7C5M
#
_cell.length_a   89.925
_cell.length_b   89.925
_cell.length_c   342.379
_cell.angle_alpha   90.00
_cell.angle_beta   90.00
_cell.angle_gamma   90.00
#
_symmetry.space_group_name_H-M   'P 41 21 2'
#
loop_
_entity.id
_entity.type
_entity.pdbx_description
1 polymer 'Glyceraldehyde-3-phosphate dehydrogenase'
2 non-polymer NICOTINAMIDE-ADENINE-DINUCLEOTIDE
3 non-polymer '3-PHOSPHOGLYCERIC ACID'
4 non-polymer 'PHOSPHATE ION'
5 non-polymer GLYCERALDEHYDE-3-PHOSPHATE
6 non-polymer 1,2-ETHANEDIOL
7 water water
#
_entity_poly.entity_id   1
_entity_poly.type   'polypeptide(L)'
_entity_poly.pdbx_seq_one_letter_code
;HHHHHHSSGLVPRGSHMASMSKVGINGFGRIGRLVLRRLLEVKSNIDVVAINDLTSPKILAYLLKHDSNYGPFPWSVDFT
EDSLIVDGKSIAVYAEKEAKNIPWKAKGAEIIVECTGFYTSAEKSQAHLDAGAKKVLISAPAGEMKTIVYNVNDDTLDGN
DTIVSVASATTNCLAPMAKALHDSFGIEVGTMTTIAAYTGTQSLVDGPRGKDLRASRAAAENIIPHTTGAAKAIGLVIPE
LSGKLKGHAQRVPVKTGSVTELVSILGKKVTAEEVNNALKQATTNNESFGYTDEEIVSSDIIGSHFGSVFDATQTEITAV
GDLQLVKTVAWYDNEYGFVTQLIRTLEKFAKL
;
_entity_poly.pdbx_strand_id   O,P,Q,R
#
loop_
_chem_comp.id
_chem_comp.type
_chem_comp.name
_chem_comp.formula
3PG non-polymer '3-PHOSPHOGLYCERIC ACID' 'C3 H7 O7 P'
EDO non-polymer 1,2-ETHANEDIOL 'C2 H6 O2'
G3H non-polymer GLYCERALDEHYDE-3-PHOSPHATE 'C3 H7 O6 P'
NAD non-polymer NICOTINAMIDE-ADENINE-DINUCLEOTIDE 'C21 H27 N7 O14 P2'
PO4 non-polymer 'PHOSPHATE ION' 'O4 P -3'
#
# COMPACT_ATOMS: atom_id res chain seq x y z
N SER A 19 33.24 1.45 32.94
CA SER A 19 33.02 1.70 31.50
C SER A 19 32.02 2.89 31.34
N MET A 20 32.01 3.57 30.19
CA MET A 20 31.02 4.64 29.94
C MET A 20 29.63 4.08 29.99
N SER A 21 28.72 4.81 30.57
CA SER A 21 27.39 4.26 30.77
C SER A 21 26.28 5.26 30.46
N LYS A 22 26.57 6.55 30.21
CA LYS A 22 25.53 7.54 30.00
C LYS A 22 25.54 7.96 28.53
N VAL A 23 24.38 7.83 27.90
CA VAL A 23 24.20 8.11 26.48
C VAL A 23 23.25 9.22 26.26
N GLY A 24 23.56 10.03 25.24
CA GLY A 24 22.62 10.99 24.66
C GLY A 24 22.24 10.55 23.27
N ILE A 25 20.96 10.75 22.91
CA ILE A 25 20.53 10.52 21.54
C ILE A 25 20.24 11.84 20.86
N ASN A 26 20.88 12.07 19.71
CA ASN A 26 20.58 13.21 18.93
C ASN A 26 19.75 12.73 17.72
N GLY A 27 18.50 13.19 17.63
CA GLY A 27 17.58 12.76 16.50
C GLY A 27 16.78 11.57 17.01
N PHE A 28 15.63 11.83 17.63
CA PHE A 28 14.80 10.75 18.23
C PHE A 28 13.77 10.34 17.18
N GLY A 29 14.29 9.83 16.09
CA GLY A 29 13.48 9.52 14.93
C GLY A 29 13.25 8.03 14.88
N ARG A 30 13.06 7.51 13.66
CA ARG A 30 12.88 6.06 13.54
C ARG A 30 14.00 5.28 14.26
N ILE A 31 15.24 5.66 13.93
CA ILE A 31 16.38 4.98 14.49
C ILE A 31 16.53 5.38 15.94
N GLY A 32 16.48 6.67 16.23
CA GLY A 32 16.69 7.11 17.64
C GLY A 32 15.76 6.43 18.67
N ARG A 33 14.48 6.37 18.35
CA ARG A 33 13.46 5.74 19.22
C ARG A 33 13.72 4.28 19.34
N LEU A 34 14.13 3.59 18.29
CA LEU A 34 14.35 2.15 18.37
C LEU A 34 15.64 1.82 19.15
N VAL A 35 16.60 2.74 19.10
CA VAL A 35 17.81 2.70 19.98
C VAL A 35 17.40 2.57 21.45
N LEU A 36 16.45 3.42 21.88
CA LEU A 36 15.98 3.34 23.26
C LEU A 36 15.25 2.05 23.53
N ARG A 37 14.38 1.64 22.60
CA ARG A 37 13.63 0.38 22.72
C ARG A 37 14.57 -0.79 22.85
N ARG A 38 15.61 -0.86 22.00
CA ARG A 38 16.45 -2.00 22.06
C ARG A 38 17.28 -2.06 23.36
N LEU A 39 17.76 -0.90 23.81
CA LEU A 39 18.54 -0.79 25.04
C LEU A 39 17.74 -1.29 26.20
N LEU A 40 16.45 -0.91 26.27
CA LEU A 40 15.64 -1.39 27.38
C LEU A 40 15.35 -2.88 27.20
N GLU A 41 15.13 -3.28 25.95
CA GLU A 41 14.87 -4.72 25.68
C GLU A 41 15.98 -5.65 26.12
N VAL A 42 17.24 -5.27 25.91
CA VAL A 42 18.33 -6.10 26.33
C VAL A 42 18.83 -5.80 27.75
N LYS A 43 18.13 -4.97 28.47
CA LYS A 43 18.48 -4.61 29.83
C LYS A 43 19.89 -4.13 29.89
N SER A 44 20.25 -3.26 28.97
CA SER A 44 21.62 -2.74 28.92
C SER A 44 21.92 -1.98 30.21
N ASN A 45 23.19 -1.98 30.59
CA ASN A 45 23.67 -1.09 31.66
C ASN A 45 23.88 0.35 31.23
N ILE A 46 23.79 0.59 29.94
CA ILE A 46 23.83 1.92 29.42
C ILE A 46 22.50 2.61 29.71
N ASP A 47 22.57 3.85 30.18
CA ASP A 47 21.37 4.66 30.48
C ASP A 47 21.32 5.81 29.55
N VAL A 48 20.20 5.95 28.83
CA VAL A 48 19.96 7.15 28.03
C VAL A 48 19.55 8.27 28.99
N VAL A 49 20.34 9.34 29.13
CA VAL A 49 20.06 10.38 30.08
C VAL A 49 19.50 11.66 29.46
N ALA A 50 19.59 11.73 28.14
CA ALA A 50 19.18 12.90 27.37
C ALA A 50 18.91 12.61 25.94
N ILE A 51 17.97 13.37 25.41
CA ILE A 51 17.55 13.32 23.99
C ILE A 51 17.53 14.75 23.49
N ASN A 52 18.04 14.93 22.29
CA ASN A 52 17.94 16.17 21.58
C ASN A 52 17.15 15.97 20.29
N ASP A 53 16.16 16.81 20.06
CA ASP A 53 15.43 16.72 18.79
C ASP A 53 15.00 18.14 18.45
N LEU A 54 13.89 18.34 17.75
CA LEU A 54 13.44 19.68 17.35
C LEU A 54 12.00 19.88 17.81
N THR A 55 11.52 19.10 18.74
CA THR A 55 10.11 19.09 19.08
C THR A 55 9.91 19.01 20.56
N SER A 56 8.63 18.94 20.95
CA SER A 56 8.24 18.96 22.33
C SER A 56 8.32 17.59 22.93
N PRO A 57 8.54 17.50 24.24
CA PRO A 57 8.42 16.19 24.91
C PRO A 57 7.09 15.48 24.62
N LYS A 58 5.98 16.26 24.60
CA LYS A 58 4.68 15.72 24.30
C LYS A 58 4.65 14.88 22.99
N ILE A 59 5.15 15.45 21.91
CA ILE A 59 5.14 14.82 20.62
C ILE A 59 6.14 13.65 20.63
N LEU A 60 7.26 13.80 21.34
CA LEU A 60 8.24 12.67 21.36
C LEU A 60 7.67 11.55 22.15
N ALA A 61 6.89 11.87 23.21
CA ALA A 61 6.28 10.85 24.03
C ALA A 61 5.19 10.05 23.21
N TYR A 62 4.40 10.79 22.46
CA TYR A 62 3.35 10.23 21.56
C TYR A 62 3.99 9.25 20.52
N LEU A 63 5.06 9.70 19.84
CA LEU A 63 5.79 8.86 18.86
C LEU A 63 6.47 7.66 19.49
N LEU A 64 7.01 7.81 20.69
CA LEU A 64 7.60 6.70 21.41
C LEU A 64 6.57 5.64 21.85
N LYS A 65 5.40 6.10 22.31
CA LYS A 65 4.36 5.17 22.78
C LYS A 65 3.76 4.37 21.63
N HIS A 66 3.56 5.03 20.53
CA HIS A 66 2.79 4.47 19.39
C HIS A 66 3.62 4.40 18.14
N ASP A 67 3.87 3.17 17.69
CA ASP A 67 4.81 2.99 16.56
C ASP A 67 4.09 2.17 15.47
N SER A 68 4.07 2.71 14.28
CA SER A 68 3.38 2.06 13.15
C SER A 68 4.01 0.72 12.72
N ASN A 69 5.31 0.52 13.00
CA ASN A 69 5.98 -0.67 12.59
C ASN A 69 6.11 -1.72 13.67
N TYR A 70 6.32 -1.35 14.93
CA TYR A 70 6.62 -2.26 16.01
C TYR A 70 5.55 -2.29 17.07
N GLY A 71 4.50 -1.50 16.92
CA GLY A 71 3.46 -1.49 17.94
C GLY A 71 3.78 -0.69 19.23
N PRO A 72 2.94 -0.85 20.24
CA PRO A 72 3.03 -0.10 21.51
C PRO A 72 4.40 -0.29 22.14
N PHE A 73 4.89 0.76 22.72
CA PHE A 73 6.13 0.69 23.46
C PHE A 73 5.93 -0.26 24.62
N PRO A 74 6.90 -1.13 24.88
CA PRO A 74 6.72 -2.13 25.92
C PRO A 74 6.91 -1.61 27.36
N TRP A 75 7.22 -0.33 27.53
CA TRP A 75 7.36 0.28 28.87
C TRP A 75 6.54 1.50 28.99
N SER A 76 6.29 1.97 30.22
CA SER A 76 5.52 3.19 30.47
C SER A 76 6.21 4.43 29.85
N VAL A 77 5.40 5.33 29.33
CA VAL A 77 5.87 6.61 28.78
C VAL A 77 5.00 7.76 29.30
N ASP A 78 5.64 8.73 29.93
CA ASP A 78 5.04 10.00 30.28
C ASP A 78 6.05 11.10 29.97
N PHE A 79 5.65 12.34 30.17
CA PHE A 79 6.50 13.48 29.84
C PHE A 79 6.24 14.65 30.78
N THR A 80 7.21 15.55 30.86
CA THR A 80 7.02 16.84 31.51
C THR A 80 7.31 17.88 30.47
N GLU A 81 7.26 19.15 30.85
CA GLU A 81 7.64 20.22 29.90
C GLU A 81 9.07 20.11 29.31
N ASP A 82 9.96 19.38 29.96
CA ASP A 82 11.35 19.33 29.50
C ASP A 82 11.95 17.95 29.60
N SER A 83 11.12 16.90 29.65
CA SER A 83 11.64 15.56 29.89
C SER A 83 10.67 14.49 29.38
N LEU A 84 11.22 13.30 29.13
CA LEU A 84 10.38 12.08 29.05
C LEU A 84 10.59 11.31 30.33
N ILE A 85 9.57 10.54 30.72
CA ILE A 85 9.71 9.63 31.78
C ILE A 85 9.41 8.23 31.22
N VAL A 86 10.44 7.42 31.14
CA VAL A 86 10.36 6.13 30.45
C VAL A 86 10.65 5.04 31.43
N ASP A 87 9.71 4.12 31.60
CA ASP A 87 9.84 3.08 32.61
C ASP A 87 10.21 3.69 33.96
N GLY A 88 9.61 4.82 34.27
CA GLY A 88 9.85 5.51 35.51
C GLY A 88 11.10 6.36 35.58
N LYS A 89 11.94 6.37 34.54
CA LYS A 89 13.22 7.03 34.63
C LYS A 89 13.12 8.28 33.80
N SER A 90 13.64 9.38 34.35
CA SER A 90 13.59 10.65 33.66
C SER A 90 14.72 10.82 32.57
N ILE A 91 14.34 11.30 31.40
CA ILE A 91 15.29 11.55 30.30
C ILE A 91 15.13 12.98 29.90
N ALA A 92 16.18 13.80 30.03
CA ALA A 92 16.11 15.17 29.63
C ALA A 92 15.80 15.30 28.14
N VAL A 93 15.02 16.28 27.74
CA VAL A 93 14.76 16.59 26.33
C VAL A 93 15.21 18.00 26.04
N TYR A 94 16.07 18.13 25.05
CA TYR A 94 16.53 19.40 24.55
C TYR A 94 16.09 19.53 23.11
N ALA A 95 16.13 20.79 22.64
CA ALA A 95 15.68 21.08 21.27
C ALA A 95 16.63 22.07 20.62
N GLU A 96 17.90 21.67 20.48
CA GLU A 96 18.91 22.51 19.86
C GLU A 96 19.18 22.02 18.44
N LYS A 97 18.90 22.86 17.47
CA LYS A 97 19.16 22.46 16.11
C LYS A 97 20.62 22.39 15.70
N GLU A 98 21.50 23.05 16.48
CA GLU A 98 22.92 22.93 16.27
C GLU A 98 23.55 22.15 17.41
N ALA A 99 24.22 21.05 17.06
CA ALA A 99 24.73 20.07 17.99
C ALA A 99 25.65 20.74 19.00
N LYS A 100 26.41 21.72 18.52
CA LYS A 100 27.39 22.41 19.41
C LYS A 100 26.71 23.04 20.61
N ASN A 101 25.43 23.35 20.46
CA ASN A 101 24.59 23.95 21.51
C ASN A 101 23.89 22.98 22.43
N ILE A 102 24.01 21.69 22.19
CA ILE A 102 23.30 20.75 23.04
C ILE A 102 23.96 20.67 24.41
N PRO A 103 23.17 20.81 25.51
CA PRO A 103 23.83 20.84 26.84
C PRO A 103 24.04 19.46 27.43
N TRP A 104 24.85 18.63 26.76
CA TRP A 104 25.13 17.28 27.14
C TRP A 104 25.71 17.14 28.55
N LYS A 105 26.43 18.16 29.02
CA LYS A 105 27.05 18.05 30.38
C LYS A 105 26.04 18.16 31.49
N ALA A 106 24.82 18.63 31.22
CA ALA A 106 23.88 18.79 32.34
C ALA A 106 23.59 17.47 33.02
N LYS A 107 23.34 16.41 32.23
CA LYS A 107 23.10 15.07 32.77
C LYS A 107 24.24 14.13 32.52
N GLY A 108 25.32 14.67 32.02
CA GLY A 108 26.55 13.89 31.85
C GLY A 108 26.54 12.88 30.77
N ALA A 109 25.87 13.21 29.66
CA ALA A 109 25.88 12.30 28.54
C ALA A 109 27.30 12.13 28.00
N GLU A 110 27.77 10.91 27.93
CA GLU A 110 29.19 10.63 27.52
C GLU A 110 29.32 10.25 26.04
N ILE A 111 28.48 9.30 25.59
CA ILE A 111 28.49 8.84 24.21
C ILE A 111 27.17 9.31 23.57
N ILE A 112 27.29 10.01 22.46
CA ILE A 112 26.13 10.47 21.69
C ILE A 112 25.92 9.47 20.56
N VAL A 113 24.67 9.04 20.50
CA VAL A 113 24.21 8.25 19.32
C VAL A 113 23.55 9.24 18.40
N GLU A 114 24.23 9.46 17.28
CA GLU A 114 23.95 10.56 16.33
C GLU A 114 23.10 10.03 15.17
N CYS A 115 21.80 10.28 15.30
CA CYS A 115 20.77 9.71 14.43
C CYS A 115 19.93 10.75 13.73
N THR A 116 20.45 11.95 13.46
CA THR A 116 19.67 12.98 12.72
C THR A 116 19.79 12.93 11.25
N GLY A 117 20.87 12.37 10.75
CA GLY A 117 21.31 12.49 9.44
C GLY A 117 21.99 13.77 9.06
N PHE A 118 22.14 14.71 9.98
CA PHE A 118 22.69 15.99 9.66
C PHE A 118 24.15 16.20 10.08
N TYR A 119 24.80 15.19 10.65
CA TYR A 119 26.19 15.32 11.16
C TYR A 119 27.02 14.12 10.70
N THR A 120 26.85 13.74 9.43
CA THR A 120 27.50 12.53 8.92
C THR A 120 28.92 12.73 8.45
N SER A 121 29.76 13.37 9.29
CA SER A 121 31.22 13.40 9.00
C SER A 121 31.89 13.60 10.37
N ALA A 122 33.20 13.42 10.42
CA ALA A 122 33.94 13.74 11.64
C ALA A 122 33.87 15.18 11.99
N GLU A 123 34.05 16.02 10.97
CA GLU A 123 33.97 17.48 11.14
C GLU A 123 32.67 17.94 11.77
N LYS A 124 31.57 17.41 11.25
CA LYS A 124 30.29 17.74 11.78
C LYS A 124 29.99 17.21 13.13
N SER A 125 30.22 15.94 13.36
CA SER A 125 29.90 15.30 14.59
C SER A 125 30.85 15.68 15.74
N GLN A 126 32.04 16.24 15.47
CA GLN A 126 32.89 16.62 16.59
C GLN A 126 32.26 17.79 17.36
N ALA A 127 31.30 18.47 16.75
CA ALA A 127 30.47 19.38 17.58
C ALA A 127 29.93 18.84 18.87
N HIS A 128 29.54 17.54 18.93
CA HIS A 128 29.07 16.99 20.16
C HIS A 128 30.17 16.99 21.24
N LEU A 129 31.42 16.82 20.82
CA LEU A 129 32.53 16.86 21.76
C LEU A 129 32.71 18.28 22.24
N ASP A 130 32.57 19.24 21.34
CA ASP A 130 32.58 20.68 21.79
C ASP A 130 31.48 20.98 22.79
N ALA A 131 30.30 20.32 22.59
CA ALA A 131 29.19 20.42 23.50
C ALA A 131 29.33 19.54 24.77
N GLY A 132 30.47 18.90 25.03
CA GLY A 132 30.72 18.25 26.26
C GLY A 132 30.69 16.75 26.33
N ALA A 133 30.32 16.12 25.22
CA ALA A 133 30.35 14.68 25.17
C ALA A 133 31.78 14.17 24.98
N LYS A 134 31.94 12.89 25.18
CA LYS A 134 33.24 12.17 25.06
C LYS A 134 33.46 11.43 23.75
N LYS A 135 32.39 10.87 23.18
CA LYS A 135 32.48 10.04 22.01
C LYS A 135 31.17 10.14 21.24
N VAL A 136 31.21 9.80 19.97
CA VAL A 136 30.03 9.91 19.10
C VAL A 136 29.98 8.65 18.26
N LEU A 137 28.78 8.04 18.17
CA LEU A 137 28.58 6.91 17.26
C LEU A 137 27.49 7.31 16.27
N ILE A 138 27.81 7.35 14.99
CA ILE A 138 26.92 7.87 13.98
C ILE A 138 26.17 6.71 13.32
N SER A 139 24.85 6.85 13.28
CA SER A 139 23.97 5.82 12.74
C SER A 139 23.86 5.80 11.23
N ALA A 140 24.90 6.19 10.52
CA ALA A 140 24.87 6.30 9.07
C ALA A 140 26.32 6.29 8.58
N PRO A 141 26.54 6.04 7.29
CA PRO A 141 27.88 6.30 6.67
C PRO A 141 28.30 7.76 6.94
N ALA A 142 29.59 7.95 7.20
CA ALA A 142 30.09 9.28 7.60
C ALA A 142 31.47 9.44 7.05
N GLY A 143 31.57 9.26 5.76
CA GLY A 143 32.83 9.37 5.08
C GLY A 143 33.85 8.30 5.47
N GLU A 144 35.13 8.67 5.43
CA GLU A 144 36.20 7.67 5.58
C GLU A 144 36.65 7.37 7.02
N MET A 145 35.88 7.73 8.01
CA MET A 145 36.20 7.47 9.39
C MET A 145 36.07 5.99 9.71
N LYS A 146 36.56 5.60 10.87
CA LYS A 146 36.37 4.23 11.36
C LYS A 146 34.87 3.85 11.30
N THR A 147 34.57 2.76 10.62
CA THR A 147 33.16 2.37 10.30
C THR A 147 33.06 0.89 10.58
N ILE A 148 32.14 0.52 11.47
CA ILE A 148 32.05 -0.79 12.03
C ILE A 148 30.74 -1.48 11.66
N VAL A 149 30.87 -2.69 11.13
CA VAL A 149 29.78 -3.68 11.09
C VAL A 149 30.10 -4.74 12.10
N TYR A 150 29.31 -4.78 13.15
CA TYR A 150 29.56 -5.64 14.26
C TYR A 150 29.56 -7.11 13.80
N ASN A 151 30.50 -7.85 14.36
CA ASN A 151 30.82 -9.19 13.93
C ASN A 151 31.41 -9.35 12.56
N VAL A 152 31.80 -8.25 11.92
CA VAL A 152 32.59 -8.25 10.69
C VAL A 152 33.97 -7.62 11.03
N ASN A 153 33.98 -6.38 11.54
CA ASN A 153 35.24 -5.68 11.79
C ASN A 153 35.27 -4.91 13.08
N ASP A 154 34.48 -5.31 14.05
CA ASP A 154 34.44 -4.63 15.34
C ASP A 154 35.77 -4.78 16.14
N ASP A 155 36.59 -5.77 15.83
N ASP A 155 36.59 -5.76 15.80
CA ASP A 155 37.88 -5.83 16.48
CA ASP A 155 37.94 -5.87 16.37
C ASP A 155 38.82 -4.67 16.06
C ASP A 155 38.93 -4.81 15.87
N THR A 156 38.51 -3.91 14.99
CA THR A 156 39.33 -2.76 14.63
C THR A 156 39.09 -1.56 15.56
N LEU A 157 38.04 -1.57 16.40
CA LEU A 157 37.80 -0.50 17.35
C LEU A 157 38.87 -0.50 18.44
N ASP A 158 39.23 0.66 18.93
CA ASP A 158 40.15 0.70 20.06
C ASP A 158 39.82 1.88 20.93
N GLY A 159 40.61 2.08 21.98
CA GLY A 159 40.34 3.13 22.97
C GLY A 159 40.55 4.55 22.47
N ASN A 160 41.18 4.71 21.35
CA ASN A 160 41.44 6.02 20.84
C ASN A 160 40.37 6.48 19.85
N ASP A 161 39.44 5.60 19.51
CA ASP A 161 38.38 6.01 18.57
C ASP A 161 37.39 6.87 19.33
N THR A 162 37.12 8.07 18.81
CA THR A 162 36.26 9.02 19.47
C THR A 162 34.99 9.24 18.70
N ILE A 163 35.09 9.23 17.37
CA ILE A 163 33.91 9.33 16.48
C ILE A 163 33.96 8.12 15.52
N VAL A 164 32.86 7.33 15.45
CA VAL A 164 32.80 6.10 14.71
C VAL A 164 31.43 6.09 13.99
N SER A 165 31.40 5.43 12.88
CA SER A 165 30.15 5.18 12.08
C SER A 165 29.80 3.71 12.12
N VAL A 166 28.50 3.39 12.05
CA VAL A 166 28.10 1.99 11.83
C VAL A 166 27.54 1.79 10.44
N ALA A 167 27.86 2.70 9.56
CA ALA A 167 27.41 2.65 8.15
C ALA A 167 25.90 2.56 8.04
N SER A 168 25.38 2.05 6.91
CA SER A 168 23.95 2.05 6.69
C SER A 168 23.34 0.66 7.05
N ALA A 169 22.00 0.58 7.00
CA ALA A 169 21.36 -0.75 7.15
C ALA A 169 21.86 -1.66 6.00
N THR A 170 21.93 -1.13 4.78
CA THR A 170 22.38 -1.91 3.64
C THR A 170 23.82 -2.42 3.86
N THR A 171 24.70 -1.58 4.37
CA THR A 171 26.07 -2.10 4.68
C THR A 171 26.00 -3.24 5.66
N ASN A 172 25.20 -3.12 6.70
CA ASN A 172 25.09 -4.18 7.71
C ASN A 172 24.51 -5.49 7.16
N CYS A 173 23.72 -5.37 6.10
CA CYS A 173 23.17 -6.56 5.44
C CYS A 173 24.26 -7.17 4.53
N LEU A 174 24.87 -6.33 3.73
CA LEU A 174 25.83 -6.78 2.70
C LEU A 174 27.14 -7.32 3.29
N ALA A 175 27.69 -6.58 4.24
CA ALA A 175 29.03 -6.93 4.72
C ALA A 175 29.20 -8.35 5.26
N PRO A 176 28.30 -8.86 6.10
CA PRO A 176 28.55 -10.21 6.62
C PRO A 176 28.51 -11.26 5.49
N MET A 177 27.63 -11.04 4.53
CA MET A 177 27.54 -11.94 3.38
C MET A 177 28.82 -11.85 2.54
N ALA A 178 29.26 -10.62 2.25
CA ALA A 178 30.47 -10.44 1.49
C ALA A 178 31.74 -10.95 2.18
N LYS A 179 31.81 -10.74 3.51
CA LYS A 179 32.94 -11.20 4.32
C LYS A 179 33.00 -12.72 4.21
N ALA A 180 31.88 -13.39 4.39
CA ALA A 180 31.90 -14.85 4.31
C ALA A 180 32.30 -15.35 2.93
N LEU A 181 31.78 -14.77 1.86
CA LEU A 181 32.19 -15.13 0.50
C LEU A 181 33.69 -14.83 0.26
N HIS A 182 34.13 -13.65 0.67
CA HIS A 182 35.55 -13.24 0.57
C HIS A 182 36.44 -14.27 1.25
N ASP A 183 36.09 -14.64 2.47
CA ASP A 183 36.92 -15.54 3.27
C ASP A 183 36.98 -16.94 2.68
N SER A 184 35.81 -17.47 2.30
CA SER A 184 35.72 -18.81 1.74
C SER A 184 36.24 -18.99 0.31
N PHE A 185 35.92 -18.06 -0.58
CA PHE A 185 36.11 -18.23 -1.99
C PHE A 185 36.85 -17.13 -2.67
N GLY A 186 36.86 -15.95 -2.09
CA GLY A 186 37.28 -14.80 -2.81
C GLY A 186 36.17 -14.12 -3.57
N ILE A 187 36.07 -12.78 -3.47
CA ILE A 187 35.26 -12.00 -4.39
C ILE A 187 36.17 -11.18 -5.29
N GLU A 188 36.17 -11.49 -6.58
CA GLU A 188 36.98 -10.78 -7.56
C GLU A 188 36.33 -9.47 -7.96
N VAL A 189 35.01 -9.47 -8.12
CA VAL A 189 34.26 -8.28 -8.48
C VAL A 189 32.76 -8.62 -8.25
N GLY A 190 31.98 -7.62 -7.90
CA GLY A 190 30.51 -7.84 -7.64
C GLY A 190 29.67 -6.61 -7.71
N THR A 191 28.36 -6.79 -7.98
CA THR A 191 27.40 -5.72 -7.96
C THR A 191 26.18 -6.16 -7.17
N MET A 192 25.67 -5.24 -6.35
CA MET A 192 24.55 -5.46 -5.47
C MET A 192 23.34 -4.67 -5.93
N THR A 193 22.19 -5.23 -5.66
CA THR A 193 20.91 -4.49 -5.73
C THR A 193 20.16 -4.84 -4.47
N THR A 194 19.74 -3.82 -3.72
CA THR A 194 18.89 -4.06 -2.56
C THR A 194 17.47 -3.60 -2.91
N ILE A 195 16.50 -4.47 -2.64
CA ILE A 195 15.08 -4.18 -2.82
C ILE A 195 14.64 -3.83 -1.42
N ALA A 196 14.36 -2.53 -1.20
CA ALA A 196 14.40 -1.92 0.13
C ALA A 196 13.15 -1.08 0.45
N ALA A 197 12.76 -1.20 1.69
CA ALA A 197 11.62 -0.46 2.27
C ALA A 197 11.87 1.01 2.13
N TYR A 198 10.81 1.81 1.95
CA TYR A 198 10.99 3.25 1.89
C TYR A 198 11.29 3.85 3.25
N THR A 199 11.99 5.01 3.23
CA THR A 199 12.38 5.65 4.48
C THR A 199 12.02 7.13 4.42
N GLY A 200 12.31 7.80 5.51
CA GLY A 200 12.05 9.19 5.69
C GLY A 200 12.70 10.14 4.70
N THR A 201 13.76 9.72 3.99
CA THR A 201 14.40 10.61 3.03
C THR A 201 13.62 10.72 1.74
N GLN A 202 12.56 9.88 1.62
CA GLN A 202 11.75 9.87 0.44
C GLN A 202 10.53 10.82 0.59
N SER A 203 9.65 10.82 -0.40
CA SER A 203 8.45 11.70 -0.52
C SER A 203 7.14 10.96 -0.38
N LEU A 204 6.21 11.51 0.39
CA LEU A 204 4.86 10.97 0.50
C LEU A 204 4.05 11.18 -0.75
N VAL A 205 4.10 12.39 -1.30
CA VAL A 205 3.48 12.71 -2.54
C VAL A 205 4.56 13.29 -3.46
N ASP A 206 4.28 13.33 -4.73
CA ASP A 206 5.25 13.78 -5.74
C ASP A 206 5.57 15.25 -5.41
N GLY A 207 6.82 15.54 -5.13
CA GLY A 207 7.23 16.91 -4.93
C GLY A 207 8.68 17.06 -4.53
N PRO A 208 9.18 18.30 -4.47
CA PRO A 208 10.65 18.42 -4.34
C PRO A 208 11.21 17.72 -3.15
N ARG A 209 12.35 17.07 -3.34
CA ARG A 209 13.01 16.43 -2.24
C ARG A 209 14.50 16.63 -2.46
N GLY A 210 14.95 17.86 -2.20
CA GLY A 210 16.34 18.23 -2.53
C GLY A 210 16.62 18.11 -4.00
N LYS A 211 17.82 17.62 -4.33
CA LYS A 211 18.28 17.64 -5.71
C LYS A 211 18.01 16.34 -6.50
N ASP A 212 17.70 15.26 -5.80
CA ASP A 212 17.53 13.92 -6.32
C ASP A 212 16.11 13.86 -6.94
N LEU A 213 16.03 13.65 -8.23
CA LEU A 213 14.77 13.67 -8.96
C LEU A 213 13.87 12.48 -8.53
N ARG A 214 14.45 11.30 -8.51
CA ARG A 214 13.69 10.07 -8.06
C ARG A 214 13.16 10.20 -6.65
N ALA A 215 13.94 10.78 -5.73
CA ALA A 215 13.51 10.88 -4.36
C ALA A 215 12.23 11.76 -4.20
N SER A 216 11.93 12.56 -5.22
CA SER A 216 10.72 13.37 -5.25
C SER A 216 9.44 12.61 -5.46
N ARG A 217 9.54 11.34 -5.81
CA ARG A 217 8.30 10.64 -6.16
C ARG A 217 7.67 9.86 -5.02
N ALA A 218 6.32 9.73 -5.07
CA ALA A 218 5.50 9.13 -4.03
C ALA A 218 6.03 7.74 -3.69
N ALA A 219 6.54 7.56 -2.48
CA ALA A 219 7.29 6.38 -2.18
C ALA A 219 6.44 5.11 -2.06
N ALA A 220 5.20 5.27 -1.57
CA ALA A 220 4.35 4.08 -1.39
C ALA A 220 3.61 3.74 -2.65
N GLU A 221 3.85 4.41 -3.77
CA GLU A 221 3.14 4.16 -5.02
C GLU A 221 4.10 3.83 -6.17
N ASN A 222 5.39 3.56 -5.86
CA ASN A 222 6.37 3.40 -6.93
C ASN A 222 7.51 2.50 -6.50
N ILE A 223 8.07 1.81 -7.48
CA ILE A 223 9.44 1.26 -7.45
C ILE A 223 10.37 2.40 -7.88
N ILE A 224 11.31 2.76 -6.99
CA ILE A 224 12.15 3.95 -7.14
C ILE A 224 13.64 3.63 -7.04
N PRO A 225 14.35 3.73 -8.15
CA PRO A 225 15.81 3.50 -8.05
C PRO A 225 16.46 4.56 -7.22
N HIS A 226 17.46 4.12 -6.50
CA HIS A 226 17.92 4.93 -5.32
C HIS A 226 19.39 4.62 -5.11
N THR A 227 20.21 5.68 -5.03
CA THR A 227 21.65 5.44 -4.87
C THR A 227 21.94 5.08 -3.44
N THR A 228 22.92 4.20 -3.22
CA THR A 228 23.38 3.89 -1.87
C THR A 228 24.92 3.72 -1.95
N GLY A 229 25.65 4.04 -0.90
CA GLY A 229 27.14 3.83 -0.89
C GLY A 229 27.51 2.48 -0.33
N ALA A 230 26.54 1.60 -0.02
CA ALA A 230 26.88 0.43 0.73
C ALA A 230 28.01 -0.41 0.06
N ALA A 231 27.89 -0.62 -1.24
CA ALA A 231 28.90 -1.44 -1.97
C ALA A 231 30.14 -0.61 -2.27
N LYS A 232 29.95 0.61 -2.70
CA LYS A 232 31.04 1.46 -3.05
C LYS A 232 32.03 1.69 -1.90
N ALA A 233 31.53 1.85 -0.67
CA ALA A 233 32.40 2.16 0.48
C ALA A 233 32.73 0.91 1.29
N ILE A 234 32.55 -0.29 0.70
CA ILE A 234 32.63 -1.51 1.48
C ILE A 234 34.04 -1.71 2.05
N GLY A 235 35.03 -1.10 1.41
CA GLY A 235 36.43 -1.16 1.83
C GLY A 235 36.72 -0.65 3.22
N LEU A 236 35.85 0.22 3.74
CA LEU A 236 35.94 0.63 5.15
C LEU A 236 35.70 -0.48 6.13
N VAL A 237 34.96 -1.50 5.72
CA VAL A 237 34.61 -2.57 6.60
C VAL A 237 35.33 -3.86 6.23
N ILE A 238 35.59 -4.07 4.93
CA ILE A 238 36.28 -5.23 4.42
C ILE A 238 37.35 -4.70 3.46
N PRO A 239 38.56 -4.45 3.98
CA PRO A 239 39.54 -3.70 3.18
C PRO A 239 39.92 -4.38 1.91
N GLU A 240 39.87 -5.68 1.90
CA GLU A 240 40.29 -6.44 0.72
C GLU A 240 39.35 -6.27 -0.45
N LEU A 241 38.11 -5.86 -0.16
CA LEU A 241 37.12 -5.59 -1.20
C LEU A 241 37.01 -4.16 -1.57
N SER A 242 37.89 -3.30 -1.07
CA SER A 242 37.89 -1.90 -1.50
C SER A 242 37.91 -1.72 -3.02
N GLY A 243 36.94 -1.00 -3.53
CA GLY A 243 36.80 -0.79 -4.97
C GLY A 243 36.34 -1.96 -5.82
N LYS A 244 36.00 -3.09 -5.19
CA LYS A 244 35.64 -4.25 -5.98
C LYS A 244 34.10 -4.38 -6.16
N LEU A 245 33.31 -3.57 -5.48
CA LEU A 245 31.82 -3.70 -5.52
C LEU A 245 31.20 -2.38 -5.86
N LYS A 246 30.08 -2.46 -6.58
CA LYS A 246 29.22 -1.37 -6.86
C LYS A 246 27.79 -1.88 -6.56
N GLY A 247 26.90 -0.90 -6.49
CA GLY A 247 25.50 -1.26 -6.38
C GLY A 247 24.55 -0.12 -6.16
N HIS A 248 23.26 -0.47 -6.12
CA HIS A 248 22.18 0.49 -5.89
C HIS A 248 20.99 -0.19 -5.20
N ALA A 249 19.97 0.64 -4.95
CA ALA A 249 18.71 0.21 -4.34
C ALA A 249 17.54 0.44 -5.29
N GLN A 250 16.52 -0.41 -5.14
CA GLN A 250 15.17 -0.15 -5.64
C GLN A 250 14.28 -0.02 -4.44
N ARG A 251 13.83 1.22 -4.16
CA ARG A 251 13.01 1.49 -3.02
C ARG A 251 11.55 1.11 -3.44
N VAL A 252 10.88 0.36 -2.58
CA VAL A 252 9.54 -0.18 -2.88
C VAL A 252 8.56 0.00 -1.74
N PRO A 253 7.24 -0.19 -2.04
CA PRO A 253 6.30 0.16 -0.99
C PRO A 253 6.08 -0.86 0.11
N VAL A 254 7.09 -1.11 0.94
CA VAL A 254 6.89 -1.79 2.17
C VAL A 254 7.45 -0.85 3.27
N LYS A 255 6.89 -0.96 4.46
CA LYS A 255 7.21 0.07 5.48
C LYS A 255 8.56 -0.18 6.18
N THR A 256 8.95 -1.45 6.31
CA THR A 256 10.28 -1.82 6.80
C THR A 256 10.48 -3.30 6.42
N GLY A 257 11.72 -3.76 6.32
CA GLY A 257 12.02 -5.11 5.89
C GLY A 257 12.50 -5.01 4.48
N SER A 258 13.74 -5.48 4.24
CA SER A 258 14.39 -5.27 3.00
C SER A 258 15.29 -6.49 2.64
N VAL A 259 15.76 -6.55 1.40
CA VAL A 259 16.53 -7.69 0.97
C VAL A 259 17.66 -7.20 0.10
N THR A 260 18.83 -7.81 0.18
CA THR A 260 20.00 -7.41 -0.61
C THR A 260 20.50 -8.59 -1.43
N GLU A 261 20.59 -8.39 -2.71
CA GLU A 261 21.20 -9.37 -3.65
C GLU A 261 22.57 -8.91 -4.06
N LEU A 262 23.52 -9.84 -4.04
CA LEU A 262 24.89 -9.59 -4.55
C LEU A 262 25.17 -10.62 -5.68
N VAL A 263 25.60 -10.12 -6.82
CA VAL A 263 26.08 -10.93 -7.95
C VAL A 263 27.59 -10.77 -8.00
N SER A 264 28.30 -11.89 -7.85
CA SER A 264 29.78 -11.85 -7.75
C SER A 264 30.39 -12.81 -8.75
N ILE A 265 31.57 -12.42 -9.23
CA ILE A 265 32.57 -13.38 -9.72
C ILE A 265 33.44 -13.77 -8.52
N LEU A 266 33.43 -15.05 -8.15
CA LEU A 266 34.17 -15.49 -7.03
C LEU A 266 35.59 -15.97 -7.53
N GLY A 267 36.46 -16.25 -6.57
CA GLY A 267 37.81 -16.78 -6.87
C GLY A 267 37.91 -18.30 -7.00
N LYS A 268 36.79 -19.02 -7.10
CA LYS A 268 36.73 -20.47 -7.12
C LYS A 268 35.43 -20.87 -7.80
N LYS A 269 35.46 -22.01 -8.48
CA LYS A 269 34.27 -22.64 -8.99
C LYS A 269 33.51 -23.25 -7.84
N VAL A 270 32.21 -22.97 -7.75
CA VAL A 270 31.44 -23.41 -6.60
C VAL A 270 30.11 -24.04 -7.01
N THR A 271 29.56 -24.83 -6.11
CA THR A 271 28.13 -25.20 -6.21
C THR A 271 27.26 -24.39 -5.26
N ALA A 272 25.95 -24.37 -5.50
CA ALA A 272 25.02 -23.70 -4.54
C ALA A 272 25.15 -24.29 -3.13
N GLU A 273 25.23 -25.62 -3.03
CA GLU A 273 25.33 -26.25 -1.74
C GLU A 273 26.61 -25.81 -1.00
N GLU A 274 27.72 -25.72 -1.72
CA GLU A 274 29.01 -25.25 -1.13
C GLU A 274 28.87 -23.80 -0.63
N VAL A 275 28.25 -22.90 -1.42
CA VAL A 275 28.03 -21.54 -0.99
C VAL A 275 27.18 -21.52 0.27
N ASN A 276 26.05 -22.24 0.26
CA ASN A 276 25.17 -22.27 1.40
C ASN A 276 25.82 -22.82 2.67
N ASN A 277 26.59 -23.91 2.52
CA ASN A 277 27.34 -24.42 3.67
C ASN A 277 28.35 -23.45 4.24
N ALA A 278 29.08 -22.76 3.39
CA ALA A 278 30.03 -21.74 3.85
C ALA A 278 29.32 -20.61 4.63
N LEU A 279 28.20 -20.19 4.09
CA LEU A 279 27.37 -19.24 4.78
C LEU A 279 26.81 -19.72 6.10
N LYS A 280 26.29 -20.93 6.14
CA LYS A 280 25.77 -21.45 7.35
C LYS A 280 26.87 -21.46 8.45
N GLN A 281 28.06 -21.88 8.07
CA GLN A 281 29.16 -21.83 9.00
C GLN A 281 29.46 -20.46 9.56
N ALA A 282 29.47 -19.45 8.72
CA ALA A 282 29.72 -18.09 9.15
C ALA A 282 28.66 -17.56 10.06
N THR A 283 27.42 -18.08 9.96
CA THR A 283 26.31 -17.66 10.83
C THR A 283 26.19 -18.44 12.13
N THR A 284 26.99 -19.49 12.30
CA THR A 284 26.96 -20.28 13.54
C THR A 284 27.63 -19.50 14.69
N ASN A 285 26.97 -19.49 15.85
CA ASN A 285 27.39 -18.70 17.04
C ASN A 285 27.64 -17.22 16.73
N ASN A 286 26.79 -16.67 15.86
CA ASN A 286 26.97 -15.31 15.37
C ASN A 286 25.61 -14.58 15.63
N GLU A 287 25.62 -13.78 16.67
CA GLU A 287 24.47 -13.03 17.09
C GLU A 287 24.07 -11.96 16.08
N SER A 288 24.95 -11.59 15.16
CA SER A 288 24.68 -10.53 14.18
C SER A 288 24.11 -11.02 12.85
N PHE A 289 24.37 -12.27 12.51
CA PHE A 289 24.21 -12.78 11.13
C PHE A 289 23.49 -14.10 11.25
N GLY A 290 22.29 -14.15 10.71
CA GLY A 290 21.41 -15.30 10.80
C GLY A 290 21.37 -16.02 9.48
N TYR A 291 20.75 -17.19 9.49
CA TYR A 291 20.60 -18.00 8.31
C TYR A 291 19.20 -18.55 8.21
N THR A 292 18.66 -18.63 6.99
CA THR A 292 17.39 -19.27 6.82
C THR A 292 17.39 -20.10 5.57
N ASP A 293 16.69 -21.22 5.66
CA ASP A 293 16.32 -21.96 4.42
C ASP A 293 14.83 -22.17 4.28
N GLU A 294 14.08 -21.28 4.91
CA GLU A 294 12.66 -21.24 4.83
C GLU A 294 12.24 -20.21 3.79
N GLU A 295 11.06 -20.41 3.31
CA GLU A 295 10.53 -19.62 2.21
C GLU A 295 9.94 -18.32 2.70
N ILE A 296 10.76 -17.52 3.40
CA ILE A 296 10.25 -16.33 4.05
C ILE A 296 10.01 -15.17 3.08
N VAL A 297 9.24 -14.19 3.55
CA VAL A 297 9.04 -12.91 2.79
C VAL A 297 9.35 -11.74 3.72
N SER A 298 9.33 -10.52 3.23
CA SER A 298 9.89 -9.42 4.00
C SER A 298 9.26 -9.18 5.34
N SER A 299 7.93 -9.38 5.47
CA SER A 299 7.31 -9.13 6.75
C SER A 299 7.83 -10.07 7.83
N ASP A 300 8.37 -11.22 7.44
CA ASP A 300 8.96 -12.16 8.42
C ASP A 300 10.27 -11.70 9.02
N ILE A 301 10.88 -10.71 8.40
CA ILE A 301 12.15 -10.15 8.93
C ILE A 301 11.87 -8.94 9.84
N ILE A 302 10.62 -8.47 9.95
CA ILE A 302 10.38 -7.29 10.76
C ILE A 302 10.58 -7.66 12.21
N GLY A 303 11.42 -6.91 12.92
CA GLY A 303 11.67 -7.28 14.27
C GLY A 303 12.82 -8.18 14.49
N SER A 304 13.52 -8.51 13.42
CA SER A 304 14.69 -9.36 13.46
C SER A 304 15.77 -8.78 14.43
N HIS A 305 16.49 -9.65 15.12
CA HIS A 305 17.58 -9.23 16.00
C HIS A 305 18.92 -9.51 15.36
N PHE A 306 18.92 -9.64 14.02
CA PHE A 306 20.17 -9.79 13.27
C PHE A 306 20.35 -8.57 12.43
N GLY A 307 21.58 -8.26 12.04
CA GLY A 307 21.85 -7.25 11.02
C GLY A 307 21.53 -7.75 9.60
N SER A 308 21.53 -9.08 9.40
CA SER A 308 21.47 -9.66 8.04
C SER A 308 21.09 -11.11 8.28
N VAL A 309 20.27 -11.65 7.43
CA VAL A 309 19.85 -13.06 7.50
C VAL A 309 20.04 -13.59 6.06
N PHE A 310 21.08 -14.42 5.87
CA PHE A 310 21.32 -15.08 4.62
C PHE A 310 20.21 -16.04 4.27
N ASP A 311 19.78 -16.02 3.01
CA ASP A 311 18.63 -16.89 2.61
C ASP A 311 19.11 -17.90 1.59
N ALA A 312 19.36 -19.11 2.05
CA ALA A 312 19.85 -20.18 1.15
C ALA A 312 18.92 -20.50 0.00
N THR A 313 17.62 -20.17 0.11
CA THR A 313 16.69 -20.62 -0.88
C THR A 313 16.85 -19.80 -2.12
N GLN A 314 17.53 -18.63 -2.05
CA GLN A 314 17.68 -17.76 -3.19
C GLN A 314 19.06 -17.84 -3.86
N THR A 315 19.94 -18.66 -3.36
CA THR A 315 21.27 -18.80 -3.96
C THR A 315 21.23 -19.34 -5.38
N GLU A 316 21.98 -18.70 -6.30
CA GLU A 316 21.95 -19.12 -7.70
C GLU A 316 23.35 -19.01 -8.30
N ILE A 317 23.72 -20.11 -8.95
CA ILE A 317 25.01 -20.20 -9.63
C ILE A 317 24.68 -20.33 -11.10
N THR A 318 25.16 -19.39 -11.91
CA THR A 318 25.00 -19.39 -13.35
C THR A 318 26.41 -19.59 -13.96
N ALA A 319 26.58 -20.63 -14.78
CA ALA A 319 27.94 -20.90 -15.28
C ALA A 319 27.89 -21.40 -16.72
N VAL A 320 28.82 -20.91 -17.54
CA VAL A 320 29.02 -21.38 -18.90
C VAL A 320 30.54 -21.55 -18.96
N GLY A 321 30.98 -22.79 -18.94
CA GLY A 321 32.43 -23.08 -18.88
C GLY A 321 33.04 -22.58 -17.59
N ASP A 322 34.19 -21.89 -17.71
N ASP A 322 34.15 -21.88 -17.71
CA ASP A 322 34.90 -21.25 -16.57
CA ASP A 322 34.84 -21.35 -16.56
C ASP A 322 34.14 -20.04 -16.04
C ASP A 322 34.35 -19.90 -16.24
N LEU A 323 33.23 -19.47 -16.84
CA LEU A 323 32.59 -18.16 -16.52
C LEU A 323 31.41 -18.44 -15.63
N GLN A 324 31.46 -17.89 -14.41
CA GLN A 324 30.53 -18.25 -13.34
C GLN A 324 30.09 -16.95 -12.64
N LEU A 325 28.77 -16.79 -12.49
CA LEU A 325 28.15 -15.73 -11.66
C LEU A 325 27.47 -16.37 -10.48
N VAL A 326 27.63 -15.76 -9.31
CA VAL A 326 27.08 -16.30 -8.10
C VAL A 326 26.19 -15.21 -7.49
N LYS A 327 24.92 -15.53 -7.35
CA LYS A 327 23.97 -14.59 -6.71
C LYS A 327 23.66 -15.08 -5.32
N THR A 328 23.93 -14.24 -4.32
CA THR A 328 23.60 -14.54 -2.94
C THR A 328 22.72 -13.40 -2.42
N VAL A 329 21.81 -13.78 -1.56
CA VAL A 329 20.71 -12.95 -1.03
C VAL A 329 20.58 -13.00 0.48
N ALA A 330 20.44 -11.83 1.12
CA ALA A 330 20.22 -11.75 2.54
C ALA A 330 19.16 -10.70 2.85
N TRP A 331 18.32 -11.06 3.79
CA TRP A 331 17.27 -10.15 4.29
C TRP A 331 17.81 -9.26 5.37
N TYR A 332 17.12 -8.16 5.63
CA TYR A 332 17.45 -7.30 6.82
C TYR A 332 16.30 -6.43 7.18
N ASP A 333 16.02 -6.33 8.48
CA ASP A 333 15.12 -5.33 8.98
C ASP A 333 15.90 -4.02 9.11
N ASN A 334 15.81 -3.23 8.08
CA ASN A 334 16.54 -1.97 7.99
C ASN A 334 16.30 -1.02 9.14
N GLU A 335 15.16 -1.12 9.86
CA GLU A 335 15.00 -0.46 11.15
C GLU A 335 15.54 -1.26 12.29
N TYR A 336 14.76 -2.19 12.85
CA TYR A 336 15.18 -2.83 14.06
C TYR A 336 16.42 -3.69 14.00
N GLY A 337 16.60 -4.43 12.91
CA GLY A 337 17.74 -5.31 12.77
C GLY A 337 19.06 -4.51 12.77
N PHE A 338 19.08 -3.47 11.95
CA PHE A 338 20.19 -2.53 11.92
C PHE A 338 20.43 -1.94 13.32
N VAL A 339 19.34 -1.61 14.01
CA VAL A 339 19.48 -1.06 15.38
C VAL A 339 20.13 -2.04 16.33
N THR A 340 19.79 -3.33 16.20
CA THR A 340 20.51 -4.26 17.00
C THR A 340 22.04 -4.24 16.80
N GLN A 341 22.49 -4.07 15.55
CA GLN A 341 23.93 -3.89 15.23
C GLN A 341 24.48 -2.61 15.81
N LEU A 342 23.73 -1.54 15.69
CA LEU A 342 24.14 -0.27 16.29
C LEU A 342 24.36 -0.46 17.84
N ILE A 343 23.41 -1.12 18.53
CA ILE A 343 23.52 -1.31 19.94
C ILE A 343 24.70 -2.21 20.28
N ARG A 344 24.93 -3.30 19.53
CA ARG A 344 26.11 -4.13 19.82
C ARG A 344 27.38 -3.30 19.72
N THR A 345 27.48 -2.49 18.70
CA THR A 345 28.65 -1.64 18.54
C THR A 345 28.77 -0.64 19.68
N LEU A 346 27.65 0.00 20.01
CA LEU A 346 27.61 0.94 21.12
C LEU A 346 28.11 0.34 22.43
N GLU A 347 27.65 -0.86 22.77
CA GLU A 347 28.07 -1.48 24.00
C GLU A 347 29.56 -1.76 24.03
N LYS A 348 30.10 -2.18 22.92
CA LYS A 348 31.54 -2.41 22.84
C LYS A 348 32.35 -1.07 22.96
N PHE A 349 31.85 -0.09 22.24
CA PHE A 349 32.42 1.28 22.19
C PHE A 349 32.49 1.86 23.59
N ALA A 350 31.45 1.67 24.38
CA ALA A 350 31.41 2.13 25.79
C ALA A 350 32.42 1.45 26.71
N LYS A 351 32.88 0.27 26.35
CA LYS A 351 33.83 -0.48 27.18
C LYS A 351 35.26 -0.52 26.66
N LEU A 352 35.63 0.46 25.83
CA LEU A 352 37.01 0.62 25.36
C LEU A 352 37.67 1.86 25.97
C SER B 19 -7.78 -14.59 -42.72
N MET B 20 -7.28 -14.93 -41.52
CA MET B 20 -8.15 -15.13 -40.33
C MET B 20 -8.38 -13.85 -39.54
N SER B 21 -9.62 -13.58 -39.25
CA SER B 21 -9.88 -12.32 -38.67
C SER B 21 -10.77 -12.45 -37.47
N LYS B 22 -11.40 -13.61 -37.18
CA LYS B 22 -12.25 -13.72 -36.02
C LYS B 22 -11.54 -14.40 -34.90
N VAL B 23 -11.60 -13.74 -33.74
CA VAL B 23 -10.87 -14.14 -32.54
C VAL B 23 -11.83 -14.49 -31.42
N GLY B 24 -11.43 -15.51 -30.61
CA GLY B 24 -12.05 -15.72 -29.29
C GLY B 24 -11.03 -15.48 -28.20
N ILE B 25 -11.48 -15.00 -27.07
CA ILE B 25 -10.60 -14.81 -25.87
C ILE B 25 -11.07 -15.83 -24.83
N ASN B 26 -10.11 -16.65 -24.37
CA ASN B 26 -10.37 -17.56 -23.26
C ASN B 26 -9.69 -16.95 -22.04
N GLY B 27 -10.49 -16.54 -21.06
CA GLY B 27 -10.00 -15.85 -19.85
C GLY B 27 -10.07 -14.38 -20.04
N PHE B 28 -11.17 -13.80 -19.61
CA PHE B 28 -11.39 -12.33 -19.75
C PHE B 28 -10.92 -11.64 -18.45
N GLY B 29 -9.63 -11.86 -18.15
CA GLY B 29 -9.03 -11.34 -16.94
C GLY B 29 -8.26 -10.11 -17.19
N ARG B 30 -7.24 -9.82 -16.36
CA ARG B 30 -6.43 -8.59 -16.60
C ARG B 30 -5.94 -8.57 -18.09
N ILE B 31 -5.34 -9.67 -18.50
CA ILE B 31 -4.76 -9.75 -19.81
C ILE B 31 -5.89 -9.79 -20.86
N GLY B 32 -6.84 -10.69 -20.68
CA GLY B 32 -7.94 -10.80 -21.65
C GLY B 32 -8.72 -9.51 -21.91
N ARG B 33 -9.02 -8.75 -20.84
CA ARG B 33 -9.76 -7.51 -21.08
C ARG B 33 -8.89 -6.45 -21.76
N LEU B 34 -7.59 -6.40 -21.44
CA LEU B 34 -6.71 -5.42 -22.06
C LEU B 34 -6.40 -5.79 -23.52
N VAL B 35 -6.44 -7.08 -23.85
CA VAL B 35 -6.41 -7.53 -25.25
C VAL B 35 -7.51 -6.81 -26.09
N LEU B 36 -8.73 -6.91 -25.62
CA LEU B 36 -9.85 -6.24 -26.24
C LEU B 36 -9.65 -4.74 -26.31
N ARG B 37 -9.27 -4.10 -25.19
CA ARG B 37 -8.96 -2.67 -25.19
C ARG B 37 -7.94 -2.26 -26.21
N ARG B 38 -6.82 -3.01 -26.30
CA ARG B 38 -5.78 -2.63 -27.21
C ARG B 38 -6.23 -2.85 -28.68
N LEU B 39 -6.93 -3.92 -28.97
CA LEU B 39 -7.46 -4.15 -30.34
C LEU B 39 -8.31 -2.98 -30.77
N LEU B 40 -9.18 -2.48 -29.89
CA LEU B 40 -10.03 -1.31 -30.23
C LEU B 40 -9.22 -0.07 -30.38
N GLU B 41 -8.29 0.16 -29.47
CA GLU B 41 -7.39 1.30 -29.52
C GLU B 41 -6.62 1.46 -30.80
N VAL B 42 -6.10 0.36 -31.32
CA VAL B 42 -5.38 0.41 -32.59
C VAL B 42 -6.30 0.27 -33.81
N LYS B 43 -7.62 0.16 -33.63
CA LYS B 43 -8.57 -0.02 -34.74
C LYS B 43 -8.21 -1.19 -35.56
N SER B 44 -7.90 -2.30 -34.87
CA SER B 44 -7.58 -3.52 -35.54
C SER B 44 -8.73 -3.97 -36.45
N ASN B 45 -8.39 -4.67 -37.52
CA ASN B 45 -9.39 -5.36 -38.33
C ASN B 45 -9.78 -6.72 -37.78
N ILE B 46 -9.12 -7.14 -36.69
CA ILE B 46 -9.49 -8.41 -36.02
C ILE B 46 -10.81 -8.15 -35.34
N ASP B 47 -11.66 -9.13 -35.38
CA ASP B 47 -12.99 -9.06 -34.91
C ASP B 47 -13.06 -10.03 -33.68
N VAL B 48 -13.18 -9.56 -32.43
CA VAL B 48 -13.43 -10.47 -31.30
C VAL B 48 -14.92 -10.88 -31.33
N VAL B 49 -15.18 -12.14 -31.64
CA VAL B 49 -16.56 -12.62 -31.76
C VAL B 49 -17.08 -13.43 -30.55
N ALA B 50 -16.16 -13.89 -29.71
CA ALA B 50 -16.53 -14.67 -28.54
C ALA B 50 -15.50 -14.55 -27.42
N ILE B 51 -16.02 -14.69 -26.19
CA ILE B 51 -15.26 -14.72 -24.94
C ILE B 51 -15.74 -15.90 -24.14
N ASN B 52 -14.82 -16.64 -23.52
CA ASN B 52 -15.17 -17.70 -22.60
C ASN B 52 -14.53 -17.35 -21.23
N ASP B 53 -15.30 -17.49 -20.16
CA ASP B 53 -14.75 -17.21 -18.79
C ASP B 53 -15.62 -18.10 -17.89
N LEU B 54 -15.76 -17.77 -16.61
CA LEU B 54 -16.45 -18.55 -15.65
C LEU B 54 -17.60 -17.73 -15.04
N THR B 55 -17.95 -16.60 -15.61
CA THR B 55 -18.85 -15.70 -14.91
C THR B 55 -19.90 -15.12 -15.85
N SER B 56 -20.73 -14.24 -15.31
CA SER B 56 -21.84 -13.71 -16.08
C SER B 56 -21.38 -12.59 -16.99
N PRO B 57 -22.15 -12.32 -18.03
CA PRO B 57 -21.93 -11.07 -18.76
C PRO B 57 -21.99 -9.80 -17.95
N LYS B 58 -22.91 -9.76 -16.98
CA LYS B 58 -23.02 -8.60 -16.11
C LYS B 58 -21.72 -8.24 -15.38
N ILE B 59 -21.09 -9.26 -14.82
CA ILE B 59 -19.85 -9.08 -14.07
C ILE B 59 -18.69 -8.75 -15.02
N LEU B 60 -18.62 -9.42 -16.17
CA LEU B 60 -17.63 -9.08 -17.17
C LEU B 60 -17.76 -7.69 -17.72
N ALA B 61 -19.00 -7.25 -17.94
CA ALA B 61 -19.25 -5.86 -18.38
C ALA B 61 -18.74 -4.83 -17.36
N TYR B 62 -19.04 -5.08 -16.09
CA TYR B 62 -18.64 -4.19 -15.00
C TYR B 62 -17.08 -4.07 -14.98
N LEU B 63 -16.42 -5.20 -15.09
CA LEU B 63 -14.94 -5.26 -15.06
C LEU B 63 -14.35 -4.61 -16.29
N LEU B 64 -14.98 -4.78 -17.46
CA LEU B 64 -14.48 -4.12 -18.62
C LEU B 64 -14.61 -2.58 -18.54
N LYS B 65 -15.73 -2.13 -17.99
CA LYS B 65 -15.99 -0.73 -17.91
C LYS B 65 -15.13 0.03 -16.95
N HIS B 66 -14.86 -0.59 -15.77
CA HIS B 66 -14.17 0.10 -14.67
C HIS B 66 -12.90 -0.70 -14.39
N ASP B 67 -11.77 -0.02 -14.58
CA ASP B 67 -10.45 -0.69 -14.46
C ASP B 67 -9.57 0.10 -13.48
N SER B 68 -9.15 -0.58 -12.44
CA SER B 68 -8.37 0.06 -11.38
C SER B 68 -7.02 0.57 -11.86
N ASN B 69 -6.44 -0.03 -12.89
CA ASN B 69 -5.12 0.42 -13.35
C ASN B 69 -5.21 1.39 -14.48
N TYR B 70 -6.17 1.23 -15.37
CA TYR B 70 -6.23 2.03 -16.59
C TYR B 70 -7.43 2.93 -16.77
N GLY B 71 -8.33 2.93 -15.82
CA GLY B 71 -9.42 3.87 -15.82
C GLY B 71 -10.57 3.42 -16.71
N PRO B 72 -11.51 4.35 -16.98
CA PRO B 72 -12.70 3.96 -17.68
C PRO B 72 -12.49 3.44 -19.09
N PHE B 73 -13.25 2.43 -19.48
CA PHE B 73 -13.12 1.89 -20.82
C PHE B 73 -13.45 2.99 -21.83
N PRO B 74 -12.63 3.12 -22.88
CA PRO B 74 -12.89 4.28 -23.76
C PRO B 74 -14.13 4.10 -24.71
N TRP B 75 -14.84 2.97 -24.66
CA TRP B 75 -15.95 2.66 -25.60
C TRP B 75 -17.15 2.23 -24.80
N SER B 76 -18.33 2.18 -25.44
CA SER B 76 -19.55 1.82 -24.75
C SER B 76 -19.51 0.34 -24.43
N VAL B 77 -20.07 -0.01 -23.29
CA VAL B 77 -20.21 -1.42 -22.85
C VAL B 77 -21.59 -1.66 -22.28
N ASP B 78 -22.30 -2.62 -22.83
CA ASP B 78 -23.51 -3.13 -22.23
C ASP B 78 -23.45 -4.65 -22.28
N PHE B 79 -24.50 -5.33 -21.84
CA PHE B 79 -24.52 -6.79 -21.89
C PHE B 79 -25.93 -7.32 -22.03
N THR B 80 -26.03 -8.60 -22.40
CA THR B 80 -27.30 -9.34 -22.22
C THR B 80 -27.02 -10.57 -21.44
N GLU B 81 -28.03 -11.44 -21.32
CA GLU B 81 -27.81 -12.66 -20.55
C GLU B 81 -26.71 -13.53 -21.11
N ASP B 82 -26.38 -13.40 -22.41
CA ASP B 82 -25.36 -14.27 -23.01
C ASP B 82 -24.36 -13.55 -23.88
N SER B 83 -24.19 -12.24 -23.66
CA SER B 83 -23.32 -11.46 -24.52
C SER B 83 -22.82 -10.21 -23.85
N LEU B 84 -21.73 -9.68 -24.39
CA LEU B 84 -21.36 -8.29 -24.21
C LEU B 84 -21.66 -7.52 -25.49
N ILE B 85 -21.97 -6.23 -25.34
CA ILE B 85 -22.07 -5.33 -26.44
C ILE B 85 -21.07 -4.21 -26.26
N VAL B 86 -20.03 -4.25 -27.06
CA VAL B 86 -18.90 -3.37 -26.83
C VAL B 86 -18.75 -2.50 -28.04
N ASP B 87 -18.74 -1.19 -27.84
CA ASP B 87 -18.73 -0.24 -28.97
C ASP B 87 -19.83 -0.57 -30.01
N GLY B 88 -20.97 -1.04 -29.57
CA GLY B 88 -22.08 -1.38 -30.46
C GLY B 88 -22.09 -2.78 -31.01
N LYS B 89 -21.02 -3.56 -30.82
CA LYS B 89 -20.86 -4.87 -31.45
C LYS B 89 -21.07 -6.00 -30.44
N SER B 90 -21.82 -7.01 -30.82
CA SER B 90 -22.11 -8.14 -29.93
C SER B 90 -20.95 -9.12 -29.90
N ILE B 91 -20.62 -9.55 -28.70
CA ILE B 91 -19.60 -10.59 -28.49
C ILE B 91 -20.27 -11.64 -27.64
N ALA B 92 -20.27 -12.88 -28.11
CA ALA B 92 -20.86 -13.98 -27.38
C ALA B 92 -20.05 -14.31 -26.12
N VAL B 93 -20.72 -14.67 -25.02
CA VAL B 93 -20.05 -15.06 -23.80
C VAL B 93 -20.44 -16.45 -23.44
N TYR B 94 -19.43 -17.30 -23.31
CA TYR B 94 -19.59 -18.66 -22.86
C TYR B 94 -18.95 -18.84 -21.45
N ALA B 95 -19.33 -19.90 -20.78
CA ALA B 95 -18.86 -20.16 -19.41
C ALA B 95 -18.48 -21.63 -19.27
N GLU B 96 -17.57 -22.06 -20.12
CA GLU B 96 -17.13 -23.43 -20.13
C GLU B 96 -15.77 -23.53 -19.43
N LYS B 97 -15.73 -24.27 -18.35
CA LYS B 97 -14.48 -24.38 -17.63
C LYS B 97 -13.48 -25.32 -18.29
N GLU B 98 -13.92 -26.22 -19.17
CA GLU B 98 -13.03 -26.99 -20.01
C GLU B 98 -13.03 -26.45 -21.43
N ALA B 99 -11.82 -26.15 -21.90
CA ALA B 99 -11.68 -25.51 -23.19
C ALA B 99 -12.22 -26.39 -24.32
N LYS B 100 -12.10 -27.71 -24.19
CA LYS B 100 -12.59 -28.61 -25.23
C LYS B 100 -14.09 -28.45 -25.45
N ASN B 101 -14.81 -27.95 -24.50
CA ASN B 101 -16.25 -27.67 -24.60
C ASN B 101 -16.66 -26.29 -25.10
N ILE B 102 -15.70 -25.41 -25.36
CA ILE B 102 -16.07 -24.06 -25.75
C ILE B 102 -16.61 -24.15 -27.18
N PRO B 103 -17.82 -23.64 -27.39
CA PRO B 103 -18.45 -23.77 -28.71
C PRO B 103 -17.90 -22.70 -29.72
N TRP B 104 -16.60 -22.75 -30.02
CA TRP B 104 -15.98 -21.69 -30.86
C TRP B 104 -16.51 -21.60 -32.33
N LYS B 105 -17.04 -22.71 -32.84
CA LYS B 105 -17.64 -22.73 -34.16
C LYS B 105 -18.92 -21.97 -34.30
N ALA B 106 -19.64 -21.68 -33.22
CA ALA B 106 -20.91 -20.98 -33.31
C ALA B 106 -20.78 -19.60 -33.96
N LYS B 107 -19.80 -18.81 -33.53
CA LYS B 107 -19.54 -17.51 -34.13
C LYS B 107 -18.27 -17.50 -35.02
N GLY B 108 -17.72 -18.65 -35.24
CA GLY B 108 -16.58 -18.90 -36.13
C GLY B 108 -15.25 -18.33 -35.66
N ALA B 109 -15.00 -18.41 -34.35
CA ALA B 109 -13.71 -17.96 -33.80
C ALA B 109 -12.61 -18.84 -34.34
N GLU B 110 -11.64 -18.23 -35.02
CA GLU B 110 -10.56 -18.98 -35.65
C GLU B 110 -9.28 -18.99 -34.81
N ILE B 111 -8.96 -17.86 -34.19
CA ILE B 111 -7.75 -17.77 -33.42
C ILE B 111 -8.18 -17.43 -32.01
N ILE B 112 -7.65 -18.20 -31.06
CA ILE B 112 -8.01 -18.05 -29.64
C ILE B 112 -6.81 -17.44 -28.95
N VAL B 113 -7.08 -16.37 -28.24
CA VAL B 113 -6.08 -15.78 -27.34
C VAL B 113 -6.37 -16.40 -26.00
N GLU B 114 -5.44 -17.22 -25.56
CA GLU B 114 -5.57 -18.14 -24.42
C GLU B 114 -4.88 -17.43 -23.26
N CYS B 115 -5.73 -16.90 -22.40
CA CYS B 115 -5.34 -16.00 -21.28
C CYS B 115 -5.83 -16.45 -19.91
N THR B 116 -6.07 -17.75 -19.70
CA THR B 116 -6.53 -18.27 -18.40
C THR B 116 -5.40 -18.69 -17.48
N GLY B 117 -4.27 -19.04 -18.07
CA GLY B 117 -3.20 -19.69 -17.37
C GLY B 117 -3.34 -21.18 -17.18
N PHE B 118 -4.46 -21.76 -17.62
CA PHE B 118 -4.68 -23.20 -17.42
C PHE B 118 -4.39 -24.10 -18.59
N TYR B 119 -3.95 -23.53 -19.68
CA TYR B 119 -3.68 -24.33 -20.89
C TYR B 119 -2.33 -23.99 -21.48
N THR B 120 -1.31 -23.91 -20.60
CA THR B 120 0.01 -23.50 -21.02
C THR B 120 0.89 -24.61 -21.54
N SER B 121 0.42 -25.39 -22.47
CA SER B 121 1.31 -26.36 -23.22
C SER B 121 0.62 -26.67 -24.54
N ALA B 122 1.34 -27.27 -25.47
CA ALA B 122 0.70 -27.71 -26.75
C ALA B 122 -0.47 -28.71 -26.51
N GLU B 123 -0.24 -29.62 -25.57
CA GLU B 123 -1.19 -30.68 -25.32
C GLU B 123 -2.45 -30.10 -24.74
N LYS B 124 -2.31 -29.16 -23.81
CA LYS B 124 -3.46 -28.52 -23.22
C LYS B 124 -4.25 -27.61 -24.19
N SER B 125 -3.56 -26.78 -24.92
CA SER B 125 -4.19 -25.81 -25.80
C SER B 125 -4.74 -26.46 -27.09
N GLN B 126 -4.29 -27.69 -27.37
CA GLN B 126 -4.90 -28.50 -28.42
C GLN B 126 -6.41 -28.60 -28.28
N ALA B 127 -6.91 -28.54 -27.04
CA ALA B 127 -8.32 -28.50 -26.78
C ALA B 127 -9.09 -27.48 -27.55
N HIS B 128 -8.53 -26.28 -27.74
CA HIS B 128 -9.19 -25.26 -28.53
C HIS B 128 -9.35 -25.63 -29.98
N LEU B 129 -8.37 -26.33 -30.53
CA LEU B 129 -8.44 -26.81 -31.88
C LEU B 129 -9.47 -27.96 -31.98
N ASP B 130 -9.53 -28.81 -30.98
CA ASP B 130 -10.55 -29.83 -30.95
C ASP B 130 -11.96 -29.19 -30.90
N ALA B 131 -12.05 -28.07 -30.19
CA ALA B 131 -13.25 -27.25 -30.04
C ALA B 131 -13.56 -26.45 -31.25
N GLY B 132 -12.77 -26.56 -32.32
CA GLY B 132 -13.12 -25.99 -33.63
C GLY B 132 -12.38 -24.75 -34.03
N ALA B 133 -11.49 -24.26 -33.18
CA ALA B 133 -10.61 -23.19 -33.59
C ALA B 133 -9.48 -23.70 -34.47
N LYS B 134 -8.78 -22.81 -35.16
CA LYS B 134 -7.66 -23.12 -36.04
C LYS B 134 -6.30 -22.84 -35.46
N LYS B 135 -6.19 -21.83 -34.60
CA LYS B 135 -4.91 -21.45 -34.00
C LYS B 135 -5.11 -20.95 -32.57
N VAL B 136 -4.08 -21.03 -31.77
CA VAL B 136 -4.11 -20.50 -30.38
C VAL B 136 -2.83 -19.70 -30.14
N LEU B 137 -2.96 -18.51 -29.54
CA LEU B 137 -1.85 -17.70 -29.08
C LEU B 137 -1.97 -17.66 -27.54
N ILE B 138 -1.01 -18.26 -26.84
CA ILE B 138 -1.03 -18.35 -25.40
C ILE B 138 -0.35 -17.16 -24.79
N SER B 139 -1.01 -16.47 -23.84
CA SER B 139 -0.44 -15.27 -23.22
C SER B 139 0.58 -15.50 -22.13
N ALA B 140 1.32 -16.57 -22.21
CA ALA B 140 2.23 -17.02 -21.16
C ALA B 140 3.24 -17.99 -21.75
N PRO B 141 4.32 -18.25 -21.01
CA PRO B 141 5.21 -19.36 -21.40
C PRO B 141 4.43 -20.67 -21.46
N ALA B 142 4.71 -21.53 -22.42
CA ALA B 142 4.02 -22.76 -22.65
C ALA B 142 4.95 -23.87 -23.10
N GLY B 143 6.10 -24.01 -22.43
CA GLY B 143 6.99 -25.08 -22.77
C GLY B 143 7.75 -24.85 -24.03
N GLU B 144 8.25 -25.95 -24.62
CA GLU B 144 9.05 -25.86 -25.81
C GLU B 144 8.08 -25.87 -26.98
N MET B 145 7.58 -24.69 -27.32
CA MET B 145 6.80 -24.47 -28.55
C MET B 145 7.34 -23.14 -29.10
N LYS B 146 6.91 -22.80 -30.29
CA LYS B 146 7.23 -21.45 -30.84
C LYS B 146 6.86 -20.38 -29.88
N THR B 147 7.84 -19.54 -29.53
CA THR B 147 7.66 -18.52 -28.52
C THR B 147 8.20 -17.21 -29.10
N ILE B 148 7.36 -16.20 -29.17
CA ILE B 148 7.60 -14.95 -29.86
C ILE B 148 7.68 -13.71 -28.98
N VAL B 149 8.80 -13.02 -29.03
CA VAL B 149 8.87 -11.69 -28.57
C VAL B 149 8.93 -10.82 -29.78
N TYR B 150 7.89 -10.02 -29.96
CA TYR B 150 7.77 -9.24 -31.16
C TYR B 150 8.92 -8.23 -31.26
N ASN B 151 9.45 -8.14 -32.47
CA ASN B 151 10.66 -7.33 -32.83
C ASN B 151 11.96 -7.88 -32.25
N VAL B 152 11.93 -9.11 -31.73
CA VAL B 152 13.11 -9.91 -31.53
C VAL B 152 13.12 -11.10 -32.45
N ASN B 153 12.10 -11.98 -32.43
CA ASN B 153 12.05 -13.18 -33.27
C ASN B 153 10.71 -13.47 -33.94
N ASP B 154 9.96 -12.45 -34.23
CA ASP B 154 8.63 -12.65 -34.86
C ASP B 154 8.75 -13.18 -36.28
N ASP B 155 9.92 -12.99 -36.90
N ASP B 155 9.91 -13.00 -36.91
CA ASP B 155 10.18 -13.57 -38.21
CA ASP B 155 10.18 -13.59 -38.24
C ASP B 155 10.08 -15.10 -38.21
C ASP B 155 10.36 -15.13 -38.20
N THR B 156 10.21 -15.72 -37.03
CA THR B 156 10.13 -17.18 -36.92
C THR B 156 8.70 -17.74 -36.97
N LEU B 157 7.70 -16.89 -36.84
CA LEU B 157 6.34 -17.35 -37.06
C LEU B 157 6.10 -17.85 -38.43
N ASP B 158 5.38 -18.95 -38.48
CA ASP B 158 5.27 -19.71 -39.71
C ASP B 158 3.82 -20.00 -40.07
N GLY B 159 3.57 -20.11 -41.38
CA GLY B 159 2.24 -20.40 -41.94
C GLY B 159 1.63 -21.66 -41.36
N ASN B 160 2.46 -22.64 -41.02
CA ASN B 160 1.95 -23.90 -40.42
C ASN B 160 1.86 -23.94 -38.89
N ASP B 161 2.27 -22.90 -38.15
CA ASP B 161 2.12 -22.90 -36.70
C ASP B 161 0.66 -22.80 -36.33
N THR B 162 0.22 -23.62 -35.40
CA THR B 162 -1.17 -23.52 -34.90
C THR B 162 -1.25 -23.13 -33.42
N ILE B 163 -0.19 -23.39 -32.64
CA ILE B 163 -0.15 -23.06 -31.20
C ILE B 163 1.18 -22.36 -30.94
N VAL B 164 1.12 -21.14 -30.48
CA VAL B 164 2.32 -20.37 -30.20
C VAL B 164 2.15 -19.58 -28.91
N SER B 165 3.32 -19.24 -28.34
CA SER B 165 3.38 -18.52 -27.05
C SER B 165 3.99 -17.15 -27.25
N VAL B 166 3.64 -16.17 -26.40
CA VAL B 166 4.33 -14.87 -26.35
C VAL B 166 5.14 -14.75 -25.05
N ALA B 167 5.37 -15.89 -24.39
CA ALA B 167 6.09 -15.92 -23.14
C ALA B 167 5.49 -15.00 -22.12
N SER B 168 6.29 -14.57 -21.17
CA SER B 168 5.82 -13.71 -20.09
C SER B 168 6.07 -12.24 -20.33
N ALA B 169 5.48 -11.39 -19.49
CA ALA B 169 5.87 -9.99 -19.51
C ALA B 169 7.38 -9.83 -19.27
N THR B 170 7.89 -10.58 -18.31
CA THR B 170 9.30 -10.52 -17.98
C THR B 170 10.13 -10.90 -19.21
N THR B 171 9.76 -11.93 -19.95
CA THR B 171 10.49 -12.29 -21.15
C THR B 171 10.45 -11.16 -22.20
N ASN B 172 9.28 -10.55 -22.34
CA ASN B 172 9.21 -9.46 -23.26
C ASN B 172 10.06 -8.26 -22.86
N CYS B 173 10.30 -8.12 -21.57
CA CYS B 173 11.18 -7.03 -21.09
C CYS B 173 12.66 -7.41 -21.31
N LEU B 174 13.02 -8.61 -20.94
CA LEU B 174 14.41 -9.06 -20.93
C LEU B 174 14.94 -9.26 -22.35
N ALA B 175 14.14 -9.92 -23.21
CA ALA B 175 14.66 -10.33 -24.50
C ALA B 175 15.20 -9.20 -25.38
N PRO B 176 14.47 -8.09 -25.56
CA PRO B 176 15.06 -7.10 -26.50
C PRO B 176 16.36 -6.47 -25.95
N MET B 177 16.46 -6.42 -24.61
CA MET B 177 17.70 -5.91 -23.96
C MET B 177 18.82 -6.91 -24.20
N ALA B 178 18.51 -8.20 -23.92
CA ALA B 178 19.50 -9.25 -24.16
C ALA B 178 19.92 -9.38 -25.59
N LYS B 179 18.96 -9.20 -26.51
CA LYS B 179 19.29 -9.29 -27.93
C LYS B 179 20.24 -8.22 -28.33
N ALA B 180 19.94 -6.98 -27.91
CA ALA B 180 20.81 -5.84 -28.24
C ALA B 180 22.23 -6.02 -27.70
N LEU B 181 22.34 -6.41 -26.45
CA LEU B 181 23.64 -6.67 -25.84
C LEU B 181 24.40 -7.79 -26.52
N HIS B 182 23.71 -8.89 -26.80
CA HIS B 182 24.32 -9.97 -27.42
C HIS B 182 24.82 -9.63 -28.85
N ASP B 183 24.01 -8.94 -29.62
CA ASP B 183 24.35 -8.51 -30.98
C ASP B 183 25.57 -7.60 -30.98
N SER B 184 25.63 -6.69 -30.02
CA SER B 184 26.65 -5.64 -29.99
C SER B 184 27.94 -6.12 -29.38
N PHE B 185 27.85 -6.97 -28.35
CA PHE B 185 29.00 -7.26 -27.47
C PHE B 185 29.25 -8.71 -27.13
N GLY B 186 28.21 -9.52 -27.30
CA GLY B 186 28.17 -10.89 -26.85
C GLY B 186 27.82 -10.95 -25.36
N ILE B 187 26.87 -11.80 -24.97
CA ILE B 187 26.67 -12.13 -23.56
C ILE B 187 27.26 -13.52 -23.33
N GLU B 188 28.24 -13.60 -22.47
CA GLU B 188 28.84 -14.88 -22.11
C GLU B 188 28.03 -15.62 -21.10
N VAL B 189 27.51 -14.91 -20.12
CA VAL B 189 26.69 -15.49 -19.08
C VAL B 189 26.02 -14.29 -18.35
N GLY B 190 24.88 -14.53 -17.75
CA GLY B 190 24.13 -13.44 -17.12
C GLY B 190 23.05 -13.89 -16.17
N THR B 191 22.71 -13.02 -15.23
CA THR B 191 21.62 -13.32 -14.29
C THR B 191 20.77 -12.11 -14.11
N MET B 192 19.47 -12.37 -14.06
CA MET B 192 18.39 -11.38 -14.02
C MET B 192 17.63 -11.36 -12.70
N THR B 193 17.26 -10.17 -12.24
CA THR B 193 16.30 -9.98 -11.17
C THR B 193 15.33 -8.98 -11.68
N THR B 194 14.08 -9.38 -11.74
CA THR B 194 13.00 -8.44 -11.98
C THR B 194 12.32 -7.99 -10.67
N ILE B 195 12.15 -6.69 -10.55
CA ILE B 195 11.43 -6.15 -9.36
C ILE B 195 10.06 -5.81 -9.94
N ALA B 196 9.03 -6.54 -9.54
CA ALA B 196 7.85 -6.68 -10.36
C ALA B 196 6.58 -6.44 -9.56
N ALA B 197 5.60 -5.85 -10.26
CA ALA B 197 4.24 -5.68 -9.73
C ALA B 197 3.62 -7.02 -9.37
N TYR B 198 2.79 -7.02 -8.33
CA TYR B 198 2.06 -8.22 -7.96
C TYR B 198 0.89 -8.52 -8.93
N THR B 199 0.57 -9.79 -9.06
CA THR B 199 -0.41 -10.24 -10.05
C THR B 199 -1.39 -11.19 -9.40
N GLY B 200 -2.42 -11.59 -10.17
CA GLY B 200 -3.41 -12.47 -9.63
C GLY B 200 -3.00 -13.86 -9.27
N THR B 201 -1.78 -14.29 -9.58
CA THR B 201 -1.35 -15.56 -9.10
C THR B 201 -0.98 -15.55 -7.63
N GLN B 202 -0.89 -14.37 -7.04
CA GLN B 202 -0.51 -14.20 -5.65
C GLN B 202 -1.73 -14.16 -4.74
N SER B 203 -1.57 -13.82 -3.48
CA SER B 203 -2.63 -13.82 -2.51
C SER B 203 -2.88 -12.45 -1.91
N LEU B 204 -4.14 -12.14 -1.64
CA LEU B 204 -4.48 -10.92 -0.96
C LEU B 204 -4.18 -10.94 0.53
N VAL B 205 -4.59 -11.99 1.18
CA VAL B 205 -4.25 -12.29 2.56
C VAL B 205 -3.46 -13.58 2.64
N ASP B 206 -2.74 -13.79 3.72
CA ASP B 206 -1.99 -15.03 3.82
C ASP B 206 -2.94 -16.25 3.83
N GLY B 207 -2.77 -17.13 2.85
CA GLY B 207 -3.57 -18.39 2.78
C GLY B 207 -3.11 -19.26 1.60
N PRO B 208 -3.56 -20.54 1.58
CA PRO B 208 -3.07 -21.51 0.61
C PRO B 208 -3.18 -21.02 -0.78
N ARG B 209 -2.13 -21.22 -1.55
CA ARG B 209 -2.06 -20.78 -2.94
C ARG B 209 -1.38 -21.94 -3.71
N GLY B 210 -2.14 -22.98 -3.86
CA GLY B 210 -1.62 -24.20 -4.45
C GLY B 210 -0.51 -24.67 -3.54
N LYS B 211 0.62 -25.07 -4.15
CA LYS B 211 1.82 -25.59 -3.47
C LYS B 211 2.95 -24.59 -3.22
N ASP B 212 2.88 -23.36 -3.75
CA ASP B 212 3.99 -22.39 -3.79
C ASP B 212 3.84 -21.62 -2.48
N LEU B 213 4.78 -21.77 -1.59
CA LEU B 213 4.58 -21.21 -0.22
C LEU B 213 4.69 -19.67 -0.29
N ARG B 214 5.69 -19.14 -0.99
CA ARG B 214 5.79 -17.66 -1.13
C ARG B 214 4.55 -17.00 -1.77
N ALA B 215 3.90 -17.72 -2.68
CA ALA B 215 2.67 -17.20 -3.30
C ALA B 215 1.49 -17.11 -2.39
N SER B 216 1.54 -17.79 -1.25
CA SER B 216 0.53 -17.79 -0.22
C SER B 216 0.50 -16.51 0.60
N ARG B 217 1.48 -15.62 0.42
CA ARG B 217 1.66 -14.49 1.31
C ARG B 217 1.04 -13.21 0.77
N ALA B 218 0.51 -12.39 1.67
CA ALA B 218 -0.14 -11.13 1.30
C ALA B 218 0.72 -10.29 0.40
N ALA B 219 0.30 -10.15 -0.84
CA ALA B 219 1.11 -9.53 -1.89
C ALA B 219 1.31 -8.07 -1.76
N ALA B 220 0.35 -7.36 -1.19
CA ALA B 220 0.49 -5.91 -1.11
C ALA B 220 1.20 -5.46 0.18
N GLU B 221 1.65 -6.41 0.99
CA GLU B 221 2.29 -6.12 2.27
C GLU B 221 3.71 -6.69 2.37
N ASN B 222 4.24 -7.21 1.26
CA ASN B 222 5.52 -7.97 1.29
C ASN B 222 6.33 -7.80 0.04
N ILE B 223 7.66 -7.91 0.21
CA ILE B 223 8.59 -8.30 -0.87
C ILE B 223 8.68 -9.83 -0.87
N ILE B 224 8.35 -10.40 -2.01
CA ILE B 224 8.11 -11.85 -2.14
C ILE B 224 8.94 -12.41 -3.29
N PRO B 225 9.98 -13.18 -2.96
CA PRO B 225 10.77 -13.79 -4.04
C PRO B 225 9.87 -14.76 -4.84
N HIS B 226 10.10 -14.82 -6.15
CA HIS B 226 9.15 -15.53 -7.04
C HIS B 226 9.93 -16.09 -8.19
N THR B 227 9.70 -17.35 -8.48
CA THR B 227 10.45 -17.97 -9.59
C THR B 227 9.81 -17.54 -10.90
N THR B 228 10.64 -17.39 -11.90
CA THR B 228 10.18 -17.01 -13.26
C THR B 228 11.11 -17.72 -14.21
N GLY B 229 10.56 -18.21 -15.33
CA GLY B 229 11.43 -18.81 -16.37
C GLY B 229 11.96 -17.86 -17.42
N ALA B 230 11.84 -16.58 -17.21
CA ALA B 230 12.12 -15.65 -18.30
C ALA B 230 13.53 -15.82 -18.82
N ALA B 231 14.47 -15.96 -17.90
CA ALA B 231 15.86 -16.14 -18.27
C ALA B 231 16.16 -17.56 -18.66
N LYS B 232 15.73 -18.51 -17.83
CA LYS B 232 16.01 -19.93 -18.06
C LYS B 232 15.60 -20.37 -19.50
N ALA B 233 14.42 -19.92 -19.95
CA ALA B 233 13.88 -20.32 -21.25
C ALA B 233 14.16 -19.31 -22.36
N ILE B 234 15.15 -18.43 -22.15
CA ILE B 234 15.45 -17.37 -23.12
C ILE B 234 15.86 -17.96 -24.51
N GLY B 235 16.38 -19.16 -24.53
CA GLY B 235 16.82 -19.79 -25.77
C GLY B 235 15.71 -20.04 -26.79
N LEU B 236 14.47 -20.13 -26.32
CA LEU B 236 13.32 -20.18 -27.27
C LEU B 236 13.20 -18.94 -28.10
N VAL B 237 13.64 -17.83 -27.57
CA VAL B 237 13.56 -16.53 -28.24
C VAL B 237 14.91 -16.10 -28.88
N ILE B 238 16.00 -16.33 -28.21
CA ILE B 238 17.30 -15.98 -28.69
C ILE B 238 18.14 -17.27 -28.52
N PRO B 239 18.19 -18.13 -29.56
CA PRO B 239 18.80 -19.43 -29.43
C PRO B 239 20.26 -19.43 -29.01
N GLU B 240 21.01 -18.44 -29.42
CA GLU B 240 22.41 -18.30 -28.98
C GLU B 240 22.64 -18.11 -27.48
N LEU B 241 21.59 -17.73 -26.75
CA LEU B 241 21.67 -17.51 -25.32
C LEU B 241 21.06 -18.66 -24.57
N SER B 242 20.71 -19.77 -25.26
CA SER B 242 20.25 -20.97 -24.52
C SER B 242 21.19 -21.35 -23.45
N GLY B 243 20.64 -21.56 -22.27
CA GLY B 243 21.39 -21.92 -21.13
C GLY B 243 22.41 -20.93 -20.57
N LYS B 244 22.46 -19.72 -21.06
CA LYS B 244 23.43 -18.75 -20.63
C LYS B 244 22.90 -17.80 -19.56
N LEU B 245 21.59 -17.82 -19.33
CA LEU B 245 20.96 -16.89 -18.33
C LEU B 245 20.19 -17.63 -17.29
N LYS B 246 20.17 -17.06 -16.07
CA LYS B 246 19.26 -17.48 -15.02
C LYS B 246 18.65 -16.21 -14.43
N GLY B 247 17.63 -16.37 -13.61
CA GLY B 247 17.04 -15.23 -12.97
C GLY B 247 15.82 -15.56 -12.17
N HIS B 248 15.30 -14.57 -11.47
CA HIS B 248 14.13 -14.66 -10.62
C HIS B 248 13.51 -13.30 -10.49
N ALA B 249 12.39 -13.29 -9.78
CA ALA B 249 11.64 -12.06 -9.53
C ALA B 249 11.58 -11.75 -8.05
N GLN B 250 11.41 -10.47 -7.73
CA GLN B 250 10.99 -10.05 -6.41
C GLN B 250 9.67 -9.31 -6.62
N ARG B 251 8.57 -9.89 -6.12
CA ARG B 251 7.24 -9.27 -6.27
C ARG B 251 7.01 -8.30 -5.16
N VAL B 252 6.58 -7.07 -5.51
CA VAL B 252 6.50 -5.98 -4.58
C VAL B 252 5.14 -5.29 -4.68
N PRO B 253 4.82 -4.45 -3.68
CA PRO B 253 3.45 -3.88 -3.67
C PRO B 253 3.22 -2.68 -4.59
N VAL B 254 3.36 -2.85 -5.89
CA VAL B 254 2.83 -1.90 -6.89
C VAL B 254 1.85 -2.66 -7.76
N LYS B 255 0.81 -1.97 -8.20
CA LYS B 255 -0.29 -2.69 -8.87
C LYS B 255 0.04 -3.13 -10.29
N THR B 256 0.85 -2.32 -10.97
CA THR B 256 1.40 -2.67 -12.29
C THR B 256 2.59 -1.74 -12.57
N GLY B 257 3.48 -2.19 -13.44
CA GLY B 257 4.73 -1.50 -13.77
C GLY B 257 5.83 -2.15 -13.02
N SER B 258 6.82 -2.63 -13.77
CA SER B 258 7.90 -3.45 -13.25
C SER B 258 9.23 -3.07 -13.85
N VAL B 259 10.30 -3.66 -13.33
CA VAL B 259 11.65 -3.36 -13.83
C VAL B 259 12.47 -4.60 -13.85
N THR B 260 13.30 -4.77 -14.87
CA THR B 260 14.22 -5.93 -14.98
C THR B 260 15.67 -5.50 -15.01
N GLU B 261 16.44 -6.00 -14.08
CA GLU B 261 17.89 -5.82 -14.08
C GLU B 261 18.56 -7.09 -14.64
N LEU B 262 19.56 -6.91 -15.44
CA LEU B 262 20.38 -8.02 -15.92
C LEU B 262 21.83 -7.69 -15.62
N VAL B 263 22.52 -8.65 -14.99
CA VAL B 263 23.96 -8.56 -14.76
C VAL B 263 24.66 -9.54 -15.66
N SER B 264 25.51 -9.01 -16.55
CA SER B 264 26.16 -9.86 -17.57
C SER B 264 27.70 -9.79 -17.54
N ILE B 265 28.32 -10.89 -18.00
CA ILE B 265 29.69 -10.89 -18.45
C ILE B 265 29.56 -10.79 -19.95
N LEU B 266 30.04 -9.71 -20.52
CA LEU B 266 30.01 -9.53 -21.97
C LEU B 266 31.30 -10.02 -22.62
N GLY B 267 31.25 -10.14 -23.95
CA GLY B 267 32.41 -10.67 -24.70
C GLY B 267 33.43 -9.59 -25.01
N LYS B 268 33.11 -8.36 -24.70
CA LYS B 268 33.97 -7.23 -25.00
C LYS B 268 34.04 -6.33 -23.77
N LYS B 269 35.16 -5.63 -23.53
CA LYS B 269 35.21 -4.52 -22.57
C LYS B 269 34.45 -3.31 -23.12
N VAL B 270 33.66 -2.65 -22.24
CA VAL B 270 32.75 -1.60 -22.61
C VAL B 270 32.76 -0.44 -21.63
N THR B 271 32.36 0.73 -22.12
CA THR B 271 31.95 1.85 -21.26
C THR B 271 30.42 1.88 -21.14
N ALA B 272 29.94 2.66 -20.17
CA ALA B 272 28.53 2.91 -20.03
C ALA B 272 27.96 3.61 -21.25
N GLU B 273 28.66 4.61 -21.76
CA GLU B 273 28.22 5.31 -22.92
C GLU B 273 28.08 4.40 -24.10
N GLU B 274 29.06 3.52 -24.29
CA GLU B 274 28.99 2.59 -25.36
C GLU B 274 27.77 1.61 -25.27
N VAL B 275 27.53 1.08 -24.09
CA VAL B 275 26.35 0.23 -23.86
C VAL B 275 25.04 1.01 -24.14
N ASN B 276 24.97 2.22 -23.61
CA ASN B 276 23.76 3.04 -23.76
C ASN B 276 23.52 3.39 -25.25
N ASN B 277 24.62 3.67 -25.99
CA ASN B 277 24.49 4.01 -27.42
C ASN B 277 24.04 2.82 -28.24
N ALA B 278 24.54 1.62 -27.94
CA ALA B 278 24.14 0.38 -28.64
C ALA B 278 22.68 0.11 -28.38
N LEU B 279 22.25 0.31 -27.15
CA LEU B 279 20.81 0.13 -26.81
C LEU B 279 19.99 1.18 -27.46
N LYS B 280 20.46 2.42 -27.47
CA LYS B 280 19.67 3.44 -28.17
C LYS B 280 19.45 3.08 -29.64
N GLN B 281 20.51 2.63 -30.32
CA GLN B 281 20.35 2.28 -31.75
C GLN B 281 19.35 1.17 -31.95
N ALA B 282 19.33 0.20 -31.02
CA ALA B 282 18.40 -0.95 -31.11
C ALA B 282 16.96 -0.57 -30.89
N THR B 283 16.74 0.55 -30.23
CA THR B 283 15.39 1.03 -29.99
C THR B 283 14.90 1.98 -31.10
N THR B 284 15.78 2.32 -32.04
CA THR B 284 15.45 3.32 -33.03
C THR B 284 14.51 2.69 -34.06
N ASN B 285 13.42 3.36 -34.37
CA ASN B 285 12.36 2.83 -35.29
C ASN B 285 11.89 1.44 -34.86
N ASN B 286 11.79 1.25 -33.55
CA ASN B 286 11.39 -0.07 -32.97
C ASN B 286 10.15 0.17 -32.12
N GLU B 287 9.01 -0.23 -32.64
CA GLU B 287 7.71 0.02 -31.98
C GLU B 287 7.62 -0.77 -30.65
N SER B 288 8.44 -1.81 -30.50
CA SER B 288 8.33 -2.68 -29.34
C SER B 288 9.26 -2.33 -28.21
N PHE B 289 10.31 -1.58 -28.52
CA PHE B 289 11.43 -1.41 -27.58
C PHE B 289 11.77 0.03 -27.44
N GLY B 290 11.49 0.65 -26.29
CA GLY B 290 11.74 2.09 -26.09
C GLY B 290 13.01 2.38 -25.32
N TYR B 291 13.37 3.65 -25.28
CA TYR B 291 14.53 4.13 -24.53
C TYR B 291 14.19 5.29 -23.70
N THR B 292 14.82 5.43 -22.55
CA THR B 292 14.73 6.61 -21.76
C THR B 292 16.07 6.89 -21.14
N ASP B 293 16.35 8.18 -21.02
CA ASP B 293 17.45 8.67 -20.15
C ASP B 293 16.93 9.63 -19.08
N GLU B 294 15.62 9.56 -18.83
CA GLU B 294 14.91 10.31 -17.83
C GLU B 294 14.85 9.47 -16.55
N GLU B 295 14.86 10.12 -15.40
N GLU B 295 14.79 10.18 -15.43
CA GLU B 295 14.92 9.39 -14.14
CA GLU B 295 14.87 9.59 -14.09
C GLU B 295 13.52 9.01 -13.67
C GLU B 295 13.48 9.03 -13.66
N ILE B 296 12.91 8.14 -14.47
CA ILE B 296 11.55 7.69 -14.25
C ILE B 296 11.47 6.72 -13.10
N VAL B 297 10.23 6.49 -12.60
CA VAL B 297 9.90 5.46 -11.59
C VAL B 297 8.77 4.62 -12.14
N SER B 298 8.36 3.57 -11.41
CA SER B 298 7.48 2.60 -12.02
C SER B 298 6.15 3.15 -12.52
N SER B 299 5.53 4.10 -11.80
CA SER B 299 4.28 4.62 -12.25
C SER B 299 4.36 5.27 -13.60
N ASP B 300 5.56 5.71 -14.02
CA ASP B 300 5.72 6.36 -15.30
C ASP B 300 5.66 5.38 -16.43
N ILE B 301 5.76 4.04 -16.19
CA ILE B 301 5.68 3.04 -17.24
C ILE B 301 4.24 2.58 -17.46
N ILE B 302 3.33 2.98 -16.61
CA ILE B 302 1.96 2.39 -16.65
C ILE B 302 1.31 2.96 -17.89
N GLY B 303 0.78 2.11 -18.76
CA GLY B 303 0.18 2.60 -19.99
C GLY B 303 1.13 2.62 -21.17
N SER B 304 2.38 2.22 -20.95
CA SER B 304 3.39 2.09 -22.02
C SER B 304 2.91 1.25 -23.19
N HIS B 305 3.28 1.67 -24.40
CA HIS B 305 3.02 0.91 -25.61
C HIS B 305 4.22 0.11 -26.11
N PHE B 306 5.23 -0.01 -25.26
CA PHE B 306 6.40 -0.88 -25.52
C PHE B 306 6.32 -2.14 -24.69
N GLY B 307 6.96 -3.19 -25.16
CA GLY B 307 7.21 -4.37 -24.35
C GLY B 307 8.31 -4.14 -23.28
N SER B 308 9.19 -3.17 -23.51
CA SER B 308 10.38 -2.94 -22.69
C SER B 308 10.89 -1.53 -22.98
N VAL B 309 11.40 -0.82 -21.97
CA VAL B 309 11.98 0.50 -22.16
C VAL B 309 13.32 0.49 -21.41
N PHE B 310 14.42 0.46 -22.17
CA PHE B 310 15.72 0.48 -21.62
C PHE B 310 15.96 1.77 -20.95
N ASP B 311 16.55 1.74 -19.74
CA ASP B 311 16.78 2.92 -18.95
C ASP B 311 18.31 3.19 -18.81
N ALA B 312 18.83 4.13 -19.61
CA ALA B 312 20.25 4.40 -19.62
C ALA B 312 20.78 4.90 -18.27
N THR B 313 19.89 5.48 -17.48
CA THR B 313 20.26 6.02 -16.20
C THR B 313 20.70 5.04 -15.19
N GLN B 314 20.37 3.77 -15.32
CA GLN B 314 20.76 2.75 -14.39
C GLN B 314 21.90 1.86 -14.82
N THR B 315 22.46 2.15 -16.00
CA THR B 315 23.56 1.32 -16.53
C THR B 315 24.75 1.45 -15.56
N GLU B 316 25.40 0.33 -15.25
CA GLU B 316 26.50 0.24 -14.29
C GLU B 316 27.55 -0.72 -14.84
N ILE B 317 28.76 -0.23 -14.96
CA ILE B 317 29.92 -1.05 -15.26
C ILE B 317 30.85 -1.16 -14.02
N THR B 318 31.04 -2.37 -13.52
CA THR B 318 31.89 -2.63 -12.37
C THR B 318 33.12 -3.41 -12.89
N ALA B 319 34.30 -2.82 -12.76
CA ALA B 319 35.54 -3.40 -13.37
C ALA B 319 36.66 -3.48 -12.34
N VAL B 320 37.39 -4.58 -12.33
CA VAL B 320 38.56 -4.75 -11.48
C VAL B 320 39.50 -5.49 -12.42
N GLY B 321 40.60 -4.83 -12.81
CA GLY B 321 41.59 -5.51 -13.69
C GLY B 321 40.89 -5.91 -14.96
N ASP B 322 41.03 -7.17 -15.35
CA ASP B 322 40.48 -7.62 -16.61
C ASP B 322 39.08 -8.12 -16.46
N LEU B 323 38.45 -7.95 -15.30
CA LEU B 323 37.10 -8.50 -15.07
C LEU B 323 36.11 -7.36 -15.09
N GLN B 324 34.94 -7.60 -15.69
CA GLN B 324 33.92 -6.59 -15.84
C GLN B 324 32.54 -7.20 -15.68
N LEU B 325 31.70 -6.56 -14.89
CA LEU B 325 30.27 -6.87 -14.77
C LEU B 325 29.48 -5.66 -15.27
N VAL B 326 28.43 -5.95 -16.05
CA VAL B 326 27.66 -4.96 -16.70
C VAL B 326 26.19 -5.16 -16.27
N LYS B 327 25.66 -4.17 -15.59
CA LYS B 327 24.24 -4.16 -15.17
C LYS B 327 23.49 -3.22 -16.09
N THR B 328 22.43 -3.75 -16.73
CA THR B 328 21.53 -3.02 -17.57
C THR B 328 20.07 -3.27 -17.08
N VAL B 329 19.25 -2.27 -17.24
CA VAL B 329 17.96 -2.19 -16.62
C VAL B 329 16.94 -1.65 -17.61
N ALA B 330 15.79 -2.33 -17.70
CA ALA B 330 14.66 -1.93 -18.52
C ALA B 330 13.35 -2.04 -17.71
N TRP B 331 12.52 -1.05 -17.93
CA TRP B 331 11.16 -0.97 -17.38
C TRP B 331 10.19 -1.74 -18.28
N TYR B 332 9.09 -2.19 -17.69
CA TYR B 332 7.99 -2.76 -18.53
C TYR B 332 6.69 -2.64 -17.84
N ASP B 333 5.66 -2.25 -18.58
CA ASP B 333 4.30 -2.36 -18.00
C ASP B 333 3.84 -3.78 -18.23
N ASN B 334 3.95 -4.60 -17.19
CA ASN B 334 3.66 -6.02 -17.27
C ASN B 334 2.23 -6.31 -17.66
N GLU B 335 1.32 -5.36 -17.48
CA GLU B 335 0.00 -5.51 -18.08
C GLU B 335 -0.05 -4.89 -19.50
N TYR B 336 -0.23 -3.60 -19.61
CA TYR B 336 -0.56 -3.00 -20.95
C TYR B 336 0.59 -3.11 -21.93
N GLY B 337 1.81 -3.00 -21.46
CA GLY B 337 2.98 -3.10 -22.34
C GLY B 337 3.10 -4.44 -22.99
N PHE B 338 3.06 -5.45 -22.13
CA PHE B 338 3.08 -6.81 -22.61
C PHE B 338 1.88 -7.01 -23.59
N VAL B 339 0.72 -6.47 -23.25
CA VAL B 339 -0.44 -6.69 -24.13
C VAL B 339 -0.17 -6.08 -25.49
N THR B 340 0.49 -4.92 -25.56
CA THR B 340 0.79 -4.37 -26.90
C THR B 340 1.64 -5.35 -27.72
N GLN B 341 2.58 -6.05 -27.08
CA GLN B 341 3.39 -7.11 -27.74
C GLN B 341 2.53 -8.31 -28.17
N LEU B 342 1.61 -8.70 -27.29
CA LEU B 342 0.70 -9.81 -27.57
C LEU B 342 -0.12 -9.48 -28.83
N ILE B 343 -0.58 -8.25 -28.92
CA ILE B 343 -1.41 -7.84 -30.08
C ILE B 343 -0.58 -7.72 -31.37
N ARG B 344 0.64 -7.20 -31.32
CA ARG B 344 1.50 -7.22 -32.48
C ARG B 344 1.67 -8.61 -33.00
N THR B 345 1.95 -9.53 -32.09
CA THR B 345 2.15 -10.91 -32.45
C THR B 345 0.86 -11.49 -33.03
N LEU B 346 -0.29 -11.19 -32.41
CA LEU B 346 -1.60 -11.73 -32.89
C LEU B 346 -1.90 -11.23 -34.28
N GLU B 347 -1.64 -9.94 -34.53
CA GLU B 347 -1.90 -9.37 -35.88
C GLU B 347 -1.12 -10.07 -36.96
N LYS B 348 0.15 -10.35 -36.70
CA LYS B 348 0.98 -11.07 -37.69
C LYS B 348 0.54 -12.50 -37.87
N PHE B 349 0.31 -13.15 -36.74
CA PHE B 349 -0.17 -14.53 -36.67
C PHE B 349 -1.45 -14.75 -37.46
N ALA B 350 -2.36 -13.81 -37.34
CA ALA B 350 -3.63 -13.91 -38.03
C ALA B 350 -3.48 -13.86 -39.55
N LYS B 351 -2.40 -13.26 -40.06
CA LYS B 351 -2.25 -13.10 -41.51
C LYS B 351 -1.44 -14.22 -42.13
N LEU B 352 -0.88 -15.11 -41.32
CA LEU B 352 -0.13 -16.24 -41.87
C LEU B 352 -1.06 -17.38 -42.28
C MET C 17 -11.44 -28.22 37.28
N ALA C 18 -10.42 -28.44 36.46
CA ALA C 18 -10.33 -27.80 35.12
C ALA C 18 -11.16 -28.49 34.00
N SER C 19 -11.95 -27.69 33.27
CA SER C 19 -12.69 -28.17 32.10
C SER C 19 -11.72 -28.25 30.91
N MET C 20 -11.50 -29.46 30.37
CA MET C 20 -10.49 -29.71 29.33
C MET C 20 -11.18 -30.15 28.03
N SER C 21 -12.03 -29.26 27.53
CA SER C 21 -12.76 -29.54 26.33
C SER C 21 -11.83 -29.73 25.17
N LYS C 22 -12.16 -30.67 24.31
CA LYS C 22 -11.37 -30.93 23.13
C LYS C 22 -12.03 -30.18 21.95
N VAL C 23 -11.22 -29.39 21.30
CA VAL C 23 -11.71 -28.54 20.22
C VAL C 23 -11.19 -28.98 18.89
N GLY C 24 -12.00 -28.73 17.84
CA GLY C 24 -11.59 -28.92 16.47
C GLY C 24 -11.76 -27.57 15.79
N ILE C 25 -10.87 -27.23 14.87
CA ILE C 25 -11.04 -25.94 14.11
C ILE C 25 -11.34 -26.33 12.68
N ASN C 26 -12.44 -25.84 12.15
CA ASN C 26 -12.71 -25.98 10.70
C ASN C 26 -12.41 -24.63 10.01
N GLY C 27 -11.43 -24.65 9.12
CA GLY C 27 -10.98 -23.44 8.40
C GLY C 27 -9.81 -22.86 9.17
N PHE C 28 -8.61 -23.27 8.80
CA PHE C 28 -7.39 -22.81 9.47
C PHE C 28 -6.88 -21.60 8.74
N GLY C 29 -7.73 -20.56 8.68
CA GLY C 29 -7.41 -19.35 7.89
C GLY C 29 -6.95 -18.24 8.78
N ARG C 30 -7.10 -16.98 8.35
CA ARG C 30 -6.75 -15.85 9.21
C ARG C 30 -7.36 -16.03 10.62
N ILE C 31 -8.68 -16.31 10.72
CA ILE C 31 -9.28 -16.43 12.02
C ILE C 31 -8.87 -17.77 12.68
N GLY C 32 -8.97 -18.88 11.94
CA GLY C 32 -8.63 -20.25 12.52
C GLY C 32 -7.20 -20.26 13.13
N ARG C 33 -6.23 -19.70 12.40
CA ARG C 33 -4.84 -19.74 12.91
C ARG C 33 -4.69 -18.86 14.15
N LEU C 34 -5.42 -17.76 14.18
CA LEU C 34 -5.32 -16.88 15.31
C LEU C 34 -6.03 -17.41 16.52
N VAL C 35 -7.10 -18.17 16.30
CA VAL C 35 -7.77 -18.96 17.37
C VAL C 35 -6.76 -19.81 18.10
N LEU C 36 -5.97 -20.60 17.37
CA LEU C 36 -4.93 -21.40 18.06
C LEU C 36 -3.94 -20.51 18.80
N ARG C 37 -3.44 -19.43 18.14
CA ARG C 37 -2.49 -18.53 18.76
C ARG C 37 -3.00 -18.01 20.07
N ARG C 38 -4.24 -17.55 20.07
CA ARG C 38 -4.78 -16.95 21.27
C ARG C 38 -4.99 -17.97 22.38
N LEU C 39 -5.48 -19.18 22.04
CA LEU C 39 -5.67 -20.21 23.02
C LEU C 39 -4.34 -20.52 23.74
N LEU C 40 -3.29 -20.68 22.94
CA LEU C 40 -1.97 -20.94 23.51
C LEU C 40 -1.47 -19.74 24.34
N GLU C 41 -1.71 -18.51 23.88
CA GLU C 41 -1.25 -17.31 24.57
C GLU C 41 -1.85 -17.16 25.94
N VAL C 42 -3.12 -17.49 26.04
CA VAL C 42 -3.78 -17.40 27.33
C VAL C 42 -3.63 -18.66 28.20
N LYS C 43 -2.87 -19.63 27.71
CA LYS C 43 -2.68 -20.91 28.35
C LYS C 43 -4.00 -21.59 28.67
N SER C 44 -4.88 -21.64 27.65
CA SER C 44 -6.22 -22.13 27.87
C SER C 44 -6.21 -23.61 28.27
N ASN C 45 -7.22 -24.00 29.01
CA ASN C 45 -7.44 -25.42 29.32
C ASN C 45 -8.06 -26.21 28.19
N ILE C 46 -8.57 -25.51 27.19
CA ILE C 46 -9.07 -26.15 25.99
C ILE C 46 -7.90 -26.80 25.27
N ASP C 47 -8.07 -28.03 24.79
CA ASP C 47 -7.09 -28.65 23.93
C ASP C 47 -7.58 -28.66 22.51
N VAL C 48 -6.81 -28.06 21.60
CA VAL C 48 -7.08 -28.19 20.15
C VAL C 48 -6.50 -29.51 19.68
N VAL C 49 -7.36 -30.44 19.25
CA VAL C 49 -6.96 -31.75 18.85
C VAL C 49 -7.01 -32.05 17.37
N ALA C 50 -7.71 -31.24 16.60
CA ALA C 50 -7.85 -31.43 15.19
C ALA C 50 -8.20 -30.12 14.46
N ILE C 51 -7.73 -30.08 13.23
CA ILE C 51 -7.94 -28.98 12.28
C ILE C 51 -8.34 -29.60 10.94
N ASN C 52 -9.34 -29.00 10.31
CA ASN C 52 -9.76 -29.37 8.97
C ASN C 52 -9.58 -28.17 8.02
N ASP C 53 -8.95 -28.38 6.87
CA ASP C 53 -8.81 -27.28 5.84
C ASP C 53 -8.88 -27.93 4.46
N LEU C 54 -8.19 -27.42 3.46
CA LEU C 54 -8.22 -27.96 2.13
C LEU C 54 -6.86 -28.21 1.65
N THR C 55 -5.89 -28.30 2.56
CA THR C 55 -4.51 -28.30 2.13
C THR C 55 -3.63 -29.21 2.99
N SER C 56 -2.33 -29.23 2.72
CA SER C 56 -1.47 -30.14 3.38
C SER C 56 -1.03 -29.61 4.75
N PRO C 57 -0.57 -30.52 5.60
CA PRO C 57 0.05 -30.11 6.86
C PRO C 57 1.23 -29.17 6.61
N LYS C 58 2.03 -29.47 5.58
CA LYS C 58 3.19 -28.63 5.25
C LYS C 58 2.80 -27.19 5.01
N ILE C 59 1.77 -26.94 4.20
CA ILE C 59 1.33 -25.58 3.92
C ILE C 59 0.67 -24.92 5.18
N LEU C 60 -0.05 -25.70 5.99
CA LEU C 60 -0.68 -25.12 7.17
C LEU C 60 0.40 -24.75 8.21
N ALA C 61 1.46 -25.57 8.23
CA ALA C 61 2.63 -25.31 9.11
C ALA C 61 3.35 -24.05 8.70
N TYR C 62 3.53 -23.91 7.41
CA TYR C 62 4.12 -22.68 6.87
C TYR C 62 3.35 -21.42 7.23
N LEU C 63 2.05 -21.45 7.03
CA LEU C 63 1.23 -20.30 7.29
C LEU C 63 1.14 -20.00 8.78
N LEU C 64 1.14 -21.06 9.63
CA LEU C 64 1.06 -20.89 11.07
C LEU C 64 2.37 -20.27 11.61
N LYS C 65 3.51 -20.74 11.13
CA LYS C 65 4.77 -20.19 11.56
C LYS C 65 5.02 -18.77 11.18
N HIS C 66 4.61 -18.38 9.96
CA HIS C 66 5.01 -17.06 9.38
C HIS C 66 3.74 -16.29 9.12
N ASP C 67 3.52 -15.21 9.83
CA ASP C 67 2.27 -14.41 9.73
C ASP C 67 2.59 -12.98 9.33
N SER C 68 2.02 -12.54 8.20
CA SER C 68 2.26 -11.16 7.72
C SER C 68 1.74 -10.06 8.63
N ASN C 69 0.77 -10.36 9.48
CA ASN C 69 0.24 -9.34 10.34
C ASN C 69 0.78 -9.35 11.78
N TYR C 70 1.10 -10.55 12.31
CA TYR C 70 1.46 -10.72 13.68
C TYR C 70 2.83 -11.27 13.92
N GLY C 71 3.58 -11.54 12.85
CA GLY C 71 4.93 -12.07 13.00
C GLY C 71 5.03 -13.51 13.39
N PRO C 72 6.24 -13.95 13.77
CA PRO C 72 6.53 -15.33 14.03
C PRO C 72 5.69 -15.97 15.08
N PHE C 73 5.23 -17.18 14.81
CA PHE C 73 4.42 -17.88 15.78
C PHE C 73 5.23 -17.98 17.09
N PRO C 74 4.60 -17.75 18.23
CA PRO C 74 5.40 -17.76 19.47
C PRO C 74 5.77 -19.13 20.03
N TRP C 75 5.40 -20.20 19.35
CA TRP C 75 5.70 -21.55 19.73
C TRP C 75 6.27 -22.29 18.53
N SER C 76 6.93 -23.40 18.80
CA SER C 76 7.45 -24.25 17.74
C SER C 76 6.31 -24.85 16.89
N VAL C 77 6.58 -25.01 15.60
CA VAL C 77 5.64 -25.57 14.61
C VAL C 77 6.37 -26.56 13.73
N ASP C 78 5.84 -27.77 13.63
CA ASP C 78 6.34 -28.76 12.72
C ASP C 78 5.12 -29.48 12.15
N PHE C 79 5.36 -30.30 11.16
CA PHE C 79 4.27 -31.07 10.56
C PHE C 79 4.75 -32.46 10.29
N THR C 80 3.78 -33.38 10.24
CA THR C 80 4.02 -34.71 9.71
C THR C 80 3.11 -34.87 8.54
N GLU C 81 3.14 -36.04 7.94
CA GLU C 81 2.21 -36.27 6.85
C GLU C 81 0.73 -36.07 7.13
N ASP C 82 0.34 -36.12 8.38
CA ASP C 82 -1.07 -35.96 8.77
C ASP C 82 -1.37 -35.18 10.05
N SER C 83 -0.42 -34.35 10.50
CA SER C 83 -0.61 -33.60 11.70
C SER C 83 0.24 -32.33 11.70
N LEU C 84 -0.09 -31.42 12.61
CA LEU C 84 0.85 -30.41 13.03
C LEU C 84 1.33 -30.82 14.42
N ILE C 85 2.58 -30.43 14.70
CA ILE C 85 3.13 -30.55 16.01
C ILE C 85 3.42 -29.11 16.49
N VAL C 86 2.68 -28.65 17.49
CA VAL C 86 2.76 -27.29 17.95
C VAL C 86 3.16 -27.27 19.39
N ASP C 87 4.27 -26.61 19.70
CA ASP C 87 4.89 -26.70 21.05
C ASP C 87 4.96 -28.13 21.58
N GLY C 88 5.29 -29.07 20.72
CA GLY C 88 5.39 -30.46 21.14
C GLY C 88 4.14 -31.27 21.17
N LYS C 89 2.98 -30.65 20.87
CA LYS C 89 1.66 -31.33 20.96
C LYS C 89 1.10 -31.57 19.58
N SER C 90 0.66 -32.78 19.33
CA SER C 90 0.10 -33.14 18.05
C SER C 90 -1.38 -32.65 17.85
N ILE C 91 -1.67 -32.23 16.59
CA ILE C 91 -3.02 -31.73 16.20
C ILE C 91 -3.26 -32.42 14.82
N ALA C 92 -4.25 -33.28 14.75
CA ALA C 92 -4.60 -33.97 13.51
C ALA C 92 -5.05 -32.95 12.43
N VAL C 93 -4.64 -33.21 11.22
CA VAL C 93 -4.97 -32.39 10.05
C VAL C 93 -5.81 -33.24 9.10
N TYR C 94 -6.99 -32.72 8.79
CA TYR C 94 -7.91 -33.33 7.74
C TYR C 94 -8.10 -32.30 6.65
N ALA C 95 -8.55 -32.80 5.48
CA ALA C 95 -8.75 -31.98 4.31
C ALA C 95 -10.06 -32.38 3.63
N GLU C 96 -11.16 -32.27 4.36
CA GLU C 96 -12.48 -32.68 3.89
C GLU C 96 -13.29 -31.43 3.58
N LYS C 97 -13.56 -31.21 2.30
CA LYS C 97 -14.34 -30.04 1.93
C LYS C 97 -15.77 -30.10 2.36
N GLU C 98 -16.30 -31.29 2.71
CA GLU C 98 -17.64 -31.39 3.28
C GLU C 98 -17.54 -31.76 4.72
N ALA C 99 -18.13 -30.92 5.55
CA ALA C 99 -17.99 -31.05 6.98
C ALA C 99 -18.50 -32.36 7.47
N LYS C 100 -19.52 -32.90 6.82
CA LYS C 100 -20.06 -34.18 7.31
C LYS C 100 -19.03 -35.30 7.25
N ASN C 101 -18.00 -35.16 6.40
CA ASN C 101 -16.96 -36.19 6.25
C ASN C 101 -15.75 -35.97 7.17
N ILE C 102 -15.77 -34.95 8.03
CA ILE C 102 -14.60 -34.73 8.89
C ILE C 102 -14.66 -35.74 10.04
N PRO C 103 -13.56 -36.47 10.29
CA PRO C 103 -13.67 -37.49 11.34
C PRO C 103 -13.38 -36.94 12.69
N TRP C 104 -14.29 -36.10 13.16
CA TRP C 104 -14.06 -35.45 14.41
C TRP C 104 -14.00 -36.42 15.58
N LYS C 105 -14.63 -37.60 15.43
CA LYS C 105 -14.56 -38.58 16.53
C LYS C 105 -13.16 -39.19 16.73
N ALA C 106 -12.34 -39.25 15.68
CA ALA C 106 -11.03 -39.96 15.76
C ALA C 106 -10.19 -39.42 16.91
N LYS C 107 -10.12 -38.10 17.06
CA LYS C 107 -9.41 -37.47 18.21
C LYS C 107 -10.29 -36.90 19.23
N GLY C 108 -11.59 -37.12 19.11
CA GLY C 108 -12.51 -36.69 20.16
C GLY C 108 -12.83 -35.19 20.23
N ALA C 109 -12.85 -34.55 19.07
CA ALA C 109 -13.12 -33.12 19.02
C ALA C 109 -14.62 -32.95 19.29
N GLU C 110 -14.95 -32.30 20.36
CA GLU C 110 -16.32 -32.08 20.74
C GLU C 110 -16.88 -30.73 20.35
N ILE C 111 -16.09 -29.66 20.49
CA ILE C 111 -16.53 -28.29 20.17
C ILE C 111 -15.77 -27.81 18.92
N ILE C 112 -16.52 -27.48 17.86
CA ILE C 112 -15.91 -27.08 16.62
C ILE C 112 -15.98 -25.53 16.53
N VAL C 113 -14.82 -24.92 16.26
CA VAL C 113 -14.75 -23.51 15.95
C VAL C 113 -14.83 -23.45 14.43
N GLU C 114 -15.95 -22.95 13.91
CA GLU C 114 -16.25 -23.04 12.48
C GLU C 114 -15.91 -21.69 11.80
N CYS C 115 -14.77 -21.71 11.10
CA CYS C 115 -14.12 -20.54 10.56
C CYS C 115 -13.89 -20.58 9.07
N THR C 116 -14.75 -21.31 8.32
CA THR C 116 -14.57 -21.38 6.86
C THR C 116 -15.38 -20.36 6.08
N GLY C 117 -16.41 -19.80 6.67
CA GLY C 117 -17.37 -19.02 5.92
C GLY C 117 -18.41 -19.85 5.18
N PHE C 118 -18.28 -21.18 5.18
CA PHE C 118 -19.20 -22.02 4.34
C PHE C 118 -20.25 -22.75 5.11
N TYR C 119 -20.31 -22.54 6.42
CA TYR C 119 -21.33 -23.21 7.26
C TYR C 119 -22.09 -22.27 8.17
N THR C 120 -22.46 -21.10 7.62
CA THR C 120 -22.97 -20.02 8.44
C THR C 120 -24.49 -20.09 8.64
N SER C 121 -24.97 -21.23 9.09
CA SER C 121 -26.34 -21.38 9.55
C SER C 121 -26.40 -22.62 10.43
N ALA C 122 -27.45 -22.70 11.20
CA ALA C 122 -27.75 -23.90 11.98
C ALA C 122 -27.86 -25.12 11.10
N GLU C 123 -28.50 -25.02 9.95
CA GLU C 123 -28.64 -26.18 9.09
C GLU C 123 -27.34 -26.63 8.46
N LYS C 124 -26.45 -25.71 8.17
CA LYS C 124 -25.20 -26.08 7.53
C LYS C 124 -24.25 -26.64 8.63
N SER C 125 -24.19 -25.95 9.76
CA SER C 125 -23.28 -26.37 10.83
C SER C 125 -23.73 -27.66 11.54
N GLN C 126 -25.01 -28.01 11.37
CA GLN C 126 -25.48 -29.37 11.70
C GLN C 126 -24.54 -30.48 11.20
N ALA C 127 -23.93 -30.32 10.03
CA ALA C 127 -23.06 -31.37 9.54
C ALA C 127 -21.95 -31.78 10.57
N HIS C 128 -21.45 -30.80 11.35
CA HIS C 128 -20.42 -31.10 12.38
C HIS C 128 -20.96 -31.98 13.48
N LEU C 129 -22.21 -31.76 13.90
CA LEU C 129 -22.86 -32.62 14.86
C LEU C 129 -23.14 -34.04 14.30
N ASP C 130 -23.55 -34.12 13.03
CA ASP C 130 -23.72 -35.40 12.32
C ASP C 130 -22.37 -36.16 12.23
N ALA C 131 -21.28 -35.41 12.10
CA ALA C 131 -19.96 -36.01 12.03
C ALA C 131 -19.44 -36.39 13.39
N GLY C 132 -20.18 -36.09 14.45
CA GLY C 132 -19.84 -36.54 15.80
C GLY C 132 -19.38 -35.54 16.81
N ALA C 133 -19.23 -34.26 16.41
CA ALA C 133 -19.10 -33.18 17.37
C ALA C 133 -20.38 -32.98 18.14
N LYS C 134 -20.26 -32.26 19.25
CA LYS C 134 -21.36 -31.88 20.14
C LYS C 134 -21.81 -30.44 20.09
N LYS C 135 -20.86 -29.50 19.84
CA LYS C 135 -21.23 -28.09 19.75
C LYS C 135 -20.43 -27.40 18.64
N VAL C 136 -21.00 -26.34 18.11
CA VAL C 136 -20.31 -25.54 17.07
C VAL C 136 -20.42 -24.09 17.46
N LEU C 137 -19.28 -23.39 17.39
N LEU C 137 -19.29 -23.37 17.32
CA LEU C 137 -19.26 -21.93 17.52
CA LEU C 137 -19.25 -21.92 17.54
C LEU C 137 -18.82 -21.42 16.16
C LEU C 137 -18.77 -21.25 16.25
N ILE C 138 -19.69 -20.59 15.56
CA ILE C 138 -19.47 -20.07 14.21
C ILE C 138 -18.82 -18.67 14.32
N SER C 139 -17.69 -18.48 13.62
CA SER C 139 -16.92 -17.25 13.64
C SER C 139 -17.46 -16.16 12.74
N ALA C 140 -18.78 -16.09 12.57
CA ALA C 140 -19.39 -15.12 11.65
C ALA C 140 -20.90 -15.10 11.90
N PRO C 141 -21.60 -14.07 11.41
CA PRO C 141 -23.10 -14.11 11.47
C PRO C 141 -23.63 -15.38 10.84
N ALA C 142 -24.66 -15.96 11.43
CA ALA C 142 -25.20 -17.22 10.93
C ALA C 142 -26.73 -17.25 11.08
N GLY C 143 -27.33 -16.17 10.65
CA GLY C 143 -28.77 -15.91 10.81
C GLY C 143 -29.32 -15.85 12.23
N GLU C 144 -30.57 -16.28 12.37
CA GLU C 144 -31.34 -16.13 13.63
C GLU C 144 -30.98 -17.30 14.53
N MET C 145 -29.84 -17.19 15.16
CA MET C 145 -29.40 -18.16 16.12
C MET C 145 -28.83 -17.33 17.19
N LYS C 146 -28.59 -17.93 18.34
CA LYS C 146 -27.97 -17.24 19.44
C LYS C 146 -26.60 -16.66 18.97
N THR C 147 -26.44 -15.39 19.21
CA THR C 147 -25.36 -14.57 18.61
C THR C 147 -24.77 -13.77 19.71
N ILE C 148 -23.49 -14.02 20.04
CA ILE C 148 -22.93 -13.48 21.28
C ILE C 148 -21.78 -12.51 21.03
N VAL C 149 -21.89 -11.35 21.60
CA VAL C 149 -20.75 -10.46 21.82
C VAL C 149 -20.39 -10.53 23.30
N TYR C 150 -19.22 -11.06 23.57
CA TYR C 150 -18.80 -11.23 24.97
C TYR C 150 -18.73 -9.92 25.71
N ASN C 151 -19.22 -9.99 26.95
CA ASN C 151 -19.42 -8.84 27.83
C ASN C 151 -20.53 -7.89 27.38
N VAL C 152 -21.33 -8.32 26.40
CA VAL C 152 -22.57 -7.62 26.08
C VAL C 152 -23.73 -8.55 26.41
N ASN C 153 -23.77 -9.73 25.82
CA ASN C 153 -24.90 -10.70 26.03
C ASN C 153 -24.49 -12.15 26.24
N ASP C 154 -23.29 -12.39 26.74
CA ASP C 154 -22.87 -13.79 26.93
C ASP C 154 -23.65 -14.52 28.04
N ASP C 155 -24.33 -13.79 28.91
N ASP C 155 -24.35 -13.78 28.92
CA ASP C 155 -25.17 -14.41 29.95
CA ASP C 155 -25.25 -14.35 29.93
C ASP C 155 -26.48 -14.98 29.41
C ASP C 155 -26.40 -15.16 29.35
N THR C 156 -26.72 -14.91 28.09
CA THR C 156 -27.78 -15.63 27.42
C THR C 156 -27.41 -17.03 27.00
N LEU C 157 -26.13 -17.44 27.12
CA LEU C 157 -25.80 -18.79 26.75
C LEU C 157 -26.25 -19.71 27.89
N ASP C 158 -26.50 -20.93 27.55
CA ASP C 158 -26.87 -21.93 28.54
C ASP C 158 -26.46 -23.31 28.06
N GLY C 159 -26.63 -24.32 28.93
CA GLY C 159 -26.25 -25.67 28.69
C GLY C 159 -26.96 -26.33 27.57
N ASN C 160 -28.10 -25.78 27.15
CA ASN C 160 -28.81 -26.33 26.01
C ASN C 160 -28.34 -25.88 24.63
N ASP C 161 -27.51 -24.83 24.54
CA ASP C 161 -27.07 -24.36 23.25
C ASP C 161 -26.10 -25.35 22.60
N THR C 162 -26.30 -25.65 21.35
CA THR C 162 -25.35 -26.46 20.62
C THR C 162 -24.68 -25.76 19.45
N ILE C 163 -25.35 -24.79 18.81
CA ILE C 163 -24.75 -24.02 17.74
C ILE C 163 -24.99 -22.55 17.99
N VAL C 164 -23.90 -21.73 18.05
CA VAL C 164 -23.96 -20.36 18.45
C VAL C 164 -23.02 -19.59 17.50
N SER C 165 -23.32 -18.32 17.30
CA SER C 165 -22.52 -17.41 16.45
C SER C 165 -21.90 -16.35 17.34
N VAL C 166 -20.72 -15.84 16.94
CA VAL C 166 -20.16 -14.64 17.56
C VAL C 166 -20.22 -13.45 16.63
N ALA C 167 -21.09 -13.52 15.63
CA ALA C 167 -21.27 -12.41 14.70
C ALA C 167 -19.97 -12.01 13.99
N SER C 168 -19.90 -10.77 13.50
CA SER C 168 -18.70 -10.34 12.71
C SER C 168 -17.78 -9.53 13.63
N ALA C 169 -16.59 -9.18 13.11
CA ALA C 169 -15.71 -8.22 13.85
C ALA C 169 -16.46 -6.91 14.03
N THR C 170 -17.13 -6.44 12.96
CA THR C 170 -17.88 -5.21 13.08
C THR C 170 -18.95 -5.25 14.20
N THR C 171 -19.67 -6.35 14.32
CA THR C 171 -20.65 -6.48 15.38
C THR C 171 -19.97 -6.38 16.75
N ASN C 172 -18.80 -7.01 16.88
CA ASN C 172 -18.10 -6.95 18.11
C ASN C 172 -17.57 -5.58 18.45
N CYS C 173 -17.30 -4.74 17.47
CA CYS C 173 -16.93 -3.36 17.69
C CYS C 173 -18.13 -2.48 18.05
N LEU C 174 -19.20 -2.65 17.31
CA LEU C 174 -20.43 -1.87 17.41
C LEU C 174 -21.18 -2.14 18.66
N ALA C 175 -21.43 -3.41 18.97
CA ALA C 175 -22.32 -3.78 20.09
C ALA C 175 -21.97 -3.13 21.44
N PRO C 176 -20.68 -3.16 21.87
CA PRO C 176 -20.39 -2.63 23.21
C PRO C 176 -20.61 -1.14 23.29
N MET C 177 -20.35 -0.41 22.20
CA MET C 177 -20.53 1.01 22.20
C MET C 177 -22.05 1.30 22.17
N ALA C 178 -22.77 0.57 21.35
CA ALA C 178 -24.24 0.77 21.29
C ALA C 178 -24.91 0.41 22.61
N LYS C 179 -24.44 -0.62 23.30
CA LYS C 179 -25.01 -1.04 24.54
C LYS C 179 -24.81 0.01 25.61
N ALA C 180 -23.58 0.53 25.74
CA ALA C 180 -23.33 1.62 26.67
C ALA C 180 -24.22 2.82 26.38
N LEU C 181 -24.32 3.22 25.11
CA LEU C 181 -25.13 4.39 24.77
C LEU C 181 -26.60 4.16 25.07
N HIS C 182 -27.07 2.96 24.71
CA HIS C 182 -28.47 2.62 24.94
C HIS C 182 -28.79 2.60 26.46
N ASP C 183 -27.92 1.96 27.23
CA ASP C 183 -28.12 1.86 28.68
C ASP C 183 -28.10 3.25 29.37
N SER C 184 -27.20 4.13 28.97
CA SER C 184 -27.03 5.46 29.56
C SER C 184 -28.05 6.50 29.10
N PHE C 185 -28.36 6.53 27.79
CA PHE C 185 -29.05 7.62 27.21
C PHE C 185 -30.26 7.24 26.37
N GLY C 186 -30.36 5.95 26.00
CA GLY C 186 -31.24 5.47 24.91
C GLY C 186 -30.74 5.83 23.51
N ILE C 187 -30.88 4.89 22.57
CA ILE C 187 -30.68 5.21 21.18
C ILE C 187 -32.02 5.10 20.46
N GLU C 188 -32.40 6.12 19.79
CA GLU C 188 -33.71 6.18 19.15
C GLU C 188 -33.59 5.62 17.75
N VAL C 189 -32.47 6.01 17.07
CA VAL C 189 -32.17 5.57 15.73
C VAL C 189 -30.65 5.84 15.47
N GLY C 190 -30.05 5.09 14.60
CA GLY C 190 -28.65 5.30 14.31
C GLY C 190 -28.15 4.72 13.01
N THR C 191 -27.08 5.30 12.44
CA THR C 191 -26.42 4.68 11.31
C THR C 191 -24.91 4.62 11.47
N MET C 192 -24.34 3.50 11.00
CA MET C 192 -22.96 3.18 11.23
C MET C 192 -22.21 3.19 9.93
N THR C 193 -20.96 3.61 9.96
CA THR C 193 -20.05 3.32 8.86
C THR C 193 -18.75 2.83 9.51
N THR C 194 -18.27 1.71 9.05
CA THR C 194 -16.97 1.22 9.50
C THR C 194 -15.98 1.41 8.34
N ILE C 195 -14.86 2.02 8.66
CA ILE C 195 -13.77 2.21 7.73
C ILE C 195 -12.82 1.04 8.10
N ALA C 196 -12.68 0.05 7.22
CA ALA C 196 -12.26 -1.29 7.69
C ALA C 196 -11.19 -1.87 6.77
N ALA C 197 -10.27 -2.56 7.41
CA ALA C 197 -9.25 -3.31 6.66
C ALA C 197 -9.82 -4.31 5.69
N TYR C 198 -9.08 -4.53 4.61
CA TYR C 198 -9.47 -5.52 3.65
C TYR C 198 -9.25 -6.93 4.14
N THR C 199 -10.08 -7.85 3.65
CA THR C 199 -10.06 -9.26 4.06
C THR C 199 -10.10 -10.20 2.88
N GLY C 200 -10.07 -11.48 3.18
CA GLY C 200 -9.96 -12.54 2.18
C GLY C 200 -11.16 -12.69 1.28
N THR C 201 -12.27 -12.02 1.61
CA THR C 201 -13.43 -12.06 0.72
C THR C 201 -13.28 -11.14 -0.49
N GLN C 202 -12.31 -10.25 -0.41
CA GLN C 202 -12.04 -9.27 -1.45
C GLN C 202 -11.03 -9.79 -2.49
N SER C 203 -10.60 -8.98 -3.42
CA SER C 203 -9.81 -9.38 -4.56
C SER C 203 -8.47 -8.68 -4.60
N LEU C 204 -7.42 -9.43 -4.96
CA LEU C 204 -6.13 -8.84 -5.10
C LEU C 204 -6.02 -8.01 -6.34
N VAL C 205 -6.46 -8.56 -7.46
CA VAL C 205 -6.51 -7.77 -8.71
C VAL C 205 -7.97 -7.72 -9.16
N ASP C 206 -8.29 -6.77 -10.03
CA ASP C 206 -9.70 -6.69 -10.52
C ASP C 206 -10.06 -7.98 -11.17
N GLY C 207 -11.10 -8.64 -10.66
CA GLY C 207 -11.58 -9.87 -11.26
C GLY C 207 -12.79 -10.46 -10.54
N PRO C 208 -13.47 -11.42 -11.14
CA PRO C 208 -14.73 -11.86 -10.51
C PRO C 208 -14.60 -12.33 -9.12
N ARG C 209 -15.56 -11.97 -8.26
CA ARG C 209 -15.55 -12.36 -6.84
C ARG C 209 -17.01 -12.60 -6.38
N GLY C 210 -17.60 -13.73 -6.79
CA GLY C 210 -19.04 -13.96 -6.52
C GLY C 210 -19.86 -12.98 -7.27
N LYS C 211 -21.01 -12.60 -6.71
CA LYS C 211 -21.93 -11.67 -7.35
C LYS C 211 -21.76 -10.20 -7.02
N ASP C 212 -20.94 -9.85 -6.02
CA ASP C 212 -20.79 -8.50 -5.48
C ASP C 212 -19.83 -7.80 -6.46
N LEU C 213 -20.33 -6.81 -7.17
CA LEU C 213 -19.50 -6.16 -8.14
C LEU C 213 -18.31 -5.46 -7.42
N ARG C 214 -18.61 -4.69 -6.42
CA ARG C 214 -17.52 -3.96 -5.72
C ARG C 214 -16.44 -4.85 -5.12
N ALA C 215 -16.78 -6.07 -4.72
CA ALA C 215 -15.83 -7.02 -4.15
C ALA C 215 -14.78 -7.50 -5.19
N SER C 216 -15.11 -7.30 -6.47
CA SER C 216 -14.27 -7.70 -7.57
C SER C 216 -13.04 -6.81 -7.73
N ARG C 217 -13.00 -5.70 -7.04
CA ARG C 217 -12.01 -4.64 -7.32
C ARG C 217 -10.80 -4.72 -6.39
N ALA C 218 -9.64 -4.34 -6.93
CA ALA C 218 -8.32 -4.45 -6.24
C ALA C 218 -8.36 -3.80 -4.89
N ALA C 219 -8.28 -4.62 -3.84
CA ALA C 219 -8.56 -4.16 -2.49
C ALA C 219 -7.54 -3.28 -1.89
N ALA C 220 -6.26 -3.44 -2.27
CA ALA C 220 -5.20 -2.62 -1.71
C ALA C 220 -4.99 -1.36 -2.55
N GLU C 221 -5.89 -1.09 -3.50
CA GLU C 221 -5.74 0.04 -4.41
C GLU C 221 -7.02 0.90 -4.45
N ASN C 222 -7.97 0.63 -3.55
CA ASN C 222 -9.26 1.33 -3.65
C ASN C 222 -9.88 1.49 -2.30
N ILE C 223 -10.72 2.53 -2.18
CA ILE C 223 -11.80 2.60 -1.19
C ILE C 223 -13.02 1.93 -1.78
N ILE C 224 -13.49 0.88 -1.09
CA ILE C 224 -14.53 0.00 -1.64
C ILE C 224 -15.71 -0.06 -0.71
N PRO C 225 -16.86 0.53 -1.13
CA PRO C 225 -18.06 0.30 -0.33
C PRO C 225 -18.48 -1.16 -0.22
N HIS C 226 -18.97 -1.53 0.94
CA HIS C 226 -19.10 -2.95 1.27
C HIS C 226 -20.26 -3.17 2.23
N THR C 227 -21.14 -4.12 1.92
CA THR C 227 -22.29 -4.27 2.81
C THR C 227 -21.86 -5.10 4.04
N THR C 228 -22.48 -4.84 5.19
CA THR C 228 -22.27 -5.60 6.40
C THR C 228 -23.63 -5.59 7.13
N GLY C 229 -23.98 -6.69 7.78
CA GLY C 229 -25.19 -6.78 8.57
C GLY C 229 -25.02 -6.37 10.00
N ALA C 230 -23.89 -5.78 10.37
CA ALA C 230 -23.63 -5.59 11.79
C ALA C 230 -24.73 -4.78 12.50
N ALA C 231 -25.08 -3.64 11.89
CA ALA C 231 -26.13 -2.75 12.37
C ALA C 231 -27.56 -3.36 12.24
N LYS C 232 -27.85 -3.94 11.08
CA LYS C 232 -29.17 -4.42 10.74
C LYS C 232 -29.58 -5.54 11.66
N ALA C 233 -28.65 -6.47 11.96
CA ALA C 233 -28.88 -7.63 12.86
C ALA C 233 -28.52 -7.40 14.34
N ILE C 234 -28.33 -6.16 14.75
CA ILE C 234 -27.83 -5.86 16.11
C ILE C 234 -28.79 -6.36 17.18
N GLY C 235 -30.05 -6.52 16.82
CA GLY C 235 -31.04 -6.99 17.74
C GLY C 235 -30.84 -8.38 18.25
N LEU C 236 -30.07 -9.22 17.55
CA LEU C 236 -29.69 -10.49 18.09
C LEU C 236 -28.87 -10.34 19.33
N VAL C 237 -28.12 -9.26 19.41
CA VAL C 237 -27.18 -9.02 20.50
C VAL C 237 -27.75 -8.06 21.56
N ILE C 238 -28.44 -7.00 21.11
CA ILE C 238 -29.07 -6.01 21.96
C ILE C 238 -30.54 -5.89 21.52
N PRO C 239 -31.40 -6.73 22.07
CA PRO C 239 -32.78 -6.83 21.50
C PRO C 239 -33.55 -5.51 21.43
N GLU C 240 -33.29 -4.63 22.37
CA GLU C 240 -33.97 -3.32 22.42
C GLU C 240 -33.65 -2.48 21.21
N LEU C 241 -32.54 -2.77 20.51
CA LEU C 241 -32.19 -1.94 19.36
C LEU C 241 -32.58 -2.60 18.02
N SER C 242 -33.37 -3.67 18.06
CA SER C 242 -33.79 -4.31 16.81
C SER C 242 -34.46 -3.29 15.91
N GLY C 243 -34.05 -3.29 14.66
CA GLY C 243 -34.60 -2.38 13.70
C GLY C 243 -34.23 -0.93 13.77
N LYS C 244 -33.42 -0.48 14.73
CA LYS C 244 -33.12 0.88 14.95
C LYS C 244 -31.82 1.38 14.32
N LEU C 245 -31.02 0.41 13.84
CA LEU C 245 -29.72 0.74 13.20
C LEU C 245 -29.61 0.22 11.80
N LYS C 246 -28.99 1.04 10.95
CA LYS C 246 -28.47 0.55 9.70
C LYS C 246 -26.95 0.86 9.57
N GLY C 247 -26.35 0.39 8.50
CA GLY C 247 -24.95 0.80 8.29
C GLY C 247 -24.30 0.06 7.17
N HIS C 248 -23.03 0.44 6.91
CA HIS C 248 -22.22 -0.21 5.86
C HIS C 248 -20.73 -0.02 6.17
N ALA C 249 -19.90 -0.59 5.35
CA ALA C 249 -18.42 -0.47 5.49
C ALA C 249 -17.87 0.24 4.27
N GLN C 250 -16.72 0.89 4.47
CA GLN C 250 -15.83 1.28 3.38
C GLN C 250 -14.56 0.49 3.61
N ARG C 251 -14.31 -0.49 2.76
CA ARG C 251 -13.06 -1.25 2.87
C ARG C 251 -11.87 -0.50 2.28
N VAL C 252 -10.70 -0.40 2.98
CA VAL C 252 -9.63 0.47 2.59
C VAL C 252 -8.30 -0.30 2.66
N PRO C 253 -7.26 0.24 2.07
CA PRO C 253 -6.00 -0.54 2.00
C PRO C 253 -5.14 -0.54 3.28
N VAL C 254 -5.65 -1.10 4.36
CA VAL C 254 -4.84 -1.48 5.50
C VAL C 254 -5.09 -2.96 5.74
N LYS C 255 -4.04 -3.62 6.17
CA LYS C 255 -4.11 -5.06 6.28
C LYS C 255 -4.90 -5.65 7.43
N THR C 256 -4.91 -4.95 8.56
CA THR C 256 -5.78 -5.29 9.64
C THR C 256 -5.89 -4.00 10.48
N GLY C 257 -6.94 -3.90 11.27
CA GLY C 257 -7.17 -2.70 12.12
C GLY C 257 -8.19 -1.88 11.43
N SER C 258 -9.29 -1.58 12.15
CA SER C 258 -10.47 -1.00 11.57
C SER C 258 -11.12 -0.05 12.57
N VAL C 259 -12.09 0.74 12.12
CA VAL C 259 -12.73 1.75 13.02
C VAL C 259 -14.19 1.83 12.64
N THR C 260 -15.04 2.02 13.63
CA THR C 260 -16.49 2.06 13.43
C THR C 260 -17.00 3.37 13.98
N GLU C 261 -17.67 4.13 13.13
CA GLU C 261 -18.41 5.31 13.56
C GLU C 261 -19.87 5.03 13.63
N LEU C 262 -20.52 5.54 14.68
CA LEU C 262 -21.99 5.43 14.78
C LEU C 262 -22.55 6.81 14.95
N VAL C 263 -23.57 7.16 14.16
CA VAL C 263 -24.26 8.44 14.32
C VAL C 263 -25.65 8.13 14.81
N SER C 264 -26.01 8.71 15.97
CA SER C 264 -27.17 8.33 16.75
C SER C 264 -28.01 9.55 17.11
N ILE C 265 -29.33 9.37 17.13
CA ILE C 265 -30.22 10.26 17.94
C ILE C 265 -30.43 9.53 19.23
N LEU C 266 -30.04 10.14 20.34
CA LEU C 266 -30.14 9.55 21.65
C LEU C 266 -31.45 10.05 22.27
N GLY C 267 -31.84 9.36 23.32
CA GLY C 267 -33.01 9.74 24.13
C GLY C 267 -32.93 10.93 25.02
N LYS C 268 -31.78 11.58 25.11
CA LYS C 268 -31.70 12.77 25.89
C LYS C 268 -30.58 13.62 25.36
N LYS C 269 -30.65 14.91 25.65
CA LYS C 269 -29.61 15.82 25.24
C LYS C 269 -28.33 15.53 26.10
N VAL C 270 -27.17 15.59 25.46
CA VAL C 270 -25.88 15.24 26.12
C VAL C 270 -24.77 16.18 25.73
N THR C 271 -23.68 16.17 26.53
CA THR C 271 -22.43 16.78 26.13
C THR C 271 -21.42 15.64 25.76
N ALA C 272 -20.42 16.05 25.02
CA ALA C 272 -19.30 15.14 24.70
C ALA C 272 -18.70 14.54 25.97
N GLU C 273 -18.47 15.38 27.02
CA GLU C 273 -17.94 14.83 28.31
C GLU C 273 -18.79 13.77 28.92
N GLU C 274 -20.10 14.00 28.89
CA GLU C 274 -21.00 13.11 29.49
C GLU C 274 -21.05 11.73 28.77
N VAL C 275 -21.04 11.79 27.46
CA VAL C 275 -20.92 10.59 26.62
C VAL C 275 -19.60 9.88 26.91
N ASN C 276 -18.50 10.63 26.95
CA ASN C 276 -17.18 9.97 27.22
C ASN C 276 -17.10 9.36 28.59
N ASN C 277 -17.65 10.02 29.60
CA ASN C 277 -17.72 9.44 30.94
C ASN C 277 -18.55 8.20 31.07
N ALA C 278 -19.69 8.15 30.38
CA ALA C 278 -20.52 6.97 30.39
C ALA C 278 -19.75 5.81 29.76
N LEU C 279 -19.13 6.12 28.62
CA LEU C 279 -18.33 5.08 27.97
C LEU C 279 -17.15 4.60 28.82
N LYS C 280 -16.42 5.55 29.44
CA LYS C 280 -15.35 5.22 30.39
C LYS C 280 -15.80 4.22 31.42
N GLN C 281 -16.94 4.53 32.04
CA GLN C 281 -17.51 3.67 33.04
C GLN C 281 -17.85 2.29 32.54
N ALA C 282 -18.38 2.18 31.32
CA ALA C 282 -18.74 0.91 30.76
C ALA C 282 -17.49 0.07 30.43
N THR C 283 -16.36 0.73 30.22
CA THR C 283 -15.11 0.00 29.89
C THR C 283 -14.31 -0.36 31.17
N THR C 284 -14.76 0.07 32.34
CA THR C 284 -13.96 -0.14 33.58
C THR C 284 -14.09 -1.58 33.96
N ASN C 285 -12.97 -2.27 34.25
CA ASN C 285 -13.01 -3.69 34.60
C ASN C 285 -13.71 -4.54 33.51
N ASN C 286 -13.44 -4.17 32.26
CA ASN C 286 -14.08 -4.80 31.14
C ASN C 286 -12.99 -5.26 30.22
N GLU C 287 -12.76 -6.55 30.31
CA GLU C 287 -11.69 -7.25 29.61
C GLU C 287 -11.98 -7.24 28.07
N SER C 288 -13.24 -7.02 27.68
CA SER C 288 -13.64 -7.04 26.28
C SER C 288 -13.64 -5.70 25.58
N PHE C 289 -13.84 -4.61 26.33
CA PHE C 289 -14.11 -3.25 25.78
C PHE C 289 -13.17 -2.27 26.41
N GLY C 290 -12.30 -1.69 25.61
CA GLY C 290 -11.27 -0.73 26.06
C GLY C 290 -11.69 0.70 25.82
N TYR C 291 -10.95 1.60 26.44
CA TYR C 291 -11.13 3.01 26.25
C TYR C 291 -9.80 3.64 25.89
N THR C 292 -9.81 4.64 25.03
CA THR C 292 -8.68 5.51 24.84
C THR C 292 -9.03 6.94 24.72
N ASP C 293 -8.19 7.81 25.28
CA ASP C 293 -8.22 9.22 24.88
C ASP C 293 -6.93 9.75 24.27
N GLU C 294 -6.15 8.82 23.72
CA GLU C 294 -4.96 9.14 23.00
C GLU C 294 -5.29 9.18 21.54
N GLU C 295 -4.46 9.90 20.79
CA GLU C 295 -4.70 10.20 19.37
C GLU C 295 -4.18 9.06 18.47
N ILE C 296 -4.68 7.86 18.72
CA ILE C 296 -4.14 6.68 18.04
C ILE C 296 -4.68 6.60 16.60
N VAL C 297 -4.02 5.75 15.81
CA VAL C 297 -4.37 5.49 14.41
C VAL C 297 -4.48 3.96 14.28
N SER C 298 -4.95 3.49 13.13
CA SER C 298 -5.31 2.10 13.06
C SER C 298 -4.18 1.09 13.41
N SER C 299 -2.95 1.38 13.01
CA SER C 299 -1.89 0.43 13.34
C SER C 299 -1.73 0.23 14.86
N ASP C 300 -2.12 1.22 15.68
CA ASP C 300 -2.06 1.13 17.15
C ASP C 300 -3.04 0.14 17.74
N ILE C 301 -4.02 -0.33 16.94
CA ILE C 301 -4.96 -1.31 17.42
C ILE C 301 -4.56 -2.72 17.06
N ILE C 302 -3.54 -2.90 16.21
CA ILE C 302 -3.10 -4.22 15.78
C ILE C 302 -2.54 -5.00 16.97
N GLY C 303 -3.12 -6.16 17.20
CA GLY C 303 -2.85 -7.02 18.31
C GLY C 303 -3.57 -6.68 19.58
N SER C 304 -4.58 -5.82 19.51
CA SER C 304 -5.46 -5.50 20.64
C SER C 304 -6.06 -6.75 21.26
N HIS C 305 -6.18 -6.75 22.60
CA HIS C 305 -6.86 -7.84 23.28
C HIS C 305 -8.29 -7.44 23.69
N PHE C 306 -8.78 -6.38 23.08
CA PHE C 306 -10.20 -6.01 23.20
C PHE C 306 -10.97 -6.35 21.92
N GLY C 307 -12.28 -6.56 22.03
CA GLY C 307 -13.12 -6.55 20.80
C GLY C 307 -13.36 -5.19 20.18
N SER C 308 -13.24 -4.15 20.99
CA SER C 308 -13.63 -2.78 20.65
C SER C 308 -12.87 -1.85 21.60
N VAL C 309 -12.40 -0.73 21.12
CA VAL C 309 -11.79 0.31 21.99
C VAL C 309 -12.41 1.63 21.63
N PHE C 310 -13.20 2.16 22.58
CA PHE C 310 -13.89 3.44 22.35
C PHE C 310 -12.87 4.54 22.39
N ASP C 311 -12.96 5.44 21.42
CA ASP C 311 -12.08 6.56 21.29
C ASP C 311 -12.79 7.89 21.55
N ALA C 312 -12.56 8.35 22.79
CA ALA C 312 -13.14 9.63 23.26
C ALA C 312 -12.72 10.82 22.49
N THR C 313 -11.56 10.76 21.84
CA THR C 313 -11.10 11.87 20.99
C THR C 313 -11.92 12.16 19.74
N GLN C 314 -12.74 11.22 19.28
CA GLN C 314 -13.50 11.38 18.10
C GLN C 314 -14.98 11.64 18.39
N THR C 315 -15.33 11.73 19.67
CA THR C 315 -16.75 12.04 20.03
C THR C 315 -17.15 13.39 19.50
N GLU C 316 -18.35 13.50 18.88
CA GLU C 316 -18.78 14.74 18.32
C GLU C 316 -20.32 14.87 18.52
N ILE C 317 -20.71 16.01 19.05
CA ILE C 317 -22.16 16.32 19.29
C ILE C 317 -22.49 17.48 18.35
N THR C 318 -23.47 17.32 17.44
CA THR C 318 -23.86 18.36 16.53
C THR C 318 -25.29 18.71 16.90
N ALA C 319 -25.53 19.97 17.23
CA ALA C 319 -26.89 20.32 17.73
C ALA C 319 -27.41 21.61 17.16
N VAL C 320 -28.69 21.62 16.77
CA VAL C 320 -29.41 22.80 16.35
C VAL C 320 -30.78 22.72 17.08
N GLY C 321 -31.04 23.66 17.97
CA GLY C 321 -32.24 23.57 18.78
C GLY C 321 -32.33 22.29 19.59
N ASP C 322 -33.46 21.60 19.47
CA ASP C 322 -33.66 20.36 20.18
C ASP C 322 -33.26 19.19 19.32
N LEU C 323 -32.55 19.44 18.23
CA LEU C 323 -32.05 18.37 17.38
C LEU C 323 -30.55 18.16 17.66
N GLN C 324 -30.22 16.90 17.91
CA GLN C 324 -28.84 16.53 18.27
C GLN C 324 -28.49 15.24 17.52
N LEU C 325 -27.32 15.27 16.86
CA LEU C 325 -26.65 14.07 16.34
C LEU C 325 -25.41 13.80 17.17
N VAL C 326 -25.23 12.56 17.59
CA VAL C 326 -24.09 12.12 18.40
C VAL C 326 -23.27 11.13 17.58
N LYS C 327 -22.02 11.47 17.31
CA LYS C 327 -21.12 10.53 16.60
C LYS C 327 -20.14 9.97 17.60
N THR C 328 -20.14 8.65 17.72
CA THR C 328 -19.22 7.92 18.62
C THR C 328 -18.39 6.93 17.79
N VAL C 329 -17.12 6.79 18.19
CA VAL C 329 -16.16 6.09 17.37
C VAL C 329 -15.38 5.10 18.19
N ALA C 330 -15.26 3.86 17.70
CA ALA C 330 -14.52 2.82 18.33
C ALA C 330 -13.61 2.03 17.35
N TRP C 331 -12.40 1.76 17.79
CA TRP C 331 -11.44 0.99 16.98
C TRP C 331 -11.67 -0.48 17.27
N TYR C 332 -11.18 -1.32 16.36
CA TYR C 332 -11.11 -2.72 16.57
C TYR C 332 -10.07 -3.38 15.68
N ASP C 333 -9.35 -4.37 16.21
CA ASP C 333 -8.53 -5.19 15.37
C ASP C 333 -9.42 -6.30 14.92
N ASN C 334 -9.89 -6.19 13.69
CA ASN C 334 -10.89 -7.14 13.14
C ASN C 334 -10.32 -8.56 13.05
N GLU C 335 -9.00 -8.74 13.03
CA GLU C 335 -8.47 -10.07 13.21
C GLU C 335 -8.26 -10.40 14.72
N TYR C 336 -7.15 -10.00 15.34
CA TYR C 336 -6.81 -10.54 16.68
C TYR C 336 -7.77 -10.13 17.79
N GLY C 337 -8.29 -8.93 17.69
CA GLY C 337 -9.20 -8.30 18.67
C GLY C 337 -10.49 -9.07 18.74
N PHE C 338 -11.06 -9.26 17.55
CA PHE C 338 -12.24 -10.09 17.38
C PHE C 338 -11.95 -11.51 17.90
N VAL C 339 -10.77 -12.08 17.53
CA VAL C 339 -10.45 -13.39 18.00
C VAL C 339 -10.44 -13.46 19.52
N THR C 340 -9.97 -12.44 20.22
CA THR C 340 -9.96 -12.51 21.69
C THR C 340 -11.40 -12.65 22.26
N GLN C 341 -12.35 -12.00 21.60
CA GLN C 341 -13.82 -12.16 21.88
C GLN C 341 -14.32 -13.54 21.55
N LEU C 342 -13.93 -14.07 20.40
CA LEU C 342 -14.28 -15.41 20.04
C LEU C 342 -13.82 -16.41 21.11
N ILE C 343 -12.56 -16.28 21.55
CA ILE C 343 -12.03 -17.14 22.62
C ILE C 343 -12.76 -17.00 23.95
N ARG C 344 -13.06 -15.79 24.36
CA ARG C 344 -13.80 -15.63 25.64
C ARG C 344 -15.13 -16.36 25.53
N THR C 345 -15.83 -16.16 24.41
CA THR C 345 -17.08 -16.92 24.21
C THR C 345 -16.89 -18.41 24.19
N LEU C 346 -15.85 -18.88 23.50
CA LEU C 346 -15.56 -20.26 23.41
C LEU C 346 -15.32 -20.87 24.78
N GLU C 347 -14.63 -20.14 25.63
CA GLU C 347 -14.26 -20.66 26.94
C GLU C 347 -15.52 -20.86 27.79
N LYS C 348 -16.41 -19.87 27.71
CA LYS C 348 -17.65 -19.97 28.45
C LYS C 348 -18.54 -21.07 27.90
N PHE C 349 -18.73 -21.11 26.56
CA PHE C 349 -19.54 -22.07 25.85
C PHE C 349 -19.06 -23.50 26.16
N ALA C 350 -17.76 -23.65 26.31
CA ALA C 350 -17.19 -24.94 26.71
C ALA C 350 -17.50 -25.37 28.14
N LYS C 351 -17.59 -24.45 29.09
CA LYS C 351 -17.93 -24.82 30.49
C LYS C 351 -19.46 -25.11 30.79
N LEU C 352 -20.36 -25.12 29.79
CA LEU C 352 -21.81 -25.18 30.09
C LEU C 352 -22.43 -26.57 29.93
N MET D 20 -8.71 40.27 -17.18
CA MET D 20 -7.44 39.70 -16.63
C MET D 20 -7.17 38.31 -17.23
N SER D 21 -5.96 38.14 -17.77
CA SER D 21 -5.54 36.84 -18.35
C SER D 21 -4.05 36.51 -18.10
N LYS D 22 -3.46 37.10 -17.05
CA LYS D 22 -2.14 36.74 -16.59
C LYS D 22 -2.24 36.22 -15.20
N VAL D 23 -1.67 35.01 -15.05
CA VAL D 23 -1.77 34.26 -13.85
C VAL D 23 -0.37 33.90 -13.33
N GLY D 24 -0.15 34.14 -12.06
CA GLY D 24 1.02 33.56 -11.37
C GLY D 24 0.54 32.37 -10.56
N ILE D 25 1.31 31.28 -10.49
CA ILE D 25 1.03 30.19 -9.52
C ILE D 25 2.03 30.27 -8.41
N ASN D 26 1.59 30.47 -7.22
CA ASN D 26 2.46 30.35 -6.10
C ASN D 26 2.29 28.95 -5.51
N GLY D 27 3.30 28.09 -5.70
CA GLY D 27 3.25 26.72 -5.12
C GLY D 27 2.88 25.78 -6.22
N PHE D 28 3.90 25.24 -6.91
CA PHE D 28 3.67 24.44 -8.08
C PHE D 28 3.72 22.95 -7.64
N GLY D 29 2.82 22.63 -6.71
CA GLY D 29 2.66 21.30 -6.13
C GLY D 29 1.63 20.49 -6.80
N ARG D 30 1.01 19.55 -6.03
CA ARG D 30 0.04 18.66 -6.63
C ARG D 30 -1.03 19.56 -7.26
N ILE D 31 -1.51 20.52 -6.47
CA ILE D 31 -2.61 21.42 -6.99
C ILE D 31 -2.11 22.38 -8.08
N GLY D 32 -1.01 23.05 -7.79
CA GLY D 32 -0.37 23.98 -8.73
C GLY D 32 -0.05 23.42 -10.08
N ARG D 33 0.60 22.23 -10.15
CA ARG D 33 0.78 21.54 -11.44
C ARG D 33 -0.46 21.13 -12.17
N LEU D 34 -1.44 20.62 -11.46
CA LEU D 34 -2.66 20.18 -12.12
C LEU D 34 -3.48 21.40 -12.64
N VAL D 35 -3.38 22.51 -11.93
CA VAL D 35 -3.98 23.80 -12.43
C VAL D 35 -3.49 24.09 -13.82
N LEU D 36 -2.18 24.02 -14.01
CA LEU D 36 -1.66 24.20 -15.35
C LEU D 36 -2.13 23.14 -16.34
N ARG D 37 -2.09 21.85 -15.96
CA ARG D 37 -2.58 20.80 -16.78
C ARG D 37 -4.02 21.05 -17.27
N ARG D 38 -4.85 21.54 -16.34
CA ARG D 38 -6.30 21.63 -16.63
C ARG D 38 -6.50 22.90 -17.52
N LEU D 39 -5.82 23.99 -17.17
CA LEU D 39 -5.84 25.18 -18.08
C LEU D 39 -5.54 24.81 -19.51
N LEU D 40 -4.50 24.02 -19.77
CA LEU D 40 -4.23 23.53 -21.14
C LEU D 40 -5.23 22.58 -21.72
N GLU D 41 -5.74 21.66 -20.90
CA GLU D 41 -6.72 20.72 -21.36
C GLU D 41 -7.95 21.49 -21.80
N VAL D 42 -8.34 22.54 -21.07
CA VAL D 42 -9.59 23.30 -21.47
C VAL D 42 -9.29 24.46 -22.42
N LYS D 43 -8.01 24.72 -22.72
CA LYS D 43 -7.62 25.78 -23.67
C LYS D 43 -8.00 27.13 -23.16
N SER D 44 -7.82 27.34 -21.86
CA SER D 44 -8.17 28.57 -21.28
C SER D 44 -7.42 29.64 -22.08
N ASN D 45 -7.99 30.83 -22.09
CA ASN D 45 -7.29 31.99 -22.61
C ASN D 45 -6.46 32.65 -21.55
N ILE D 46 -6.49 32.09 -20.32
CA ILE D 46 -5.57 32.46 -19.30
C ILE D 46 -4.16 32.00 -19.70
N ASP D 47 -3.15 32.75 -19.30
CA ASP D 47 -1.77 32.31 -19.48
C ASP D 47 -1.09 32.46 -18.16
N VAL D 48 -0.47 31.33 -17.78
CA VAL D 48 0.38 31.30 -16.67
C VAL D 48 1.66 31.91 -17.25
N VAL D 49 2.13 32.94 -16.60
CA VAL D 49 3.36 33.63 -17.01
C VAL D 49 4.47 33.45 -16.01
N ALA D 50 4.12 33.16 -14.77
CA ALA D 50 5.08 32.98 -13.73
C ALA D 50 4.65 31.85 -12.79
N ILE D 51 5.64 31.10 -12.31
CA ILE D 51 5.49 30.13 -11.25
C ILE D 51 6.49 30.47 -10.19
N ASN D 52 6.07 30.59 -8.94
CA ASN D 52 6.97 30.65 -7.82
C ASN D 52 6.94 29.33 -7.02
N ASP D 53 8.12 28.80 -6.65
CA ASP D 53 8.21 27.60 -5.82
C ASP D 53 9.49 27.64 -5.02
N LEU D 54 10.08 26.51 -4.67
CA LEU D 54 11.26 26.55 -3.85
C LEU D 54 12.42 25.82 -4.49
N THR D 55 12.36 25.61 -5.79
CA THR D 55 13.27 24.74 -6.45
C THR D 55 13.63 25.22 -7.84
N SER D 56 14.34 24.37 -8.58
CA SER D 56 14.78 24.66 -9.89
C SER D 56 13.80 24.36 -10.97
N PRO D 57 13.91 25.05 -12.11
CA PRO D 57 13.22 24.73 -13.36
C PRO D 57 13.42 23.26 -13.76
N LYS D 58 14.64 22.71 -13.60
CA LYS D 58 14.85 21.28 -13.90
C LYS D 58 13.89 20.34 -13.12
N ILE D 59 13.80 20.56 -11.84
CA ILE D 59 13.04 19.71 -10.94
C ILE D 59 11.52 19.93 -11.15
N LEU D 60 11.13 21.17 -11.44
CA LEU D 60 9.73 21.46 -11.70
C LEU D 60 9.36 20.85 -12.98
N ALA D 61 10.25 20.89 -13.97
CA ALA D 61 9.95 20.26 -15.21
C ALA D 61 9.77 18.73 -15.09
N TYR D 62 10.68 18.12 -14.32
CA TYR D 62 10.64 16.67 -14.07
C TYR D 62 9.27 16.34 -13.45
N LEU D 63 8.88 17.12 -12.46
CA LEU D 63 7.62 16.87 -11.74
C LEU D 63 6.39 17.06 -12.61
N LEU D 64 6.46 18.02 -13.51
CA LEU D 64 5.35 18.31 -14.37
C LEU D 64 5.26 17.25 -15.43
N LYS D 65 6.41 16.77 -15.91
CA LYS D 65 6.43 15.81 -16.96
C LYS D 65 5.94 14.42 -16.54
N HIS D 66 6.29 14.08 -15.31
CA HIS D 66 6.07 12.73 -14.75
C HIS D 66 5.21 12.79 -13.49
N ASP D 67 3.99 12.25 -13.55
CA ASP D 67 3.06 12.42 -12.45
C ASP D 67 2.60 11.02 -11.98
N SER D 68 2.79 10.73 -10.70
CA SER D 68 2.42 9.39 -10.19
C SER D 68 0.91 9.05 -10.27
N ASN D 69 0.04 10.07 -10.21
CA ASN D 69 -1.41 9.86 -10.20
C ASN D 69 -2.05 10.01 -11.56
N TYR D 70 -1.50 10.86 -12.43
CA TYR D 70 -2.13 11.13 -13.75
C TYR D 70 -1.30 10.81 -14.95
N GLY D 71 -0.08 10.31 -14.77
CA GLY D 71 0.70 9.86 -15.91
C GLY D 71 1.38 11.01 -16.65
N PRO D 72 1.92 10.70 -17.81
CA PRO D 72 2.74 11.74 -18.43
C PRO D 72 1.97 12.95 -18.83
N PHE D 73 2.64 14.10 -18.71
CA PHE D 73 2.08 15.36 -19.21
C PHE D 73 1.69 15.27 -20.69
N PRO D 74 0.48 15.75 -21.03
CA PRO D 74 0.09 15.63 -22.43
C PRO D 74 0.75 16.65 -23.36
N TRP D 75 1.61 17.53 -22.87
CA TRP D 75 2.25 18.53 -23.74
C TRP D 75 3.75 18.49 -23.52
N SER D 76 4.50 19.00 -24.50
CA SER D 76 5.96 19.04 -24.39
C SER D 76 6.35 19.91 -23.23
N VAL D 77 7.44 19.55 -22.58
CA VAL D 77 7.92 20.24 -21.38
C VAL D 77 9.42 20.23 -21.51
N ASP D 78 10.01 21.41 -21.41
CA ASP D 78 11.45 21.54 -21.32
C ASP D 78 11.67 22.70 -20.39
N PHE D 79 12.93 23.05 -20.17
CA PHE D 79 13.28 24.08 -19.20
C PHE D 79 14.59 24.73 -19.71
N THR D 80 14.82 25.93 -19.22
CA THR D 80 16.14 26.64 -19.25
C THR D 80 16.47 26.92 -17.79
N GLU D 81 17.59 27.62 -17.52
CA GLU D 81 17.98 27.98 -16.15
C GLU D 81 16.92 28.77 -15.43
N ASP D 82 16.04 29.46 -16.18
CA ASP D 82 15.11 30.42 -15.48
C ASP D 82 13.62 30.25 -15.80
N SER D 83 13.28 29.25 -16.60
CA SER D 83 11.95 29.08 -17.07
C SER D 83 11.60 27.61 -17.32
N LEU D 84 10.30 27.34 -17.42
CA LEU D 84 9.82 26.22 -18.13
C LEU D 84 9.36 26.59 -19.52
N ILE D 85 9.37 25.59 -20.39
CA ILE D 85 8.89 25.72 -21.73
C ILE D 85 7.82 24.65 -21.90
N VAL D 86 6.56 25.08 -21.83
CA VAL D 86 5.44 24.11 -21.77
C VAL D 86 4.58 24.29 -23.01
N ASP D 87 4.61 23.31 -23.90
CA ASP D 87 3.90 23.35 -25.15
C ASP D 87 4.43 24.49 -25.99
N GLY D 88 5.74 24.72 -25.92
CA GLY D 88 6.37 25.74 -26.75
C GLY D 88 6.28 27.12 -26.20
N LYS D 89 5.69 27.32 -25.03
CA LYS D 89 5.60 28.64 -24.43
C LYS D 89 6.39 28.78 -23.15
N SER D 90 6.88 29.99 -22.83
CA SER D 90 7.77 30.21 -21.72
C SER D 90 7.09 30.68 -20.45
N ILE D 91 7.48 30.14 -19.31
CA ILE D 91 7.00 30.57 -18.03
C ILE D 91 8.17 30.79 -17.07
N ALA D 92 8.24 31.96 -16.45
CA ALA D 92 9.26 32.28 -15.50
C ALA D 92 9.12 31.45 -14.27
N VAL D 93 10.24 31.13 -13.67
CA VAL D 93 10.27 30.40 -12.43
C VAL D 93 11.04 31.20 -11.42
N TYR D 94 10.40 31.49 -10.29
CA TYR D 94 11.07 32.03 -9.15
C TYR D 94 11.06 31.07 -7.99
N ALA D 95 11.90 31.39 -7.03
CA ALA D 95 12.11 30.61 -5.84
C ALA D 95 12.14 31.52 -4.59
N GLU D 96 11.12 32.37 -4.43
CA GLU D 96 11.00 33.21 -3.21
C GLU D 96 10.11 32.57 -2.12
N LYS D 97 10.67 32.33 -0.95
CA LYS D 97 9.90 31.69 0.14
C LYS D 97 8.94 32.66 0.85
N GLU D 98 9.22 33.97 0.78
CA GLU D 98 8.29 34.99 1.26
C GLU D 98 7.62 35.63 0.05
N ALA D 99 6.29 35.62 0.05
CA ALA D 99 5.48 36.16 -1.07
C ALA D 99 5.70 37.68 -1.38
N LYS D 100 5.83 38.51 -0.33
CA LYS D 100 6.20 39.97 -0.54
C LYS D 100 7.39 40.24 -1.48
N ASN D 101 8.38 39.33 -1.53
CA ASN D 101 9.54 39.40 -2.44
C ASN D 101 9.32 38.79 -3.81
N ILE D 102 8.11 38.32 -4.12
CA ILE D 102 7.92 37.60 -5.43
C ILE D 102 7.77 38.67 -6.49
N PRO D 103 8.56 38.59 -7.57
CA PRO D 103 8.51 39.67 -8.58
C PRO D 103 7.39 39.53 -9.56
N TRP D 104 6.16 39.62 -9.07
CA TRP D 104 4.98 39.40 -9.98
C TRP D 104 4.90 40.45 -11.07
N LYS D 105 5.37 41.66 -10.70
CA LYS D 105 5.38 42.79 -11.65
C LYS D 105 6.16 42.49 -12.92
N ALA D 106 7.31 41.82 -12.77
CA ALA D 106 8.20 41.48 -13.88
C ALA D 106 7.44 41.00 -15.15
N LYS D 107 6.63 39.96 -15.00
CA LYS D 107 5.89 39.41 -16.14
C LYS D 107 4.44 39.94 -16.13
N GLY D 108 4.06 40.72 -15.12
CA GLY D 108 2.73 41.34 -15.03
C GLY D 108 1.67 40.31 -14.63
N ALA D 109 2.03 39.44 -13.68
CA ALA D 109 1.04 38.50 -13.16
C ALA D 109 -0.13 39.25 -12.46
N GLU D 110 -1.33 39.03 -12.95
CA GLU D 110 -2.53 39.74 -12.45
C GLU D 110 -3.28 39.01 -11.32
N ILE D 111 -3.56 37.72 -11.54
CA ILE D 111 -4.25 36.88 -10.54
C ILE D 111 -3.31 35.78 -10.03
N ILE D 112 -3.06 35.77 -8.72
CA ILE D 112 -2.21 34.71 -8.16
C ILE D 112 -3.14 33.55 -7.77
N VAL D 113 -2.79 32.34 -8.20
CA VAL D 113 -3.40 31.09 -7.67
C VAL D 113 -2.49 30.66 -6.56
N GLU D 114 -2.92 30.87 -5.34
CA GLU D 114 -2.11 30.73 -4.18
C GLU D 114 -2.36 29.28 -3.75
N CYS D 115 -1.33 28.44 -3.99
CA CYS D 115 -1.36 26.99 -3.74
C CYS D 115 -0.28 26.41 -2.84
N THR D 116 0.23 27.18 -1.87
CA THR D 116 1.31 26.72 -1.00
C THR D 116 0.84 26.27 0.34
N GLY D 117 -0.38 26.65 0.67
CA GLY D 117 -0.84 26.53 2.00
C GLY D 117 -0.33 27.51 3.04
N PHE D 118 0.58 28.41 2.69
CA PHE D 118 1.22 29.30 3.71
C PHE D 118 0.63 30.71 3.75
N TYR D 119 -0.36 30.98 2.88
CA TYR D 119 -1.04 32.28 2.78
C TYR D 119 -2.58 32.19 2.82
N THR D 120 -3.13 31.37 3.73
CA THR D 120 -4.56 31.10 3.75
C THR D 120 -5.30 32.11 4.71
N SER D 121 -5.11 33.40 4.47
CA SER D 121 -5.88 34.48 5.15
C SER D 121 -5.70 35.71 4.30
N ALA D 122 -6.73 36.54 4.21
CA ALA D 122 -6.63 37.81 3.44
C ALA D 122 -5.40 38.68 3.83
N GLU D 123 -5.06 38.70 5.12
CA GLU D 123 -3.91 39.46 5.62
C GLU D 123 -2.60 38.88 5.07
N LYS D 124 -2.44 37.55 5.12
CA LYS D 124 -1.25 36.87 4.55
C LYS D 124 -1.17 37.06 3.04
N SER D 125 -2.28 36.85 2.34
CA SER D 125 -2.27 36.84 0.87
C SER D 125 -2.25 38.27 0.30
N GLN D 126 -2.51 39.26 1.17
CA GLN D 126 -2.24 40.70 0.90
C GLN D 126 -0.83 40.89 0.33
N ALA D 127 0.11 40.17 0.92
CA ALA D 127 1.49 40.16 0.44
C ALA D 127 1.59 40.03 -1.12
N HIS D 128 0.71 39.27 -1.77
CA HIS D 128 0.75 39.17 -3.24
C HIS D 128 0.40 40.47 -3.89
N LEU D 129 -0.52 41.22 -3.27
CA LEU D 129 -1.01 42.49 -3.82
C LEU D 129 -0.01 43.60 -3.59
N ASP D 130 0.50 43.69 -2.36
CA ASP D 130 1.68 44.52 -2.06
C ASP D 130 2.78 44.28 -3.13
N ALA D 131 3.04 43.00 -3.48
CA ALA D 131 4.10 42.64 -4.48
C ALA D 131 3.72 42.86 -5.97
N GLY D 132 2.57 43.45 -6.25
CA GLY D 132 2.25 43.79 -7.65
C GLY D 132 1.14 43.04 -8.32
N ALA D 133 0.59 42.03 -7.63
CA ALA D 133 -0.58 41.35 -8.15
C ALA D 133 -1.87 42.19 -7.90
N LYS D 134 -2.86 41.99 -8.75
CA LYS D 134 -4.23 42.53 -8.57
C LYS D 134 -5.24 41.65 -7.78
N LYS D 135 -5.28 40.33 -8.03
CA LYS D 135 -6.16 39.38 -7.29
C LYS D 135 -5.43 38.12 -6.75
N VAL D 136 -6.02 37.48 -5.75
CA VAL D 136 -5.47 36.21 -5.25
C VAL D 136 -6.68 35.26 -5.16
N LEU D 137 -6.53 34.07 -5.73
CA LEU D 137 -7.48 32.97 -5.54
C LEU D 137 -6.77 31.87 -4.76
N ILE D 138 -7.13 31.68 -3.50
CA ILE D 138 -6.47 30.80 -2.58
C ILE D 138 -7.12 29.38 -2.80
N SER D 139 -6.28 28.34 -2.89
CA SER D 139 -6.77 26.98 -3.20
C SER D 139 -7.07 26.18 -1.95
N ALA D 140 -7.54 26.83 -0.89
CA ALA D 140 -7.80 26.21 0.39
C ALA D 140 -8.77 27.14 1.15
N PRO D 141 -9.38 26.68 2.22
CA PRO D 141 -10.10 27.55 3.18
C PRO D 141 -9.19 28.68 3.64
N ALA D 142 -9.73 29.90 3.74
CA ALA D 142 -8.90 31.06 4.12
C ALA D 142 -9.70 31.99 5.05
N GLY D 143 -10.24 31.39 6.11
CA GLY D 143 -11.07 32.06 7.09
C GLY D 143 -12.31 32.73 6.50
N GLU D 144 -12.74 33.80 7.20
CA GLU D 144 -13.99 34.52 6.92
C GLU D 144 -13.72 35.48 5.81
N MET D 145 -13.70 34.95 4.60
CA MET D 145 -13.57 35.68 3.38
C MET D 145 -14.50 34.97 2.43
N LYS D 146 -14.64 35.57 1.27
CA LYS D 146 -15.50 35.04 0.25
C LYS D 146 -14.98 33.69 -0.28
N THR D 147 -15.82 32.65 -0.26
CA THR D 147 -15.37 31.27 -0.45
C THR D 147 -16.35 30.62 -1.39
N ILE D 148 -15.90 30.24 -2.59
CA ILE D 148 -16.74 29.79 -3.69
C ILE D 148 -16.64 28.30 -4.02
N VAL D 149 -17.78 27.59 -4.00
CA VAL D 149 -17.91 26.35 -4.73
C VAL D 149 -18.60 26.63 -5.98
N TYR D 150 -17.92 26.35 -7.08
CA TYR D 150 -18.51 26.67 -8.34
C TYR D 150 -19.80 25.85 -8.57
N ASN D 151 -20.80 26.49 -9.17
CA ASN D 151 -22.16 25.92 -9.33
C ASN D 151 -22.96 25.66 -8.06
N VAL D 152 -22.48 26.23 -6.98
CA VAL D 152 -23.23 26.41 -5.78
C VAL D 152 -23.35 27.92 -5.50
N ASN D 153 -22.28 28.67 -5.25
CA ASN D 153 -22.43 30.10 -4.90
C ASN D 153 -21.50 31.08 -5.70
N ASP D 154 -21.14 30.70 -6.92
CA ASP D 154 -20.25 31.54 -7.70
C ASP D 154 -20.92 32.85 -8.19
N ASP D 155 -22.25 32.90 -8.11
CA ASP D 155 -22.95 34.17 -8.35
C ASP D 155 -22.68 35.19 -7.28
N THR D 156 -22.09 34.83 -6.13
CA THR D 156 -21.74 35.80 -5.13
C THR D 156 -20.50 36.63 -5.48
N LEU D 157 -19.77 36.25 -6.53
CA LEU D 157 -18.56 36.98 -6.86
C LEU D 157 -18.94 38.26 -7.61
N ASP D 158 -18.22 39.35 -7.34
CA ASP D 158 -18.34 40.60 -8.14
C ASP D 158 -16.96 41.17 -8.52
N GLY D 159 -17.01 42.20 -9.38
CA GLY D 159 -15.85 42.97 -9.81
C GLY D 159 -15.02 43.64 -8.71
N ASN D 160 -15.56 43.86 -7.53
CA ASN D 160 -14.73 44.43 -6.44
C ASN D 160 -13.98 43.41 -5.54
N ASP D 161 -14.13 42.09 -5.78
CA ASP D 161 -13.38 41.11 -4.95
C ASP D 161 -11.91 41.03 -5.38
N THR D 162 -11.03 41.07 -4.39
CA THR D 162 -9.61 40.94 -4.71
C THR D 162 -8.98 39.60 -4.23
N ILE D 163 -9.38 39.08 -3.07
CA ILE D 163 -8.78 37.83 -2.49
C ILE D 163 -9.98 36.94 -2.14
N VAL D 164 -10.05 35.77 -2.78
CA VAL D 164 -11.15 34.82 -2.55
C VAL D 164 -10.59 33.39 -2.39
N SER D 165 -11.43 32.51 -1.86
CA SER D 165 -11.04 31.14 -1.49
C SER D 165 -11.93 30.21 -2.25
N VAL D 166 -11.41 29.02 -2.61
CA VAL D 166 -12.30 27.98 -3.16
C VAL D 166 -12.47 26.80 -2.19
N ALA D 167 -12.20 27.03 -0.90
CA ALA D 167 -12.28 26.10 0.22
C ALA D 167 -11.42 24.89 -0.09
N SER D 168 -11.75 23.73 0.53
CA SER D 168 -11.04 22.46 0.29
C SER D 168 -11.73 21.57 -0.77
N ALA D 169 -11.05 20.50 -1.13
CA ALA D 169 -11.66 19.50 -1.98
C ALA D 169 -12.89 18.95 -1.28
N THR D 170 -12.83 18.77 0.01
CA THR D 170 -13.94 18.16 0.76
C THR D 170 -15.15 19.13 0.69
N THR D 171 -14.87 20.42 0.80
CA THR D 171 -15.98 21.41 0.63
C THR D 171 -16.63 21.31 -0.72
N ASN D 172 -15.84 21.19 -1.76
CA ASN D 172 -16.36 21.11 -3.09
C ASN D 172 -17.12 19.79 -3.32
N CYS D 173 -16.81 18.77 -2.52
CA CYS D 173 -17.60 17.52 -2.55
C CYS D 173 -18.94 17.67 -1.81
N LEU D 174 -18.86 18.23 -0.60
CA LEU D 174 -19.98 18.30 0.35
C LEU D 174 -21.03 19.30 -0.12
N ALA D 175 -20.56 20.46 -0.52
CA ALA D 175 -21.47 21.57 -0.84
C ALA D 175 -22.57 21.32 -1.86
N PRO D 176 -22.24 20.76 -3.04
CA PRO D 176 -23.30 20.50 -4.01
C PRO D 176 -24.37 19.49 -3.52
N MET D 177 -23.92 18.48 -2.80
CA MET D 177 -24.84 17.48 -2.22
C MET D 177 -25.70 18.14 -1.13
N ALA D 178 -25.09 18.98 -0.31
CA ALA D 178 -25.84 19.65 0.76
C ALA D 178 -26.83 20.67 0.19
N LYS D 179 -26.39 21.34 -0.85
CA LYS D 179 -27.23 22.33 -1.49
C LYS D 179 -28.47 21.65 -2.05
N ALA D 180 -28.31 20.57 -2.81
CA ALA D 180 -29.47 19.87 -3.39
C ALA D 180 -30.41 19.35 -2.30
N LEU D 181 -29.85 18.76 -1.24
CA LEU D 181 -30.69 18.25 -0.19
C LEU D 181 -31.47 19.39 0.51
N HIS D 182 -30.76 20.47 0.76
CA HIS D 182 -31.32 21.60 1.52
C HIS D 182 -32.44 22.20 0.68
N ASP D 183 -32.15 22.46 -0.59
CA ASP D 183 -33.17 22.98 -1.51
C ASP D 183 -34.40 22.10 -1.66
N SER D 184 -34.22 20.78 -1.75
CA SER D 184 -35.35 19.86 -1.91
C SER D 184 -36.10 19.57 -0.64
N PHE D 185 -35.40 19.36 0.46
CA PHE D 185 -36.00 18.84 1.66
C PHE D 185 -35.77 19.65 2.91
N GLY D 186 -34.76 20.52 2.88
CA GLY D 186 -34.18 21.11 4.05
C GLY D 186 -33.30 20.15 4.84
N ILE D 187 -32.16 20.67 5.29
CA ILE D 187 -31.29 20.00 6.25
C ILE D 187 -31.43 20.75 7.54
N GLU D 188 -31.85 20.05 8.58
CA GLU D 188 -32.02 20.62 9.91
C GLU D 188 -30.74 20.55 10.72
N VAL D 189 -29.96 19.48 10.53
CA VAL D 189 -28.70 19.25 11.22
C VAL D 189 -28.02 18.07 10.51
N GLY D 190 -26.68 18.07 10.53
CA GLY D 190 -26.01 16.92 9.90
C GLY D 190 -24.55 16.81 10.31
N THR D 191 -23.99 15.61 10.06
CA THR D 191 -22.55 15.36 10.30
C THR D 191 -21.99 14.55 9.17
N MET D 192 -20.77 14.93 8.78
CA MET D 192 -20.07 14.39 7.67
C MET D 192 -18.87 13.57 8.14
N THR D 193 -18.57 12.51 7.41
CA THR D 193 -17.25 11.83 7.47
C THR D 193 -16.79 11.67 6.04
N THR D 194 -15.61 12.18 5.75
CA THR D 194 -15.01 11.85 4.44
C THR D 194 -13.89 10.82 4.65
N ILE D 195 -13.92 9.78 3.84
CA ILE D 195 -12.91 8.72 3.78
C ILE D 195 -12.07 9.16 2.62
N ALA D 196 -10.85 9.62 2.91
CA ALA D 196 -10.11 10.48 2.02
C ALA D 196 -8.64 10.02 1.75
N ALA D 197 -8.22 10.25 0.53
CA ALA D 197 -6.84 9.99 0.10
C ALA D 197 -5.86 10.81 0.92
N TYR D 198 -4.70 10.25 1.20
CA TYR D 198 -3.70 10.98 1.94
C TYR D 198 -3.09 12.08 1.10
N THR D 199 -2.58 13.11 1.77
CA THR D 199 -2.05 14.30 1.05
C THR D 199 -0.70 14.68 1.68
N GLY D 200 -0.08 15.70 1.07
CA GLY D 200 1.22 16.27 1.47
C GLY D 200 1.34 16.78 2.85
N THR D 201 0.23 17.03 3.55
CA THR D 201 0.31 17.56 4.86
C THR D 201 0.58 16.43 5.87
N GLN D 202 0.51 15.18 5.41
CA GLN D 202 0.70 14.05 6.29
C GLN D 202 2.22 13.62 6.24
N SER D 203 2.51 12.47 6.87
CA SER D 203 3.87 12.01 7.08
C SER D 203 4.07 10.70 6.31
N LEU D 204 5.26 10.55 5.73
CA LEU D 204 5.62 9.26 5.09
C LEU D 204 5.95 8.19 6.12
N VAL D 205 6.83 8.53 7.07
CA VAL D 205 7.17 7.68 8.21
C VAL D 205 6.76 8.41 9.48
N ASP D 206 6.58 7.67 10.55
CA ASP D 206 6.17 8.24 11.85
C ASP D 206 7.23 9.27 12.29
N GLY D 207 6.83 10.52 12.43
CA GLY D 207 7.76 11.55 12.89
C GLY D 207 7.04 12.91 12.98
N PRO D 208 7.69 13.90 13.62
CA PRO D 208 6.98 15.12 13.94
C PRO D 208 6.41 15.80 12.71
N ARG D 209 5.17 16.27 12.81
CA ARG D 209 4.55 16.99 11.71
C ARG D 209 3.77 18.19 12.35
N GLY D 210 4.52 19.20 12.67
CA GLY D 210 3.99 20.35 13.43
C GLY D 210 3.45 19.85 14.73
N LYS D 211 2.31 20.42 15.15
CA LYS D 211 1.72 20.15 16.46
C LYS D 211 0.72 19.01 16.46
N ASP D 212 0.31 18.51 15.29
CA ASP D 212 -0.83 17.59 15.20
C ASP D 212 -0.29 16.19 15.35
N LEU D 213 -0.75 15.51 16.37
CA LEU D 213 -0.19 14.20 16.71
C LEU D 213 -0.53 13.18 15.59
N ARG D 214 -1.78 13.16 15.15
CA ARG D 214 -2.18 12.14 14.13
C ARG D 214 -1.52 12.39 12.81
N ALA D 215 -1.24 13.65 12.45
CA ALA D 215 -0.54 13.93 11.23
C ALA D 215 0.92 13.43 11.16
N SER D 216 1.45 13.08 12.29
CA SER D 216 2.82 12.56 12.42
C SER D 216 2.94 11.10 11.97
N ARG D 217 1.82 10.42 11.67
CA ARG D 217 1.85 8.98 11.48
C ARG D 217 1.87 8.57 10.06
N ALA D 218 2.52 7.41 9.80
CA ALA D 218 2.76 7.00 8.47
C ALA D 218 1.45 6.88 7.68
N ALA D 219 1.32 7.69 6.66
CA ALA D 219 0.02 7.87 5.99
C ALA D 219 -0.42 6.72 5.13
N ALA D 220 0.53 6.00 4.50
CA ALA D 220 0.16 4.94 3.65
C ALA D 220 0.04 3.64 4.40
N GLU D 221 0.16 3.64 5.72
CA GLU D 221 0.05 2.44 6.55
C GLU D 221 -0.99 2.50 7.62
N ASN D 222 -1.91 3.44 7.51
CA ASN D 222 -2.84 3.75 8.62
C ASN D 222 -4.11 4.38 8.12
N ILE D 223 -5.19 4.08 8.85
CA ILE D 223 -6.39 4.91 8.87
C ILE D 223 -6.15 5.97 9.97
N ILE D 224 -6.21 7.25 9.57
CA ILE D 224 -5.82 8.35 10.43
C ILE D 224 -6.96 9.39 10.49
N PRO D 225 -7.57 9.53 11.68
CA PRO D 225 -8.59 10.59 11.86
C PRO D 225 -7.92 11.95 11.70
N HIS D 226 -8.66 12.86 11.05
CA HIS D 226 -8.08 14.09 10.52
C HIS D 226 -9.14 15.19 10.58
N THR D 227 -8.79 16.29 11.20
CA THR D 227 -9.76 17.42 11.26
C THR D 227 -9.90 18.13 9.93
N THR D 228 -11.13 18.58 9.62
CA THR D 228 -11.34 19.36 8.46
C THR D 228 -12.50 20.29 8.78
N GLY D 229 -12.40 21.50 8.28
CA GLY D 229 -13.45 22.53 8.47
C GLY D 229 -14.53 22.55 7.42
N ALA D 230 -14.57 21.55 6.52
CA ALA D 230 -15.47 21.62 5.40
C ALA D 230 -16.96 21.75 5.84
N ALA D 231 -17.35 21.00 6.87
CA ALA D 231 -18.73 21.08 7.38
C ALA D 231 -18.92 22.30 8.29
N LYS D 232 -17.96 22.52 9.18
CA LYS D 232 -17.99 23.64 10.12
C LYS D 232 -18.16 24.98 9.46
N ALA D 233 -17.52 25.22 8.30
CA ALA D 233 -17.56 26.53 7.59
C ALA D 233 -18.41 26.53 6.36
N ILE D 234 -19.32 25.57 6.24
CA ILE D 234 -20.17 25.46 5.05
C ILE D 234 -21.05 26.72 4.88
N GLY D 235 -21.34 27.40 5.98
CA GLY D 235 -22.03 28.71 6.02
C GLY D 235 -21.53 29.74 5.02
N LEU D 236 -20.24 29.74 4.75
CA LEU D 236 -19.65 30.62 3.73
C LEU D 236 -20.11 30.31 2.33
N VAL D 237 -20.49 29.06 2.06
CA VAL D 237 -20.89 28.67 0.74
C VAL D 237 -22.45 28.51 0.65
N ILE D 238 -23.07 28.09 1.74
CA ILE D 238 -24.52 27.84 1.80
C ILE D 238 -24.97 28.49 3.08
N PRO D 239 -25.26 29.82 2.98
CA PRO D 239 -25.54 30.59 4.18
C PRO D 239 -26.58 30.00 5.10
N GLU D 240 -27.60 29.42 4.51
CA GLU D 240 -28.67 28.80 5.31
C GLU D 240 -28.25 27.62 6.19
N LEU D 241 -27.13 26.99 5.87
CA LEU D 241 -26.61 25.91 6.70
C LEU D 241 -25.55 26.30 7.68
N SER D 242 -25.31 27.58 7.82
CA SER D 242 -24.34 28.01 8.82
C SER D 242 -24.59 27.47 10.22
N GLY D 243 -23.57 26.86 10.79
CA GLY D 243 -23.67 26.21 12.04
C GLY D 243 -24.48 24.95 12.11
N LYS D 244 -24.99 24.44 11.00
CA LYS D 244 -25.84 23.25 11.04
C LYS D 244 -25.13 21.90 10.81
N LEU D 245 -23.88 21.98 10.42
CA LEU D 245 -23.07 20.76 10.15
C LEU D 245 -21.76 20.71 10.91
N LYS D 246 -21.35 19.48 11.26
CA LYS D 246 -19.99 19.18 11.76
C LYS D 246 -19.49 18.02 10.93
N GLY D 247 -18.19 17.73 11.04
CA GLY D 247 -17.67 16.58 10.35
C GLY D 247 -16.14 16.44 10.56
N HIS D 248 -15.59 15.37 9.99
N HIS D 248 -15.60 15.37 10.00
CA HIS D 248 -14.14 15.10 10.03
CA HIS D 248 -14.15 15.09 10.04
C HIS D 248 -13.81 14.15 8.90
C HIS D 248 -13.80 14.16 8.90
N ALA D 249 -12.51 13.83 8.79
CA ALA D 249 -11.98 12.92 7.79
C ALA D 249 -11.34 11.73 8.47
N GLN D 250 -11.35 10.64 7.71
CA GLN D 250 -10.52 9.48 7.96
C GLN D 250 -9.62 9.35 6.73
N ARG D 251 -8.32 9.65 6.91
CA ARG D 251 -7.36 9.60 5.81
C ARG D 251 -6.84 8.18 5.69
N VAL D 252 -6.85 7.63 4.50
CA VAL D 252 -6.54 6.22 4.31
C VAL D 252 -5.53 6.06 3.20
N PRO D 253 -4.97 4.85 3.04
CA PRO D 253 -3.90 4.68 2.01
C PRO D 253 -4.29 4.53 0.57
N VAL D 254 -4.93 5.56 -0.02
CA VAL D 254 -5.07 5.66 -1.42
C VAL D 254 -4.47 7.00 -1.85
N LYS D 255 -3.91 7.02 -3.05
CA LYS D 255 -3.06 8.18 -3.49
C LYS D 255 -3.87 9.39 -3.92
N THR D 256 -5.05 9.15 -4.49
CA THR D 256 -6.00 10.19 -4.72
C THR D 256 -7.33 9.53 -4.99
N GLY D 257 -8.41 10.30 -4.82
CA GLY D 257 -9.77 9.72 -4.99
C GLY D 257 -10.31 9.47 -3.60
N SER D 258 -11.45 10.10 -3.29
CA SER D 258 -11.96 10.16 -1.94
C SER D 258 -13.50 10.09 -1.99
N VAL D 259 -14.13 9.96 -0.83
CA VAL D 259 -15.60 9.87 -0.75
C VAL D 259 -16.08 10.62 0.51
N THR D 260 -17.26 11.25 0.44
CA THR D 260 -17.81 11.99 1.52
C THR D 260 -19.22 11.43 1.85
N GLU D 261 -19.42 11.02 3.08
CA GLU D 261 -20.73 10.63 3.58
C GLU D 261 -21.28 11.75 4.47
N LEU D 262 -22.55 12.05 4.25
CA LEU D 262 -23.29 13.03 5.07
C LEU D 262 -24.50 12.36 5.69
N VAL D 263 -24.65 12.40 7.02
CA VAL D 263 -25.83 11.89 7.73
C VAL D 263 -26.62 13.12 8.20
N SER D 264 -27.85 13.24 7.70
CA SER D 264 -28.64 14.44 7.98
C SER D 264 -29.97 14.10 8.60
N ILE D 265 -30.50 15.06 9.32
CA ILE D 265 -31.91 15.06 9.68
C ILE D 265 -32.49 16.08 8.73
N LEU D 266 -33.41 15.63 7.91
CA LEU D 266 -34.00 16.47 6.90
C LEU D 266 -35.34 17.09 7.40
N GLY D 267 -35.84 18.05 6.62
CA GLY D 267 -37.13 18.79 6.96
C GLY D 267 -38.39 18.03 6.56
N LYS D 268 -38.24 16.92 5.81
CA LYS D 268 -39.34 16.06 5.31
C LYS D 268 -38.98 14.61 5.43
N LYS D 269 -40.00 13.77 5.57
CA LYS D 269 -39.86 12.36 5.38
C LYS D 269 -39.58 12.00 3.94
N VAL D 270 -38.60 11.13 3.67
CA VAL D 270 -38.22 10.80 2.29
C VAL D 270 -38.01 9.31 2.04
N THR D 271 -38.10 8.90 0.78
CA THR D 271 -37.56 7.60 0.37
C THR D 271 -36.21 7.72 -0.26
N ALA D 272 -35.49 6.60 -0.37
CA ALA D 272 -34.19 6.56 -1.09
C ALA D 272 -34.42 7.02 -2.53
N GLU D 273 -35.47 6.53 -3.16
CA GLU D 273 -35.77 6.92 -4.53
C GLU D 273 -36.00 8.42 -4.68
N GLU D 274 -36.72 9.03 -3.73
CA GLU D 274 -36.96 10.48 -3.77
C GLU D 274 -35.67 11.30 -3.70
N VAL D 275 -34.85 10.90 -2.74
CA VAL D 275 -33.56 11.52 -2.58
C VAL D 275 -32.70 11.42 -3.83
N ASN D 276 -32.62 10.20 -4.40
CA ASN D 276 -31.81 9.96 -5.59
C ASN D 276 -32.31 10.78 -6.78
N ASN D 277 -33.63 10.86 -6.90
CA ASN D 277 -34.22 11.68 -8.00
C ASN D 277 -33.98 13.14 -7.87
N ALA D 278 -34.08 13.66 -6.66
CA ALA D 278 -33.79 15.06 -6.43
C ALA D 278 -32.32 15.37 -6.78
N LEU D 279 -31.44 14.50 -6.30
CA LEU D 279 -30.01 14.63 -6.68
C LEU D 279 -29.78 14.53 -8.17
N LYS D 280 -30.37 13.54 -8.81
CA LYS D 280 -30.20 13.41 -10.25
C LYS D 280 -30.58 14.68 -11.01
N GLN D 281 -31.70 15.24 -10.62
CA GLN D 281 -32.13 16.50 -11.18
C GLN D 281 -31.10 17.62 -10.98
N ALA D 282 -30.56 17.72 -9.76
CA ALA D 282 -29.49 18.71 -9.45
C ALA D 282 -28.23 18.57 -10.29
N THR D 283 -27.96 17.36 -10.78
CA THR D 283 -26.75 17.06 -11.53
C THR D 283 -26.98 17.17 -12.99
N THR D 284 -28.21 17.41 -13.38
CA THR D 284 -28.52 17.45 -14.81
C THR D 284 -27.99 18.75 -15.39
N ASN D 285 -27.27 18.63 -16.53
CA ASN D 285 -26.51 19.74 -17.16
C ASN D 285 -25.82 20.60 -16.13
N ASN D 286 -25.07 19.94 -15.26
CA ASN D 286 -24.32 20.62 -14.24
C ASN D 286 -22.92 20.05 -14.47
N GLU D 287 -22.07 20.87 -15.07
CA GLU D 287 -20.71 20.47 -15.36
C GLU D 287 -19.85 20.26 -14.07
N SER D 288 -20.27 20.79 -12.91
CA SER D 288 -19.55 20.69 -11.64
C SER D 288 -19.91 19.43 -10.80
N PHE D 289 -21.08 18.84 -11.03
CA PHE D 289 -21.71 17.89 -10.10
C PHE D 289 -22.22 16.76 -10.91
N GLY D 290 -21.66 15.53 -10.74
CA GLY D 290 -22.16 14.41 -11.46
C GLY D 290 -22.97 13.46 -10.61
N TYR D 291 -23.44 12.45 -11.28
CA TYR D 291 -24.27 11.41 -10.71
C TYR D 291 -23.81 10.06 -11.20
N THR D 292 -23.89 9.06 -10.31
CA THR D 292 -23.68 7.71 -10.70
C THR D 292 -24.63 6.80 -9.98
N ASP D 293 -25.13 5.82 -10.69
CA ASP D 293 -25.75 4.64 -10.06
C ASP D 293 -25.07 3.34 -10.40
N GLU D 294 -23.77 3.46 -10.72
CA GLU D 294 -22.88 2.30 -10.92
C GLU D 294 -22.07 2.03 -9.64
N GLU D 295 -21.69 0.77 -9.54
N GLU D 295 -21.71 0.78 -9.45
CA GLU D 295 -21.03 0.22 -8.37
CA GLU D 295 -21.08 0.39 -8.21
C GLU D 295 -19.54 0.60 -8.38
C GLU D 295 -19.58 0.63 -8.31
N ILE D 296 -19.24 1.90 -8.45
CA ILE D 296 -17.86 2.32 -8.59
C ILE D 296 -17.07 2.27 -7.28
N VAL D 297 -15.73 2.27 -7.44
CA VAL D 297 -14.81 2.38 -6.30
C VAL D 297 -13.90 3.59 -6.49
N SER D 298 -13.03 3.89 -5.54
CA SER D 298 -12.30 5.15 -5.53
C SER D 298 -11.46 5.35 -6.77
N SER D 299 -10.79 4.29 -7.28
CA SER D 299 -9.95 4.50 -8.46
C SER D 299 -10.77 4.95 -9.70
N ASP D 300 -12.06 4.67 -9.70
CA ASP D 300 -12.93 5.08 -10.82
C ASP D 300 -13.18 6.59 -10.84
N ILE D 301 -12.89 7.28 -9.75
CA ILE D 301 -13.09 8.73 -9.70
C ILE D 301 -11.79 9.45 -10.08
N ILE D 302 -10.68 8.71 -10.24
CA ILE D 302 -9.41 9.38 -10.48
C ILE D 302 -9.49 9.99 -11.88
N GLY D 303 -9.24 11.27 -11.96
CA GLY D 303 -9.32 11.96 -13.22
C GLY D 303 -10.68 12.55 -13.55
N SER D 304 -11.62 12.43 -12.59
CA SER D 304 -12.98 13.07 -12.70
C SER D 304 -12.85 14.56 -13.12
N HIS D 305 -13.77 14.98 -13.98
CA HIS D 305 -13.93 16.40 -14.27
C HIS D 305 -15.06 17.08 -13.47
N PHE D 306 -15.47 16.49 -12.35
CA PHE D 306 -16.46 17.08 -11.45
C PHE D 306 -15.83 17.44 -10.17
N GLY D 307 -16.43 18.35 -9.44
CA GLY D 307 -16.07 18.56 -8.06
C GLY D 307 -16.60 17.50 -7.13
N SER D 308 -17.69 16.85 -7.54
CA SER D 308 -18.45 15.91 -6.68
C SER D 308 -19.21 15.01 -7.61
N VAL D 309 -19.35 13.71 -7.26
CA VAL D 309 -20.17 12.77 -8.04
C VAL D 309 -21.03 12.04 -7.00
N PHE D 310 -22.31 12.43 -6.94
CA PHE D 310 -23.23 11.75 -6.07
C PHE D 310 -23.45 10.30 -6.47
N ASP D 311 -23.49 9.42 -5.46
CA ASP D 311 -23.60 7.99 -5.68
C ASP D 311 -24.88 7.45 -5.07
N ALA D 312 -25.85 7.24 -5.95
CA ALA D 312 -27.21 6.80 -5.57
C ALA D 312 -27.18 5.38 -4.98
N THR D 313 -26.15 4.59 -5.27
CA THR D 313 -26.03 3.23 -4.70
C THR D 313 -25.79 3.20 -3.24
N GLN D 314 -25.34 4.30 -2.62
CA GLN D 314 -25.01 4.31 -1.18
C GLN D 314 -26.00 5.08 -0.34
N THR D 315 -27.08 5.53 -0.97
CA THR D 315 -28.13 6.23 -0.19
C THR D 315 -28.80 5.28 0.82
N GLU D 316 -29.03 5.77 2.03
CA GLU D 316 -29.55 4.99 3.08
C GLU D 316 -30.47 5.87 3.92
N ILE D 317 -31.69 5.37 4.10
CA ILE D 317 -32.70 6.05 4.98
C ILE D 317 -33.00 5.15 6.14
N THR D 318 -32.70 5.61 7.35
CA THR D 318 -32.98 4.86 8.56
C THR D 318 -34.15 5.55 9.27
N ALA D 319 -35.29 4.87 9.37
CA ALA D 319 -36.54 5.50 9.85
C ALA D 319 -37.07 4.74 11.02
N VAL D 320 -37.34 5.41 12.13
CA VAL D 320 -38.00 4.83 13.27
C VAL D 320 -39.06 5.80 13.67
N GLY D 321 -40.25 5.57 13.14
CA GLY D 321 -41.35 6.48 13.33
C GLY D 321 -41.14 7.84 12.82
N ASP D 322 -41.22 8.86 13.71
CA ASP D 322 -41.01 10.24 13.32
C ASP D 322 -39.54 10.56 13.05
N LEU D 323 -38.65 9.72 13.55
CA LEU D 323 -37.23 9.98 13.42
C LEU D 323 -36.73 9.36 12.10
N GLN D 324 -35.83 10.08 11.46
CA GLN D 324 -35.29 9.66 10.17
C GLN D 324 -33.85 10.20 10.07
N LEU D 325 -32.89 9.31 9.72
CA LEU D 325 -31.56 9.70 9.40
C LEU D 325 -31.38 9.38 7.92
N VAL D 326 -30.79 10.32 7.22
CA VAL D 326 -30.53 10.18 5.79
C VAL D 326 -29.01 10.22 5.58
N LYS D 327 -28.50 9.15 5.07
CA LYS D 327 -27.07 9.09 4.63
C LYS D 327 -26.96 9.21 3.11
N THR D 328 -26.27 10.24 2.67
CA THR D 328 -25.97 10.47 1.26
C THR D 328 -24.44 10.51 1.07
N VAL D 329 -24.02 10.01 -0.07
CA VAL D 329 -22.59 9.72 -0.31
C VAL D 329 -22.18 10.24 -1.67
N ALA D 330 -21.10 11.01 -1.71
CA ALA D 330 -20.59 11.51 -2.97
C ALA D 330 -19.06 11.25 -3.09
N TRP D 331 -18.63 10.87 -4.29
CA TRP D 331 -17.21 10.65 -4.57
C TRP D 331 -16.56 11.99 -5.00
N TYR D 332 -15.24 12.11 -4.82
CA TYR D 332 -14.53 13.26 -5.36
C TYR D 332 -13.08 12.89 -5.64
N ASP D 333 -12.57 13.32 -6.81
CA ASP D 333 -11.11 13.37 -7.01
C ASP D 333 -10.57 14.65 -6.37
N ASN D 334 -10.06 14.47 -5.17
CA ASN D 334 -9.57 15.53 -4.36
C ASN D 334 -8.41 16.28 -4.99
N GLU D 335 -7.77 15.69 -5.98
CA GLU D 335 -6.76 16.41 -6.81
C GLU D 335 -7.46 16.93 -8.05
N TYR D 336 -7.60 16.13 -9.08
CA TYR D 336 -7.98 16.68 -10.39
C TYR D 336 -9.44 17.22 -10.40
N GLY D 337 -10.31 16.58 -9.61
CA GLY D 337 -11.76 16.97 -9.59
C GLY D 337 -11.87 18.35 -9.01
N PHE D 338 -11.26 18.53 -7.86
CA PHE D 338 -11.23 19.82 -7.16
C PHE D 338 -10.61 20.87 -8.09
N VAL D 339 -9.55 20.48 -8.81
CA VAL D 339 -8.89 21.44 -9.74
C VAL D 339 -9.86 21.89 -10.81
N THR D 340 -10.68 21.01 -11.36
CA THR D 340 -11.60 21.47 -12.40
C THR D 340 -12.53 22.57 -11.81
N GLN D 341 -12.94 22.46 -10.55
CA GLN D 341 -13.68 23.52 -9.88
C GLN D 341 -12.87 24.82 -9.67
N LEU D 342 -11.62 24.67 -9.24
CA LEU D 342 -10.77 25.83 -9.01
C LEU D 342 -10.70 26.63 -10.31
N ILE D 343 -10.54 25.93 -11.44
CA ILE D 343 -10.38 26.56 -12.74
C ILE D 343 -11.67 27.24 -13.18
N ARG D 344 -12.81 26.55 -13.05
CA ARG D 344 -14.10 27.24 -13.28
C ARG D 344 -14.18 28.57 -12.47
N THR D 345 -13.88 28.57 -11.18
CA THR D 345 -13.93 29.78 -10.36
C THR D 345 -12.91 30.85 -10.88
N LEU D 346 -11.72 30.37 -11.22
CA LEU D 346 -10.64 31.24 -11.75
C LEU D 346 -11.05 32.00 -13.00
N GLU D 347 -11.56 31.25 -13.96
CA GLU D 347 -12.03 31.79 -15.23
C GLU D 347 -13.11 32.87 -15.07
N LYS D 348 -14.01 32.71 -14.11
CA LYS D 348 -14.97 33.74 -13.84
C LYS D 348 -14.38 34.90 -13.02
N PHE D 349 -13.58 34.61 -12.00
CA PHE D 349 -12.88 35.64 -11.25
C PHE D 349 -12.12 36.55 -12.22
N ALA D 350 -11.53 35.94 -13.26
CA ALA D 350 -10.71 36.66 -14.23
C ALA D 350 -11.49 37.72 -15.03
N LYS D 351 -12.80 37.48 -15.25
CA LYS D 351 -13.69 38.39 -16.02
C LYS D 351 -14.43 39.51 -15.28
N LEU D 352 -14.50 39.50 -13.96
CA LEU D 352 -15.36 40.46 -13.25
C LEU D 352 -14.72 41.84 -13.03
PA NAD E . 14.09 10.18 10.76
O1A NAD E . 13.86 11.25 9.78
O2A NAD E . 13.04 9.24 11.18
O5B NAD E . 14.67 10.84 12.11
C5B NAD E . 15.48 12.03 12.15
C4B NAD E . 15.17 12.62 13.53
O4B NAD E . 16.12 13.69 13.81
C3B NAD E . 13.74 13.29 13.53
O3B NAD E . 13.07 13.00 14.76
C2B NAD E . 14.03 14.77 13.36
O2B NAD E . 13.11 15.62 14.07
C1B NAD E . 15.39 14.89 14.07
N9A NAD E . 16.23 16.02 13.61
C8A NAD E . 16.45 16.43 12.33
N7A NAD E . 17.36 17.43 12.25
C5A NAD E . 17.76 17.57 13.58
C6A NAD E . 18.74 18.47 14.23
N6A NAD E . 19.39 19.31 13.46
N1A NAD E . 18.94 18.34 15.56
C2A NAD E . 18.24 17.45 16.33
N3A NAD E . 17.32 16.62 15.80
C4A NAD E . 17.07 16.65 14.45
O3 NAD E . 15.46 9.39 10.09
PN NAD E . 15.81 7.90 10.53
O1N NAD E . 15.14 6.96 9.47
O2N NAD E . 15.69 7.58 11.96
O5D NAD E . 17.38 7.93 10.09
C5D NAD E . 18.25 8.61 11.09
C4D NAD E . 19.69 8.34 10.61
O4D NAD E . 19.89 6.93 10.68
C3D NAD E . 20.01 8.75 9.18
O3D NAD E . 21.43 9.05 9.18
C2D NAD E . 19.78 7.48 8.36
O2D NAD E . 20.60 7.37 7.21
C1D NAD E . 20.19 6.45 9.39
N1N NAD E . 19.58 5.11 9.15
C2N NAD E . 18.26 4.95 8.78
C3N NAD E . 17.74 3.62 8.57
C7N NAD E . 16.31 3.38 8.16
O7N NAD E . 16.11 2.34 7.52
N7N NAD E . 15.33 4.22 8.50
C4N NAD E . 18.59 2.53 8.71
C5N NAD E . 19.96 2.75 9.03
C6N NAD E . 20.43 4.06 9.28
C1 3PG F . 19.98 8.46 1.81
O1 3PG F . 19.81 9.08 0.73
O2 3PG F . 20.50 8.89 2.88
C2 3PG F . 19.52 7.08 1.94
O3 3PG F . 20.19 6.23 0.96
C3 3PG F . 17.97 7.12 2.15
O1P 3PG F . 17.44 6.46 3.40
P 3PG F . 18.15 6.21 4.83
O2P 3PG F . 18.77 4.77 4.77
O3P 3PG F . 17.18 6.18 5.98
O4P 3PG F . 19.12 7.40 4.99
P PO4 G . 39.38 -11.08 -2.64
O1 PO4 G . 40.14 -12.07 -3.54
O2 PO4 G . 38.19 -11.63 -1.78
O3 PO4 G . 39.15 -9.92 -3.62
O4 PO4 G . 40.41 -10.50 -1.67
P PO4 H . -0.02 0.12 -0.21
O1 PO4 H . -1.40 0.07 -0.88
O2 PO4 H . 0.93 1.01 -1.05
O3 PO4 H . 0.48 -1.33 -0.03
O4 PO4 H . -0.13 0.84 1.14
PA NAD I . -6.28 -13.13 -14.24
O1A NAD I . -6.38 -14.10 -13.08
O2A NAD I . -6.48 -11.70 -14.10
O5B NAD I . -7.35 -13.67 -15.34
C5B NAD I . -7.68 -15.05 -15.55
C4B NAD I . -9.10 -15.05 -16.14
O4B NAD I . -9.37 -16.36 -16.55
C3B NAD I . -10.17 -14.65 -15.09
O3B NAD I . -11.12 -13.80 -15.71
C2B NAD I . -10.78 -16.01 -14.69
O2B NAD I . -12.13 -15.96 -14.28
C1B NAD I . -10.59 -16.77 -16.00
N9A NAD I . -10.48 -18.24 -15.90
C8A NAD I . -9.74 -18.98 -15.00
N7A NAD I . -9.83 -20.32 -15.26
C5A NAD I . -10.62 -20.41 -16.36
C6A NAD I . -11.11 -21.51 -17.18
N6A NAD I . -10.76 -22.77 -16.81
N1A NAD I . -11.86 -21.24 -18.29
C2A NAD I . -12.18 -19.95 -18.66
N3A NAD I . -11.78 -18.88 -17.91
C4A NAD I . -11.02 -19.06 -16.80
O3 NAD I . -4.82 -13.51 -14.88
PN NAD I . -4.05 -12.51 -15.88
O1N NAD I . -4.97 -11.97 -16.87
O2N NAD I . -3.08 -11.65 -15.09
O5D NAD I . -3.05 -13.63 -16.49
C5D NAD I . -3.60 -14.47 -17.57
C4D NAD I . -2.48 -15.21 -18.30
O4D NAD I . -1.61 -14.23 -18.89
C3D NAD I . -1.61 -16.05 -17.40
O3D NAD I . -1.11 -17.14 -18.18
C2D NAD I . -0.52 -15.09 -16.96
O2D NAD I . 0.72 -15.74 -16.68
C1D NAD I . -0.35 -14.29 -18.23
N1N NAD I . 0.26 -12.95 -18.11
C2N NAD I . 0.03 -12.12 -17.06
C3N NAD I . 0.61 -10.84 -16.97
C7N NAD I . 0.34 -9.89 -15.81
O7N NAD I . 1.28 -9.13 -15.45
N7N NAD I . -0.86 -9.91 -15.21
C4N NAD I . 1.52 -10.47 -17.94
C5N NAD I . 1.86 -11.37 -18.98
C6N NAD I . 1.17 -12.59 -19.06
O1 G3H J . 5.74 -15.97 -12.99
C1 G3H J . 5.03 -16.86 -12.54
C2 G3H J . 3.50 -16.76 -12.29
O2 G3H J . 2.94 -17.29 -13.52
C3 G3H J . 2.90 -15.42 -11.69
O1P G3H J . 2.24 -14.16 -12.29
O2P G3H J . 1.55 -15.45 -14.29
O3P G3H J . 0.53 -13.16 -13.90
O4P G3H J . 3.02 -13.28 -14.54
P G3H J . 1.77 -13.98 -13.84
C1 EDO K . 1.31 3.54 -30.18
C1 EDO K . 0.19 2.59 -30.89
O1 EDO K . 2.05 4.42 -29.31
O1 EDO K . -0.95 3.06 -30.12
C2 EDO K . 2.21 3.01 -31.28
C2 EDO K . 1.52 2.70 -30.17
O2 EDO K . 2.91 1.87 -30.74
O2 EDO K . 2.32 1.52 -30.27
PA NAD L . -9.83 -17.00 5.27
O1A NAD L . -10.16 -17.06 3.81
O2A NAD L . -8.51 -16.37 5.70
O5B NAD L . -9.88 -18.47 5.84
C5B NAD L . -10.74 -19.48 5.33
C4B NAD L . -10.03 -20.83 5.52
O4B NAD L . -11.04 -21.83 5.33
C3B NAD L . -8.91 -21.07 4.52
O3B NAD L . -7.76 -21.59 5.15
C2B NAD L . -9.56 -22.08 3.58
O2B NAD L . -8.62 -22.90 2.85
C1B NAD L . -10.53 -22.81 4.46
N9A NAD L . -11.73 -23.36 3.76
C8A NAD L . -12.53 -22.83 2.81
N7A NAD L . -13.54 -23.73 2.47
C5A NAD L . -13.38 -24.78 3.26
C6A NAD L . -14.03 -26.05 3.44
N6A NAD L . -15.13 -26.28 2.70
N1A NAD L . -13.56 -26.90 4.38
C2A NAD L . -12.49 -26.64 5.19
N3A NAD L . -11.79 -25.47 5.00
C4A NAD L . -12.20 -24.55 4.12
O3 NAD L . -11.05 -16.29 5.99
PN NAD L . -11.00 -15.60 7.42
O1N NAD L . -10.72 -14.14 7.23
O2N NAD L . -10.23 -16.46 8.42
O5D NAD L . -12.57 -15.55 7.77
C5D NAD L . -13.12 -16.82 8.25
C4D NAD L . -14.48 -16.61 8.83
O4D NAD L . -14.45 -15.74 9.97
C3D NAD L . -15.46 -15.98 7.85
O3D NAD L . -16.76 -16.45 8.19
C2D NAD L . -15.33 -14.50 8.13
O2D NAD L . -16.58 -13.81 7.91
C1D NAD L . -15.12 -14.55 9.67
N1N NAD L . -14.41 -13.37 10.22
C2N NAD L . -13.34 -12.82 9.61
C3N NAD L . -12.69 -11.68 10.21
C7N NAD L . -11.56 -11.05 9.47
O7N NAD L . -10.80 -11.69 8.70
N7N NAD L . -11.46 -9.80 9.61
C4N NAD L . -13.19 -11.12 11.36
C5N NAD L . -14.29 -11.76 12.02
C6N NAD L . -14.90 -12.87 11.41
O1 G3H M . -16.45 -7.28 10.51
C1 G3H M . -16.14 -7.72 9.53
C2 G3H M . -16.26 -9.18 9.23
O2 G3H M . -15.96 -10.18 10.27
C3 G3H M . -15.54 -9.11 7.86
O1P G3H M . -15.49 -10.36 7.40
O2P G3H M . -16.15 -12.02 6.02
O3P G3H M . -14.94 -9.94 5.02
O4P G3H M . -13.76 -11.62 6.59
P G3H M . -15.05 -10.96 6.16
C1 EDO N . -4.33 8.57 29.31
O1 EDO N . -3.96 7.50 28.42
C2 EDO N . -3.86 9.87 28.68
O2 EDO N . -2.70 9.62 27.87
C1 EDO O . -5.50 -10.23 28.12
C1 EDO O . -6.36 -9.55 28.90
O1 EDO O . -6.76 -10.09 27.49
O1 EDO O . -7.60 -9.47 28.19
C2 EDO O . -4.86 -11.59 27.96
C2 EDO O . -5.30 -9.97 27.90
O2 EDO O . -3.60 -11.60 27.24
O2 EDO O . -4.39 -8.87 27.79
PA NAD P . 1.92 20.21 -2.10
O1A NAD P . 2.62 20.14 -0.82
O2A NAD P . 1.81 19.17 -3.17
O5B NAD P . 2.48 21.52 -2.89
C5B NAD P . 2.94 22.65 -2.17
C4B NAD P . 3.89 23.34 -3.16
O4B NAD P . 4.17 24.64 -2.66
C3B NAD P . 5.21 22.55 -3.25
O3B NAD P . 5.64 22.43 -4.63
C2B NAD P . 6.17 23.35 -2.35
O2B NAD P . 7.49 23.30 -2.82
C1B NAD P . 5.60 24.76 -2.49
N9A NAD P . 5.85 25.71 -1.37
C8A NAD P . 5.82 25.52 -0.03
N7A NAD P . 6.09 26.68 0.64
C5A NAD P . 6.24 27.62 -0.32
C6A NAD P . 6.57 29.07 -0.31
N6A NAD P . 6.70 29.64 0.90
N1A NAD P . 6.67 29.68 -1.52
C2A NAD P . 6.51 29.03 -2.72
N3A NAD P . 6.22 27.67 -2.82
C4A NAD P . 6.08 26.99 -1.65
O3 NAD P . 0.44 20.66 -1.51
PN NAD P . -0.89 20.55 -2.44
O1N NAD P . -1.53 19.18 -2.00
O2N NAD P . -0.69 20.87 -3.84
O5D NAD P . -1.93 21.59 -1.68
C5D NAD P . -1.79 23.01 -2.03
C4D NAD P . -2.94 23.83 -1.43
O4D NAD P . -4.15 23.35 -2.02
C3D NAD P . -3.05 23.71 0.07
O3D NAD P . -3.41 24.98 0.70
C2D NAD P . -4.11 22.58 0.22
O2D NAD P . -4.86 22.64 1.43
C1D NAD P . -4.93 22.79 -1.00
N1N NAD P . -5.66 21.63 -1.58
C2N NAD P . -5.11 20.38 -1.69
C3N NAD P . -5.85 19.28 -2.20
C7N NAD P . -5.25 17.88 -2.29
O7N NAD P . -6.01 16.91 -2.16
N7N NAD P . -3.93 17.72 -2.47
C4N NAD P . -7.16 19.52 -2.62
C5N NAD P . -7.70 20.79 -2.51
C6N NAD P . -6.92 21.84 -1.99
O1 G3H Q . -4.52 19.85 7.53
C1 G3H Q . -4.86 20.44 6.52
C2 G3H Q . -5.58 19.67 5.46
O2 G3H Q . -6.89 19.31 5.97
C3 G3H Q . -4.66 18.49 4.99
O1P G3H Q . -4.55 18.15 3.53
O2P G3H Q . -6.39 18.91 1.88
O3P G3H Q . -4.08 18.82 1.04
O4P G3H Q . -4.47 20.49 2.88
P G3H Q . -4.87 19.11 2.30
C1 EDO R . -15.36 19.59 -19.24
O1 EDO R . -15.73 19.26 -17.90
C2 EDO R . -14.61 18.40 -19.75
O2 EDO R . -15.22 17.23 -19.14
#